data_7D0A
#
_entry.id   7D0A
#
_cell.length_a   1.00
_cell.length_b   1.00
_cell.length_c   1.00
_cell.angle_alpha   90.00
_cell.angle_beta   90.00
_cell.angle_gamma   90.00
#
_symmetry.space_group_name_H-M   'P 1'
#
loop_
_entity.id
_entity.type
_entity.pdbx_description
1 polymer 'Intermembrane phospholipid transport system permease protein MlaE'
2 polymer 'ABC transporter ATP-binding protein'
3 polymer 'Anti-sigma factor antagonist'
4 polymer 'MCE family protein'
5 non-polymer "ADENOSINE-5'-DIPHOSPHATE"
6 non-polymer 'VANADATE ION'
#
loop_
_entity_poly.entity_id
_entity_poly.type
_entity_poly.pdbx_seq_one_letter_code
_entity_poly.pdbx_strand_id
1 'polypeptide(L)'
;MNTIAWLGRLVIERIRGIGVAALMLLQIIFSLPSAGGFGRFVYQMHRVGVMSLLIITVSGLFIGLVLGLQGYSILVNVGS
ESMLGTMVSLTLLRELAPVVAALLFAGRAGSALTAEIGSMKQSEQLASMEMIGVDPLKQIVSPRLWAGIVSLPMLTVIFA
AIGIVGGKLVGVDFLGVDEGSFWSGMQNNVQFGHDVVNGIIKSIVFALLCTWIAVFQGYACDPTPEGIATAMTRTVVYSS
LCVLGFDFVLTAVMFGGI
;
A,D
2 'polypeptide(L)'
;MMNNKTPLSTQSLIEVKNLSFNRGERVIYDNISLNIRRGQITAIMGPSGTGKTTLLRLIGGQLVPDQGEVLLDGKDIAQM
SRQELFAARARMGMLFQSGALFTDMSVYENVAFPIRAHTKLSENLIAELVALKLESVGLRGTEQLMPTELSGGMNRRVAL
ARAIALDPDLIMYDEPFAGQDPIVKGVLTRLIRSLREALDLTTIIVSHDVPETLSIADYIYVVAEGKIQGEGTPEELQAY
ASPFVKQFLTGSAEGPVEYQFSHQAYLDNEVRP
;
B,E
3 'polypeptide(L)'
;VVQYLNQELVVSGKIDFENAEQQYQAGLAIIKKQTSFPLIVDLKQLEHGNTLALAVLVQWLRQTPQKSGLHFKNVPEKML
KIIQACHLQEDLHLVLEHHHHHH
;
C,F
4 'polypeptide(L)'
;MKSRTSELAVGIFVIIFGIALFFLAMKVSGLVGTNLSDGYTMKAQFDNVNGLKPRAKVTMSGVTIGRVDSITLDPVTRLA
TVTFDLDGKLTSFNAEQLKEVQKNALDELRYSSDYTQATPAQQKTMEQQLISNMNSITSIDEDAYIMVATNGLLGEKYLK
IVPGGGLNYLKRGDTISNTQGTMDLEDLISKFITGGGAGKVAAGSSSAEEKAPASTDSSAQPSFVE
;
G,H,I,J,K,L
#
loop_
_chem_comp.id
_chem_comp.type
_chem_comp.name
_chem_comp.formula
ADP non-polymer ADENOSINE-5'-DIPHOSPHATE 'C10 H15 N5 O10 P2'
VO4 non-polymer 'VANADATE ION' 'O4 V -3'
#
# COMPACT_ATOMS: atom_id res chain seq x y z
N MET A 1 2.23 -19.85 -34.03
CA MET A 1 1.24 -18.88 -34.46
C MET A 1 0.00 -18.96 -33.56
N ASN A 2 -0.26 -20.15 -33.02
CA ASN A 2 -1.48 -20.37 -32.24
C ASN A 2 -1.42 -19.75 -30.86
N THR A 3 -0.24 -19.31 -30.41
CA THR A 3 -0.15 -18.66 -29.10
C THR A 3 -0.76 -17.27 -29.13
N ILE A 4 -0.58 -16.54 -30.23
CA ILE A 4 -1.11 -15.18 -30.32
C ILE A 4 -2.62 -15.16 -30.52
N ALA A 5 -3.23 -16.28 -30.88
CA ALA A 5 -4.68 -16.39 -30.82
C ALA A 5 -5.12 -17.15 -29.57
N TRP A 6 -4.18 -17.79 -28.87
CA TRP A 6 -4.46 -18.20 -27.51
C TRP A 6 -4.34 -17.03 -26.55
N LEU A 7 -3.32 -16.20 -26.74
CA LEU A 7 -3.29 -14.91 -26.05
C LEU A 7 -4.30 -13.96 -26.65
N GLY A 8 -4.59 -14.12 -27.95
CA GLY A 8 -5.79 -13.55 -28.50
C GLY A 8 -7.04 -14.20 -27.93
N ARG A 9 -8.17 -13.52 -28.02
CA ARG A 9 -9.41 -14.06 -27.47
C ARG A 9 -9.41 -14.30 -25.94
N LEU A 10 -8.34 -13.96 -25.24
CA LEU A 10 -8.28 -14.16 -23.80
C LEU A 10 -9.04 -13.06 -23.07
N VAL A 11 -9.13 -11.89 -23.69
CA VAL A 11 -10.05 -10.86 -23.23
C VAL A 11 -11.50 -11.29 -23.33
N ILE A 12 -11.85 -12.14 -24.30
CA ILE A 12 -13.26 -12.34 -24.63
C ILE A 12 -13.96 -13.17 -23.57
N GLU A 13 -13.37 -14.31 -23.18
CA GLU A 13 -13.93 -15.02 -22.03
C GLU A 13 -13.68 -14.28 -20.73
N ARG A 14 -12.74 -13.35 -20.72
CA ARG A 14 -12.65 -12.47 -19.56
C ARG A 14 -13.72 -11.40 -19.61
N ILE A 15 -14.00 -10.81 -20.77
CA ILE A 15 -15.05 -9.80 -20.82
C ILE A 15 -16.43 -10.46 -20.78
N ARG A 16 -16.52 -11.71 -21.22
CA ARG A 16 -17.76 -12.44 -21.01
C ARG A 16 -17.86 -12.88 -19.55
N GLY A 17 -16.73 -13.18 -18.93
CA GLY A 17 -16.72 -13.43 -17.50
C GLY A 17 -17.07 -12.21 -16.68
N ILE A 18 -16.59 -11.03 -17.09
CA ILE A 18 -16.96 -9.80 -16.40
C ILE A 18 -18.42 -9.47 -16.64
N GLY A 19 -18.92 -9.75 -17.85
CA GLY A 19 -20.33 -9.55 -18.13
C GLY A 19 -21.23 -10.47 -17.35
N VAL A 20 -20.72 -11.63 -16.93
CA VAL A 20 -21.49 -12.50 -16.05
C VAL A 20 -21.61 -11.88 -14.67
N ALA A 21 -20.50 -11.33 -14.16
CA ALA A 21 -20.47 -10.78 -12.81
C ALA A 21 -21.36 -9.57 -12.63
N ALA A 22 -21.61 -8.83 -13.71
CA ALA A 22 -22.63 -7.80 -13.66
C ALA A 22 -24.02 -8.41 -13.52
N LEU A 23 -24.29 -9.45 -14.33
CA LEU A 23 -25.58 -10.14 -14.26
C LEU A 23 -25.79 -10.85 -12.95
N MET A 24 -24.71 -11.23 -12.27
CA MET A 24 -24.87 -11.73 -10.92
C MET A 24 -25.24 -10.62 -9.97
N LEU A 25 -24.66 -9.42 -10.17
CA LEU A 25 -24.71 -8.38 -9.15
C LEU A 25 -26.11 -7.81 -9.00
N LEU A 26 -26.87 -7.70 -10.08
CA LEU A 26 -28.26 -7.29 -9.96
C LEU A 26 -29.09 -8.32 -9.24
N GLN A 27 -28.77 -9.59 -9.42
CA GLN A 27 -29.58 -10.66 -8.86
C GLN A 27 -29.38 -10.82 -7.37
N ILE A 28 -28.35 -10.20 -6.80
CA ILE A 28 -28.15 -10.23 -5.36
C ILE A 28 -28.90 -9.09 -4.68
N ILE A 29 -28.81 -7.89 -5.24
CA ILE A 29 -29.38 -6.73 -4.56
C ILE A 29 -30.84 -6.51 -4.87
N PHE A 30 -31.35 -7.00 -5.99
CA PHE A 30 -32.73 -6.76 -6.37
C PHE A 30 -33.60 -7.90 -5.88
N SER A 31 -33.60 -8.11 -4.57
CA SER A 31 -34.49 -9.04 -3.88
C SER A 31 -34.46 -8.68 -2.41
N LEU A 32 -35.58 -8.84 -1.70
CA LEU A 32 -35.60 -8.45 -0.30
C LEU A 32 -35.14 -9.62 0.55
N PRO A 33 -34.08 -9.45 1.35
CA PRO A 33 -33.61 -10.55 2.20
C PRO A 33 -34.62 -10.88 3.29
N SER A 34 -34.60 -12.13 3.72
CA SER A 34 -35.58 -12.67 4.65
C SER A 34 -35.10 -12.47 6.07
N ALA A 35 -35.84 -13.07 7.01
CA ALA A 35 -35.39 -13.17 8.39
C ALA A 35 -34.18 -14.09 8.47
N GLY A 36 -33.33 -13.88 9.46
CA GLY A 36 -32.08 -14.61 9.55
C GLY A 36 -30.97 -14.02 8.73
N GLY A 37 -31.25 -13.05 7.87
CA GLY A 37 -30.19 -12.40 7.14
C GLY A 37 -29.34 -11.48 7.97
N PHE A 38 -29.95 -10.76 8.91
CA PHE A 38 -29.20 -9.83 9.74
C PHE A 38 -28.29 -10.56 10.71
N GLY A 39 -28.64 -11.77 11.10
CA GLY A 39 -27.82 -12.50 12.06
C GLY A 39 -26.51 -12.95 11.45
N ARG A 40 -26.53 -13.35 10.18
CA ARG A 40 -25.29 -13.66 9.48
C ARG A 40 -24.58 -12.37 9.09
N PHE A 41 -25.34 -11.29 8.89
CA PHE A 41 -24.79 -10.00 8.52
C PHE A 41 -23.93 -9.43 9.63
N VAL A 42 -24.35 -9.63 10.88
CA VAL A 42 -23.55 -9.23 12.02
C VAL A 42 -22.29 -10.07 12.10
N TYR A 43 -22.42 -11.37 11.84
CA TYR A 43 -21.25 -12.24 11.93
C TYR A 43 -20.26 -11.96 10.81
N GLN A 44 -20.74 -11.43 9.70
CA GLN A 44 -19.79 -11.07 8.65
C GLN A 44 -19.00 -9.83 9.02
N MET A 45 -19.63 -8.90 9.74
CA MET A 45 -18.95 -7.74 10.31
C MET A 45 -17.94 -8.23 11.32
N HIS A 46 -18.33 -9.25 12.07
CA HIS A 46 -17.45 -9.87 13.04
C HIS A 46 -16.32 -10.55 12.27
N ARG A 47 -16.64 -11.06 11.08
CA ARG A 47 -15.62 -11.71 10.26
C ARG A 47 -14.76 -10.72 9.49
N VAL A 48 -15.39 -9.78 8.79
CA VAL A 48 -14.63 -8.90 7.91
C VAL A 48 -14.08 -7.72 8.68
N GLY A 49 -14.97 -6.90 9.24
CA GLY A 49 -14.56 -5.64 9.82
C GLY A 49 -13.77 -5.71 11.11
N VAL A 50 -14.33 -6.39 12.11
CA VAL A 50 -13.74 -6.41 13.45
C VAL A 50 -12.40 -7.10 13.42
N MET A 51 -12.25 -8.10 12.55
CA MET A 51 -10.96 -8.74 12.40
C MET A 51 -9.99 -7.82 11.64
N SER A 52 -10.51 -6.94 10.79
CA SER A 52 -9.62 -6.08 10.02
C SER A 52 -9.14 -4.86 10.80
N LEU A 53 -9.66 -4.66 12.00
CA LEU A 53 -9.48 -3.42 12.74
C LEU A 53 -8.06 -3.28 13.26
N LEU A 54 -7.44 -4.41 13.65
CA LEU A 54 -6.15 -4.38 14.33
C LEU A 54 -5.01 -4.01 13.39
N ILE A 55 -5.27 -4.04 12.09
CA ILE A 55 -4.20 -3.82 11.12
C ILE A 55 -4.05 -2.34 10.83
N ILE A 56 -5.17 -1.68 10.53
CA ILE A 56 -5.12 -0.37 9.92
C ILE A 56 -4.77 0.71 10.94
N THR A 57 -4.81 0.37 12.23
CA THR A 57 -4.29 1.30 13.22
C THR A 57 -2.78 1.42 13.11
N VAL A 58 -2.09 0.30 12.94
CA VAL A 58 -0.63 0.28 12.94
C VAL A 58 -0.11 0.94 11.68
N SER A 59 -0.70 0.61 10.53
CA SER A 59 -0.32 1.31 9.31
C SER A 59 -0.92 2.71 9.28
N GLY A 60 -1.92 2.97 10.11
CA GLY A 60 -2.37 4.34 10.28
C GLY A 60 -1.41 5.15 11.11
N LEU A 61 -0.87 4.54 12.16
CA LEU A 61 0.09 5.22 13.01
C LEU A 61 1.39 5.49 12.27
N PHE A 62 1.70 4.63 11.30
CA PHE A 62 3.00 4.70 10.65
C PHE A 62 3.12 5.90 9.73
N ILE A 63 2.15 6.06 8.81
CA ILE A 63 2.35 6.94 7.66
C ILE A 63 2.34 8.41 8.08
N GLY A 64 1.65 8.73 9.16
CA GLY A 64 1.69 10.08 9.69
C GLY A 64 3.02 10.35 10.36
N LEU A 65 3.61 9.32 10.98
CA LEU A 65 4.91 9.47 11.60
C LEU A 65 5.98 9.73 10.57
N VAL A 66 5.76 9.28 9.33
CA VAL A 66 6.73 9.47 8.29
C VAL A 66 6.51 10.79 7.55
N LEU A 67 5.26 11.12 7.22
CA LEU A 67 5.00 12.23 6.32
C LEU A 67 5.25 13.57 6.99
N GLY A 68 5.09 13.63 8.31
CA GLY A 68 5.41 14.85 9.02
C GLY A 68 6.84 14.88 9.51
N LEU A 69 7.60 13.84 9.19
CA LEU A 69 8.99 13.73 9.63
C LEU A 69 9.96 14.35 8.65
N GLN A 70 9.65 14.28 7.36
CA GLN A 70 10.66 14.51 6.36
C GLN A 70 10.41 15.77 5.53
N GLY A 71 9.15 16.09 5.26
CA GLY A 71 8.86 17.30 4.51
C GLY A 71 9.14 18.55 5.28
N TYR A 72 8.96 18.50 6.61
CA TYR A 72 9.19 19.65 7.47
C TYR A 72 10.65 20.07 7.46
N SER A 73 11.57 19.09 7.47
CA SER A 73 12.99 19.38 7.59
C SER A 73 13.51 20.12 6.38
N ILE A 74 12.83 20.01 5.25
CA ILE A 74 13.13 20.85 4.10
C ILE A 74 12.30 22.12 4.14
N LEU A 75 11.10 22.04 4.73
CA LEU A 75 10.20 23.20 4.78
C LEU A 75 10.59 24.19 5.86
N VAL A 76 11.24 23.74 6.93
CA VAL A 76 11.63 24.62 8.03
C VAL A 76 12.65 25.66 7.61
N ASN A 77 13.37 25.40 6.52
CA ASN A 77 14.44 26.29 6.09
C ASN A 77 13.96 27.62 5.57
N VAL A 78 12.70 27.75 5.17
CA VAL A 78 12.28 29.07 4.70
C VAL A 78 11.51 29.84 5.77
N GLY A 79 10.26 29.46 6.04
CA GLY A 79 9.52 30.10 7.11
C GLY A 79 8.42 29.28 7.73
N SER A 80 8.29 28.02 7.34
CA SER A 80 7.04 27.31 7.57
C SER A 80 7.27 26.03 8.37
N GLU A 81 6.84 26.07 9.61
CA GLU A 81 6.61 24.89 10.41
C GLU A 81 5.15 24.84 10.85
N SER A 82 4.41 25.89 10.53
CA SER A 82 3.00 25.99 10.87
C SER A 82 2.11 25.35 9.82
N MET A 83 2.60 25.16 8.61
CA MET A 83 1.87 24.45 7.58
C MET A 83 2.14 22.96 7.62
N LEU A 84 2.75 22.47 8.69
CA LEU A 84 2.93 21.04 8.87
C LEU A 84 1.59 20.34 9.05
N GLY A 85 0.68 20.96 9.79
CA GLY A 85 -0.62 20.35 10.04
C GLY A 85 -1.50 20.32 8.81
N THR A 86 -1.25 21.20 7.85
CA THR A 86 -2.07 21.19 6.64
C THR A 86 -1.64 20.09 5.70
N MET A 87 -0.34 19.95 5.45
CA MET A 87 0.13 18.98 4.47
C MET A 87 -0.08 17.54 4.92
N VAL A 88 -0.08 17.29 6.22
CA VAL A 88 -0.39 15.95 6.70
C VAL A 88 -1.88 15.65 6.52
N SER A 89 -2.72 16.67 6.77
CA SER A 89 -4.15 16.42 6.68
C SER A 89 -4.62 16.29 5.24
N LEU A 90 -4.26 17.24 4.39
CA LEU A 90 -4.83 17.28 3.05
C LEU A 90 -4.23 16.24 2.11
N THR A 91 -3.15 15.57 2.47
CA THR A 91 -2.78 14.44 1.64
C THR A 91 -3.31 13.12 2.17
N LEU A 92 -3.49 12.99 3.48
CA LEU A 92 -4.17 11.80 3.96
C LEU A 92 -5.64 11.82 3.56
N LEU A 93 -6.33 12.94 3.79
CA LEU A 93 -7.77 12.97 3.60
C LEU A 93 -8.24 12.92 2.16
N ARG A 94 -7.62 13.67 1.25
CA ARG A 94 -8.17 13.62 -0.09
C ARG A 94 -7.37 12.69 -0.99
N GLU A 95 -6.27 12.13 -0.50
CA GLU A 95 -5.49 11.30 -1.42
C GLU A 95 -5.20 9.88 -0.97
N LEU A 96 -4.79 9.66 0.29
CA LEU A 96 -4.29 8.35 0.65
C LEU A 96 -5.30 7.51 1.39
N ALA A 97 -6.05 8.10 2.31
CA ALA A 97 -7.08 7.36 3.03
C ALA A 97 -8.19 6.78 2.16
N PRO A 98 -8.46 7.28 0.95
CA PRO A 98 -9.18 6.41 0.02
C PRO A 98 -8.33 5.28 -0.53
N VAL A 99 -7.12 5.56 -0.99
CA VAL A 99 -6.35 4.59 -1.75
C VAL A 99 -5.69 3.56 -0.86
N VAL A 100 -4.91 3.99 0.15
CA VAL A 100 -4.10 3.00 0.85
C VAL A 100 -4.94 2.25 1.86
N ALA A 101 -6.15 2.72 2.15
CA ALA A 101 -7.02 1.94 3.01
C ALA A 101 -7.55 0.70 2.33
N ALA A 102 -7.79 0.78 1.02
CA ALA A 102 -8.34 -0.36 0.31
C ALA A 102 -7.30 -1.43 0.05
N LEU A 103 -6.06 -1.04 -0.24
CA LEU A 103 -5.03 -2.00 -0.57
C LEU A 103 -4.60 -2.82 0.63
N LEU A 104 -4.83 -2.32 1.84
CA LEU A 104 -4.74 -3.20 2.99
C LEU A 104 -6.02 -4.00 3.20
N PHE A 105 -7.15 -3.47 2.75
CA PHE A 105 -8.40 -4.20 2.90
C PHE A 105 -8.55 -5.26 1.82
N ALA A 106 -8.10 -4.97 0.61
CA ALA A 106 -8.07 -5.97 -0.45
C ALA A 106 -7.06 -7.05 -0.13
N GLY A 107 -6.07 -6.71 0.68
CA GLY A 107 -5.14 -7.70 1.18
C GLY A 107 -5.77 -8.69 2.13
N ARG A 108 -6.34 -8.21 3.23
CA ARG A 108 -6.88 -9.14 4.20
C ARG A 108 -8.21 -9.69 3.73
N ALA A 109 -9.22 -8.84 3.67
CA ALA A 109 -10.57 -9.34 3.49
C ALA A 109 -10.92 -9.44 2.02
N GLY A 110 -10.09 -8.86 1.15
CA GLY A 110 -10.27 -9.10 -0.27
C GLY A 110 -9.87 -10.50 -0.66
N SER A 111 -9.12 -11.18 0.21
CA SER A 111 -8.80 -12.59 0.00
C SER A 111 -9.80 -13.49 0.70
N ALA A 112 -10.12 -13.17 1.95
CA ALA A 112 -10.90 -14.09 2.78
C ALA A 112 -12.37 -14.12 2.38
N LEU A 113 -12.77 -13.32 1.41
CA LEU A 113 -14.06 -13.52 0.78
C LEU A 113 -13.94 -14.50 -0.38
N THR A 114 -12.76 -14.61 -0.97
CA THR A 114 -12.58 -15.55 -2.05
C THR A 114 -12.32 -16.95 -1.53
N ALA A 115 -11.35 -17.10 -0.62
CA ALA A 115 -10.94 -18.42 -0.17
C ALA A 115 -12.00 -19.06 0.72
N GLU A 116 -12.85 -18.25 1.35
CA GLU A 116 -14.00 -18.82 2.07
C GLU A 116 -15.04 -19.31 1.08
N ILE A 117 -15.05 -18.74 -0.12
CA ILE A 117 -15.95 -19.27 -1.12
C ILE A 117 -15.20 -20.21 -2.05
N GLY A 118 -13.87 -20.09 -2.09
CA GLY A 118 -13.06 -21.16 -2.68
C GLY A 118 -12.98 -22.39 -1.79
N SER A 119 -13.32 -22.23 -0.51
CA SER A 119 -13.65 -23.35 0.35
C SER A 119 -14.81 -24.17 -0.17
N MET A 120 -15.97 -23.54 -0.34
CA MET A 120 -17.18 -24.31 -0.57
C MET A 120 -17.29 -24.82 -2.00
N LYS A 121 -16.31 -24.49 -2.85
CA LYS A 121 -16.32 -24.97 -4.22
C LYS A 121 -15.55 -26.27 -4.38
N GLN A 122 -14.53 -26.50 -3.55
CA GLN A 122 -13.68 -27.66 -3.78
C GLN A 122 -14.27 -28.91 -3.18
N SER A 123 -14.87 -28.82 -2.01
CA SER A 123 -15.52 -29.97 -1.41
C SER A 123 -16.99 -30.07 -1.76
N GLU A 124 -17.42 -29.40 -2.83
CA GLU A 124 -18.82 -29.27 -3.26
C GLU A 124 -19.73 -28.78 -2.15
N GLN A 125 -19.17 -27.93 -1.28
CA GLN A 125 -19.92 -27.33 -0.21
C GLN A 125 -20.98 -26.50 -0.89
N LEU A 126 -20.59 -25.79 -1.96
CA LEU A 126 -21.55 -25.01 -2.70
C LEU A 126 -22.64 -25.88 -3.26
N ALA A 127 -22.26 -27.00 -3.91
CA ALA A 127 -23.21 -27.75 -4.71
C ALA A 127 -24.24 -28.46 -3.84
N SER A 128 -23.83 -28.89 -2.67
CA SER A 128 -24.72 -29.49 -1.69
C SER A 128 -25.77 -28.51 -1.21
N MET A 129 -25.39 -27.24 -1.11
CA MET A 129 -26.31 -26.20 -0.66
C MET A 129 -27.45 -26.02 -1.66
N GLU A 130 -27.13 -26.04 -2.95
CA GLU A 130 -28.16 -25.94 -3.96
C GLU A 130 -29.00 -27.21 -3.96
N MET A 131 -28.35 -28.33 -3.66
CA MET A 131 -29.03 -29.62 -3.80
C MET A 131 -30.03 -29.84 -2.68
N ILE A 132 -29.67 -29.48 -1.45
CA ILE A 132 -30.60 -29.41 -0.33
C ILE A 132 -31.63 -28.35 -0.66
N GLY A 133 -31.16 -27.27 -1.25
CA GLY A 133 -32.02 -26.21 -1.68
C GLY A 133 -31.91 -25.06 -0.72
N VAL A 134 -31.00 -24.16 -1.05
CA VAL A 134 -31.03 -22.75 -0.69
C VAL A 134 -30.61 -22.06 -1.96
N ASP A 135 -30.45 -20.77 -1.93
CA ASP A 135 -29.64 -20.20 -2.99
C ASP A 135 -28.50 -19.45 -2.34
N PRO A 136 -27.26 -19.84 -2.62
CA PRO A 136 -26.11 -19.20 -1.97
C PRO A 136 -25.95 -17.74 -2.34
N LEU A 137 -26.53 -17.33 -3.47
CA LEU A 137 -26.58 -15.91 -3.80
C LEU A 137 -27.46 -15.16 -2.81
N LYS A 138 -28.41 -15.83 -2.18
CA LYS A 138 -29.08 -15.22 -1.05
C LYS A 138 -28.39 -15.59 0.25
N GLN A 139 -27.80 -16.77 0.32
CA GLN A 139 -27.37 -17.29 1.61
C GLN A 139 -25.98 -16.86 2.01
N ILE A 140 -24.99 -17.11 1.17
CA ILE A 140 -23.59 -16.95 1.53
C ILE A 140 -22.95 -15.81 0.75
N VAL A 141 -23.68 -15.21 -0.19
CA VAL A 141 -23.15 -14.08 -0.93
C VAL A 141 -23.67 -12.76 -0.37
N SER A 142 -24.99 -12.62 -0.29
CA SER A 142 -25.57 -11.34 0.12
C SER A 142 -25.22 -10.88 1.53
N PRO A 143 -25.10 -11.72 2.57
CA PRO A 143 -24.57 -11.18 3.82
C PRO A 143 -23.08 -10.94 3.78
N ARG A 144 -22.38 -11.52 2.81
CA ARG A 144 -20.97 -11.22 2.66
C ARG A 144 -20.75 -9.90 1.96
N LEU A 145 -21.55 -9.62 0.93
CA LEU A 145 -21.41 -8.40 0.14
C LEU A 145 -21.85 -7.18 0.93
N TRP A 146 -22.88 -7.33 1.75
CA TRP A 146 -23.41 -6.17 2.45
C TRP A 146 -22.54 -5.78 3.63
N ALA A 147 -21.72 -6.71 4.12
CA ALA A 147 -20.75 -6.34 5.13
C ALA A 147 -19.56 -5.65 4.50
N GLY A 148 -19.20 -6.06 3.30
CA GLY A 148 -18.06 -5.51 2.61
C GLY A 148 -18.27 -4.07 2.19
N ILE A 149 -19.50 -3.71 1.89
CA ILE A 149 -19.83 -2.34 1.51
C ILE A 149 -19.72 -1.45 2.74
N VAL A 150 -20.32 -1.89 3.83
CA VAL A 150 -20.45 -1.08 5.04
C VAL A 150 -19.11 -0.90 5.73
N SER A 151 -18.35 -1.98 5.86
CA SER A 151 -17.22 -1.97 6.79
C SER A 151 -16.03 -1.21 6.28
N LEU A 152 -15.98 -0.89 4.99
CA LEU A 152 -14.77 -0.17 4.60
C LEU A 152 -14.82 1.33 4.91
N PRO A 153 -15.91 2.08 4.68
CA PRO A 153 -15.90 3.46 5.18
C PRO A 153 -15.96 3.56 6.69
N MET A 154 -16.23 2.42 7.34
CA MET A 154 -16.21 2.35 8.78
C MET A 154 -14.76 2.18 9.25
N LEU A 155 -13.85 1.87 8.33
CA LEU A 155 -12.44 1.70 8.71
C LEU A 155 -11.58 2.87 8.24
N THR A 156 -11.84 3.40 7.04
CA THR A 156 -10.91 4.37 6.46
C THR A 156 -10.99 5.71 7.17
N VAL A 157 -12.10 5.97 7.85
CA VAL A 157 -12.14 7.09 8.77
C VAL A 157 -11.32 6.77 10.00
N ILE A 158 -11.50 5.56 10.51
CA ILE A 158 -10.76 5.11 11.67
C ILE A 158 -9.27 5.14 11.35
N PHE A 159 -8.93 4.78 10.11
CA PHE A 159 -7.54 4.79 9.67
C PHE A 159 -6.96 6.20 9.74
N ALA A 160 -7.62 7.18 9.11
CA ALA A 160 -7.03 8.50 8.98
C ALA A 160 -7.10 9.28 10.29
N ALA A 161 -7.94 8.86 11.22
CA ALA A 161 -8.02 9.52 12.51
C ALA A 161 -6.74 9.25 13.31
N ILE A 162 -6.30 8.00 13.33
CA ILE A 162 -5.01 7.69 13.93
C ILE A 162 -3.90 8.14 13.02
N GLY A 163 -4.20 8.28 11.72
CA GLY A 163 -3.22 8.79 10.78
C GLY A 163 -2.79 10.21 11.08
N ILE A 164 -3.74 11.06 11.45
CA ILE A 164 -3.39 12.44 11.81
C ILE A 164 -2.85 12.48 13.23
N VAL A 165 -3.47 11.72 14.14
CA VAL A 165 -3.06 11.73 15.54
C VAL A 165 -1.70 11.08 15.71
N GLY A 166 -1.30 10.26 14.73
CA GLY A 166 0.06 9.74 14.74
C GLY A 166 1.09 10.83 14.48
N GLY A 167 0.84 11.69 13.50
CA GLY A 167 1.79 12.72 13.14
C GLY A 167 1.89 13.82 14.17
N LYS A 168 0.89 13.94 15.03
CA LYS A 168 0.98 14.83 16.17
C LYS A 168 2.03 14.32 17.16
N LEU A 169 2.15 13.01 17.28
CA LEU A 169 3.05 12.43 18.27
C LEU A 169 4.51 12.66 17.88
N VAL A 170 4.80 12.77 16.60
CA VAL A 170 6.20 13.05 16.25
C VAL A 170 6.46 14.54 16.37
N GLY A 171 5.42 15.36 16.17
CA GLY A 171 5.62 16.79 16.10
C GLY A 171 5.79 17.44 17.46
N VAL A 172 4.79 17.30 18.31
CA VAL A 172 4.79 18.07 19.54
C VAL A 172 5.59 17.34 20.61
N ASP A 173 5.74 16.02 20.48
CA ASP A 173 6.46 15.29 21.50
C ASP A 173 7.92 15.05 21.15
N PHE A 174 8.31 15.29 19.92
CA PHE A 174 9.73 15.12 19.60
C PHE A 174 10.31 16.28 18.82
N LEU A 175 9.55 16.90 17.92
CA LEU A 175 10.08 18.03 17.18
C LEU A 175 9.76 19.36 17.84
N GLY A 176 9.01 19.35 18.93
CA GLY A 176 8.73 20.54 19.70
C GLY A 176 7.89 21.59 18.99
N VAL A 177 7.02 21.19 18.09
CA VAL A 177 6.23 22.15 17.32
C VAL A 177 5.11 22.74 18.19
N ASP A 178 4.73 23.98 17.90
CA ASP A 178 3.64 24.66 18.58
C ASP A 178 2.31 23.97 18.32
N GLU A 179 1.56 23.72 19.38
CA GLU A 179 0.28 23.02 19.29
C GLU A 179 -0.79 23.88 18.63
N GLY A 180 -0.82 25.18 18.95
CA GLY A 180 -1.87 26.03 18.42
C GLY A 180 -1.76 26.26 16.93
N SER A 181 -0.55 26.48 16.44
CA SER A 181 -0.33 26.62 15.02
C SER A 181 -0.51 25.32 14.27
N PHE A 182 -0.35 24.20 14.98
CA PHE A 182 -0.58 22.89 14.39
C PHE A 182 -2.04 22.71 14.00
N TRP A 183 -2.95 22.83 14.97
CA TRP A 183 -4.37 22.56 14.70
C TRP A 183 -5.01 23.67 13.89
N SER A 184 -4.72 24.93 14.22
CA SER A 184 -5.32 26.04 13.48
C SER A 184 -4.73 26.19 12.08
N GLY A 185 -3.61 25.51 11.81
CA GLY A 185 -3.23 25.29 10.43
C GLY A 185 -4.23 24.45 9.69
N MET A 186 -4.80 23.44 10.36
CA MET A 186 -5.76 22.58 9.70
C MET A 186 -7.13 23.24 9.58
N GLN A 187 -7.59 23.89 10.64
CA GLN A 187 -8.96 24.37 10.73
C GLN A 187 -9.27 25.46 9.73
N ASN A 188 -8.24 26.13 9.21
CA ASN A 188 -8.45 27.14 8.19
C ASN A 188 -8.46 26.55 6.79
N ASN A 189 -7.75 25.44 6.60
CA ASN A 189 -7.52 24.92 5.26
C ASN A 189 -8.32 23.68 4.94
N VAL A 190 -8.82 22.96 5.94
CA VAL A 190 -9.53 21.71 5.74
C VAL A 190 -11.00 21.96 6.06
N GLN A 191 -11.80 22.18 5.02
CA GLN A 191 -13.22 22.27 5.26
C GLN A 191 -13.78 20.87 5.43
N PHE A 192 -14.98 20.79 6.00
CA PHE A 192 -15.57 19.48 6.24
C PHE A 192 -16.28 18.95 5.00
N GLY A 193 -17.11 19.80 4.38
CA GLY A 193 -17.99 19.31 3.33
C GLY A 193 -17.27 19.07 2.02
N HIS A 194 -16.03 19.54 1.91
CA HIS A 194 -15.33 19.36 0.65
C HIS A 194 -14.21 18.33 0.75
N ASP A 195 -13.72 18.04 1.95
CA ASP A 195 -12.63 17.10 2.08
C ASP A 195 -13.03 15.80 2.76
N VAL A 196 -13.57 15.87 3.97
CA VAL A 196 -13.85 14.65 4.72
C VAL A 196 -15.08 13.95 4.17
N VAL A 197 -16.08 14.72 3.75
CA VAL A 197 -17.23 14.12 3.08
C VAL A 197 -16.82 13.57 1.72
N ASN A 198 -16.02 14.30 0.97
CA ASN A 198 -15.61 13.77 -0.32
C ASN A 198 -14.43 12.82 -0.21
N GLY A 199 -13.92 12.59 1.01
CA GLY A 199 -13.06 11.44 1.23
C GLY A 199 -13.83 10.18 1.49
N ILE A 200 -15.12 10.31 1.84
CA ILE A 200 -15.99 9.16 1.99
C ILE A 200 -16.53 8.68 0.67
N ILE A 201 -16.98 9.61 -0.18
CA ILE A 201 -17.56 9.26 -1.47
C ILE A 201 -16.52 8.61 -2.37
N LYS A 202 -15.24 8.87 -2.14
CA LYS A 202 -14.21 8.05 -2.76
C LYS A 202 -14.19 6.65 -2.16
N SER A 203 -14.36 6.55 -0.85
CA SER A 203 -14.20 5.27 -0.20
C SER A 203 -15.39 4.34 -0.35
N ILE A 204 -16.51 4.82 -0.86
CA ILE A 204 -17.61 3.90 -1.11
C ILE A 204 -17.39 3.14 -2.40
N VAL A 205 -17.09 3.84 -3.49
CA VAL A 205 -16.84 3.15 -4.75
C VAL A 205 -15.49 2.47 -4.75
N PHE A 206 -14.64 2.77 -3.76
CA PHE A 206 -13.47 1.93 -3.56
C PHE A 206 -13.82 0.69 -2.76
N ALA A 207 -14.97 0.70 -2.09
CA ALA A 207 -15.37 -0.48 -1.35
C ALA A 207 -16.21 -1.41 -2.18
N LEU A 208 -16.96 -0.87 -3.13
CA LEU A 208 -17.84 -1.72 -3.92
C LEU A 208 -17.05 -2.54 -4.93
N LEU A 209 -16.12 -1.91 -5.64
CA LEU A 209 -15.36 -2.63 -6.67
C LEU A 209 -14.35 -3.57 -6.04
N CYS A 210 -13.97 -3.30 -4.79
CA CYS A 210 -13.04 -4.20 -4.14
C CYS A 210 -13.72 -5.44 -3.60
N THR A 211 -14.96 -5.31 -3.14
CA THR A 211 -15.61 -6.44 -2.50
C THR A 211 -16.49 -7.23 -3.45
N TRP A 212 -17.00 -6.61 -4.51
CA TRP A 212 -17.82 -7.36 -5.44
C TRP A 212 -16.97 -8.29 -6.30
N ILE A 213 -15.76 -7.87 -6.65
CA ILE A 213 -14.85 -8.74 -7.37
C ILE A 213 -14.42 -9.90 -6.48
N ALA A 214 -14.18 -9.62 -5.20
CA ALA A 214 -13.69 -10.67 -4.29
C ALA A 214 -14.78 -11.66 -3.92
N VAL A 215 -16.03 -11.34 -4.20
CA VAL A 215 -17.08 -12.33 -4.03
C VAL A 215 -17.23 -13.16 -5.29
N PHE A 216 -17.26 -12.50 -6.45
CA PHE A 216 -17.50 -13.20 -7.69
C PHE A 216 -16.34 -14.12 -8.06
N GLN A 217 -15.11 -13.67 -7.88
CA GLN A 217 -13.97 -14.47 -8.29
C GLN A 217 -13.74 -15.67 -7.38
N GLY A 218 -14.43 -15.73 -6.24
CA GLY A 218 -14.42 -16.95 -5.45
C GLY A 218 -15.59 -17.85 -5.73
N TYR A 219 -16.63 -17.31 -6.36
CA TYR A 219 -17.81 -18.12 -6.65
C TYR A 219 -17.65 -18.86 -7.96
N ALA A 220 -17.41 -18.14 -9.05
CA ALA A 220 -17.27 -18.78 -10.35
C ALA A 220 -15.81 -19.09 -10.64
N CYS A 221 -15.21 -19.93 -9.80
CA CYS A 221 -13.88 -20.43 -10.07
C CYS A 221 -13.95 -21.95 -10.07
N ASP A 222 -13.06 -22.59 -10.81
CA ASP A 222 -13.04 -24.03 -10.84
C ASP A 222 -12.38 -24.52 -9.55
N PRO A 223 -12.81 -25.67 -9.02
CA PRO A 223 -12.38 -26.04 -7.67
C PRO A 223 -10.94 -26.48 -7.53
N THR A 224 -10.13 -26.39 -8.59
CA THR A 224 -8.74 -26.78 -8.55
C THR A 224 -7.97 -25.92 -7.57
N PRO A 225 -7.30 -26.53 -6.60
CA PRO A 225 -6.60 -25.74 -5.59
C PRO A 225 -5.26 -25.22 -6.06
N GLU A 226 -4.91 -25.39 -7.32
CA GLU A 226 -3.87 -24.56 -7.89
C GLU A 226 -4.49 -23.25 -8.35
N GLY A 227 -5.49 -23.32 -9.23
CA GLY A 227 -6.16 -22.15 -9.75
C GLY A 227 -6.98 -21.35 -8.76
N ILE A 228 -7.06 -21.84 -7.51
CA ILE A 228 -7.66 -21.06 -6.44
C ILE A 228 -6.72 -19.92 -6.05
N ALA A 229 -5.45 -20.02 -6.45
CA ALA A 229 -4.50 -18.95 -6.20
C ALA A 229 -4.36 -18.02 -7.40
N THR A 230 -4.52 -18.56 -8.60
CA THR A 230 -4.58 -17.69 -9.77
C THR A 230 -5.89 -16.90 -9.78
N ALA A 231 -6.96 -17.48 -9.27
CA ALA A 231 -8.16 -16.69 -9.01
C ALA A 231 -7.94 -15.72 -7.86
N MET A 232 -7.00 -16.02 -6.96
CA MET A 232 -6.76 -15.12 -5.84
C MET A 232 -6.12 -13.81 -6.30
N THR A 233 -5.16 -13.88 -7.22
CA THR A 233 -4.53 -12.66 -7.71
C THR A 233 -5.50 -11.80 -8.49
N ARG A 234 -6.39 -12.42 -9.27
CA ARG A 234 -7.34 -11.66 -10.06
C ARG A 234 -8.35 -10.92 -9.19
N THR A 235 -8.50 -11.31 -7.93
CA THR A 235 -9.12 -10.39 -6.99
C THR A 235 -8.24 -9.19 -6.81
N VAL A 236 -7.00 -9.43 -6.38
CA VAL A 236 -6.09 -8.36 -6.01
C VAL A 236 -5.68 -7.53 -7.21
N VAL A 237 -5.49 -8.17 -8.37
CA VAL A 237 -5.01 -7.45 -9.55
C VAL A 237 -6.11 -6.54 -10.07
N TYR A 238 -7.33 -7.08 -10.19
CA TYR A 238 -8.42 -6.28 -10.73
C TYR A 238 -8.94 -5.28 -9.71
N SER A 239 -8.71 -5.53 -8.42
CA SER A 239 -9.02 -4.50 -7.43
C SER A 239 -8.02 -3.36 -7.55
N SER A 240 -6.73 -3.69 -7.49
CA SER A 240 -5.71 -2.66 -7.43
C SER A 240 -5.58 -1.91 -8.74
N LEU A 241 -5.97 -2.52 -9.84
CA LEU A 241 -6.02 -1.76 -11.09
C LEU A 241 -7.21 -0.80 -11.11
N CYS A 242 -8.29 -1.16 -10.42
CA CYS A 242 -9.50 -0.34 -10.51
C CYS A 242 -9.65 0.59 -9.32
N VAL A 243 -9.07 0.23 -8.17
CA VAL A 243 -9.06 1.14 -7.04
C VAL A 243 -8.06 2.25 -7.29
N LEU A 244 -7.10 2.02 -8.18
CA LEU A 244 -6.21 3.08 -8.60
C LEU A 244 -6.69 3.71 -9.89
N GLY A 245 -7.40 2.94 -10.70
CA GLY A 245 -7.89 3.46 -11.96
C GLY A 245 -9.07 4.39 -11.77
N PHE A 246 -9.76 4.27 -10.64
CA PHE A 246 -10.89 5.16 -10.39
C PHE A 246 -10.61 6.17 -9.29
N ASP A 247 -9.36 6.32 -8.88
CA ASP A 247 -8.99 7.53 -8.16
C ASP A 247 -8.88 8.69 -9.13
N PHE A 248 -8.44 8.43 -10.36
CA PHE A 248 -8.07 9.51 -11.26
C PHE A 248 -9.29 10.13 -11.92
N VAL A 249 -10.41 9.41 -11.94
CA VAL A 249 -11.65 10.07 -12.34
C VAL A 249 -12.27 10.76 -11.14
N LEU A 250 -12.07 10.22 -9.94
CA LEU A 250 -12.69 10.81 -8.75
C LEU A 250 -11.94 12.04 -8.27
N THR A 251 -10.64 12.10 -8.50
CA THR A 251 -9.92 13.34 -8.23
C THR A 251 -10.35 14.45 -9.18
N ALA A 252 -10.70 14.10 -10.42
CA ALA A 252 -10.98 15.13 -11.41
C ALA A 252 -12.39 15.68 -11.27
N VAL A 253 -13.32 14.88 -10.78
CA VAL A 253 -14.71 15.35 -10.68
C VAL A 253 -14.87 16.23 -9.44
N MET A 254 -14.14 15.92 -8.39
CA MET A 254 -14.22 16.71 -7.17
C MET A 254 -13.56 18.07 -7.35
N PHE A 255 -12.31 18.09 -7.81
CA PHE A 255 -11.59 19.33 -7.98
C PHE A 255 -10.80 19.28 -9.28
N GLY A 256 -10.16 20.40 -9.61
CA GLY A 256 -9.42 20.50 -10.86
C GLY A 256 -10.32 20.76 -12.05
N THR B 10 -49.04 -47.37 -12.38
CA THR B 10 -47.59 -47.30 -12.39
C THR B 10 -47.11 -45.92 -12.78
N GLN B 11 -47.80 -44.91 -12.24
CA GLN B 11 -47.49 -43.50 -12.50
C GLN B 11 -46.10 -43.19 -11.97
N SER B 12 -45.35 -42.39 -12.73
CA SER B 12 -43.96 -42.10 -12.41
C SER B 12 -43.81 -40.67 -11.88
N LEU B 13 -42.64 -40.40 -11.32
CA LEU B 13 -42.29 -39.03 -10.97
C LEU B 13 -41.43 -38.38 -12.04
N ILE B 14 -40.29 -38.99 -12.35
CA ILE B 14 -39.34 -38.48 -13.32
C ILE B 14 -39.58 -39.18 -14.63
N GLU B 15 -39.77 -38.40 -15.69
CA GLU B 15 -40.02 -38.97 -17.00
C GLU B 15 -39.00 -38.43 -17.97
N VAL B 16 -37.89 -39.15 -18.09
CA VAL B 16 -36.80 -38.75 -18.96
C VAL B 16 -37.22 -39.05 -20.39
N LYS B 17 -37.18 -38.03 -21.25
CA LYS B 17 -37.33 -38.24 -22.68
C LYS B 17 -35.93 -38.43 -23.22
N ASN B 18 -35.81 -38.57 -24.53
CA ASN B 18 -34.55 -38.88 -25.19
C ASN B 18 -33.51 -37.79 -24.98
N LEU B 19 -32.28 -38.23 -24.73
CA LEU B 19 -31.21 -37.39 -24.22
C LEU B 19 -29.95 -37.58 -25.06
N SER B 20 -29.22 -36.49 -25.27
CA SER B 20 -27.84 -36.58 -25.69
C SER B 20 -27.00 -35.68 -24.80
N PHE B 21 -25.79 -36.12 -24.47
CA PHE B 21 -24.98 -35.38 -23.52
C PHE B 21 -23.49 -35.66 -23.68
N ASN B 22 -22.69 -34.65 -24.01
CA ASN B 22 -21.26 -34.84 -24.15
C ASN B 22 -20.49 -33.81 -23.34
N ARG B 23 -20.09 -34.19 -22.12
CA ARG B 23 -19.25 -33.33 -21.28
C ARG B 23 -17.84 -33.87 -21.14
N GLY B 24 -17.50 -34.88 -21.93
CA GLY B 24 -16.14 -35.35 -21.98
C GLY B 24 -15.81 -35.73 -23.40
N GLU B 25 -16.73 -35.40 -24.31
CA GLU B 25 -16.67 -35.62 -25.77
C GLU B 25 -16.46 -37.08 -26.16
N ARG B 26 -16.78 -37.99 -25.25
CA ARG B 26 -16.87 -39.42 -25.51
C ARG B 26 -18.31 -39.73 -25.87
N VAL B 27 -18.72 -40.98 -25.80
CA VAL B 27 -20.13 -41.31 -25.92
C VAL B 27 -20.68 -41.47 -24.51
N ILE B 28 -21.73 -40.69 -24.22
CA ILE B 28 -22.42 -40.65 -22.94
C ILE B 28 -23.88 -40.37 -23.25
N TYR B 29 -24.76 -41.29 -22.83
CA TYR B 29 -26.21 -41.09 -22.76
C TYR B 29 -26.86 -40.62 -24.04
N ASP B 30 -26.91 -41.45 -25.08
CA ASP B 30 -27.42 -40.94 -26.34
C ASP B 30 -28.74 -41.59 -26.72
N ASN B 31 -29.81 -40.77 -26.74
CA ASN B 31 -31.19 -41.17 -27.04
C ASN B 31 -31.62 -42.22 -26.02
N ILE B 32 -31.67 -41.84 -24.75
CA ILE B 32 -32.08 -42.75 -23.69
C ILE B 32 -33.23 -42.11 -22.91
N SER B 33 -34.17 -42.96 -22.49
CA SER B 33 -35.39 -42.51 -21.83
C SER B 33 -35.68 -43.44 -20.66
N LEU B 34 -35.85 -42.85 -19.47
CA LEU B 34 -36.08 -43.60 -18.25
C LEU B 34 -37.33 -43.10 -17.57
N ASN B 35 -37.91 -43.96 -16.72
CA ASN B 35 -39.10 -43.61 -15.96
C ASN B 35 -38.98 -44.20 -14.55
N ILE B 36 -39.29 -43.38 -13.55
CA ILE B 36 -39.09 -43.74 -12.15
C ILE B 36 -40.46 -43.81 -11.49
N ARG B 37 -40.95 -45.03 -11.30
CA ARG B 37 -42.29 -45.22 -10.76
C ARG B 37 -42.35 -44.89 -9.28
N ARG B 38 -43.48 -44.36 -8.85
CA ARG B 38 -43.63 -43.83 -7.49
C ARG B 38 -43.69 -44.95 -6.47
N GLY B 39 -42.75 -44.94 -5.53
CA GLY B 39 -42.76 -45.94 -4.48
C GLY B 39 -42.01 -47.21 -4.86
N GLN B 40 -40.82 -47.05 -5.45
CA GLN B 40 -40.05 -48.20 -5.87
C GLN B 40 -38.57 -47.89 -5.73
N ILE B 41 -37.81 -48.84 -5.21
CA ILE B 41 -36.38 -48.68 -5.03
C ILE B 41 -35.71 -49.23 -6.28
N THR B 42 -35.35 -48.34 -7.19
CA THR B 42 -34.71 -48.72 -8.44
C THR B 42 -33.23 -48.36 -8.41
N ALA B 43 -32.38 -49.33 -8.73
CA ALA B 43 -30.94 -49.11 -8.73
C ALA B 43 -30.33 -48.96 -10.12
N ILE B 44 -29.71 -47.82 -10.35
CA ILE B 44 -29.07 -47.53 -11.62
C ILE B 44 -27.62 -47.97 -11.60
N MET B 45 -27.40 -49.27 -11.77
CA MET B 45 -26.06 -49.83 -11.77
C MET B 45 -25.44 -49.68 -13.15
N GLY B 46 -24.29 -50.34 -13.32
CA GLY B 46 -23.62 -50.37 -14.59
C GLY B 46 -22.13 -50.19 -14.43
N PRO B 47 -21.38 -50.38 -15.50
CA PRO B 47 -19.93 -50.23 -15.43
C PRO B 47 -19.48 -48.78 -15.32
N SER B 48 -18.17 -48.57 -15.41
CA SER B 48 -17.57 -47.25 -15.29
C SER B 48 -17.79 -46.36 -16.51
N GLY B 49 -18.53 -46.83 -17.51
CA GLY B 49 -18.68 -46.13 -18.77
C GLY B 49 -19.75 -45.06 -18.79
N THR B 50 -20.24 -44.71 -17.60
CA THR B 50 -21.27 -43.69 -17.47
C THR B 50 -20.91 -42.66 -16.40
N GLY B 51 -21.09 -41.39 -16.71
CA GLY B 51 -20.79 -40.32 -15.79
C GLY B 51 -21.25 -40.62 -14.37
N LYS B 52 -20.37 -40.44 -13.40
CA LYS B 52 -20.70 -40.69 -12.01
C LYS B 52 -21.76 -39.72 -11.50
N THR B 53 -22.98 -40.22 -11.36
CA THR B 53 -24.09 -39.40 -10.89
C THR B 53 -24.44 -38.31 -11.90
N THR B 54 -23.71 -38.28 -13.00
CA THR B 54 -23.93 -37.29 -14.04
C THR B 54 -25.34 -37.40 -14.57
N LEU B 55 -25.90 -38.59 -14.51
CA LEU B 55 -27.34 -38.73 -14.63
C LEU B 55 -28.05 -37.99 -13.51
N LEU B 56 -27.55 -38.12 -12.29
CA LEU B 56 -28.28 -37.54 -11.18
C LEU B 56 -28.07 -36.04 -11.09
N ARG B 57 -26.98 -35.52 -11.66
CA ARG B 57 -26.90 -34.08 -11.86
C ARG B 57 -27.96 -33.57 -12.83
N LEU B 58 -28.33 -34.35 -13.83
CA LEU B 58 -29.38 -33.91 -14.75
C LEU B 58 -30.74 -33.86 -14.09
N ILE B 59 -31.05 -34.79 -13.20
CA ILE B 59 -32.31 -34.74 -12.47
C ILE B 59 -32.26 -33.61 -11.45
N GLY B 60 -31.06 -33.34 -10.91
CA GLY B 60 -30.87 -32.13 -10.14
C GLY B 60 -30.99 -30.89 -10.99
N GLY B 61 -30.70 -31.01 -12.29
CA GLY B 61 -30.73 -29.87 -13.17
C GLY B 61 -29.49 -29.03 -13.10
N GLN B 62 -28.35 -29.65 -12.77
CA GLN B 62 -27.10 -28.91 -12.70
C GLN B 62 -26.49 -28.80 -14.09
N LEU B 63 -26.14 -29.94 -14.68
CA LEU B 63 -25.67 -29.92 -16.06
C LEU B 63 -26.86 -29.92 -17.01
N VAL B 64 -26.61 -29.50 -18.25
CA VAL B 64 -27.68 -29.22 -19.19
C VAL B 64 -27.92 -30.46 -20.05
N PRO B 65 -29.18 -30.88 -20.21
CA PRO B 65 -29.52 -31.86 -21.24
C PRO B 65 -29.44 -31.18 -22.60
N ASP B 66 -28.60 -31.72 -23.47
CA ASP B 66 -28.28 -31.00 -24.70
C ASP B 66 -29.41 -31.14 -25.71
N GLN B 67 -29.76 -32.36 -26.07
CA GLN B 67 -31.03 -32.57 -26.78
C GLN B 67 -31.97 -33.39 -25.90
N GLY B 68 -31.85 -33.23 -24.60
CA GLY B 68 -32.67 -33.96 -23.67
C GLY B 68 -34.00 -33.29 -23.46
N GLU B 69 -34.83 -33.94 -22.66
CA GLU B 69 -36.10 -33.38 -22.24
C GLU B 69 -36.50 -34.02 -20.94
N VAL B 70 -36.33 -33.31 -19.82
CA VAL B 70 -36.67 -33.86 -18.52
C VAL B 70 -38.01 -33.30 -18.09
N LEU B 71 -38.95 -34.18 -17.79
CA LEU B 71 -40.28 -33.80 -17.37
C LEU B 71 -40.47 -34.23 -15.93
N LEU B 72 -40.55 -33.27 -15.03
CA LEU B 72 -40.93 -33.53 -13.65
C LEU B 72 -42.42 -33.24 -13.57
N ASP B 73 -43.23 -34.26 -13.89
CA ASP B 73 -44.69 -34.21 -13.92
C ASP B 73 -45.20 -33.13 -14.86
N GLY B 74 -44.50 -32.91 -15.97
CA GLY B 74 -44.84 -31.84 -16.87
C GLY B 74 -44.11 -30.55 -16.58
N LYS B 75 -43.86 -30.27 -15.31
CA LYS B 75 -43.08 -29.10 -14.94
C LYS B 75 -41.63 -29.35 -15.35
N ASP B 76 -41.17 -28.59 -16.34
CA ASP B 76 -39.90 -28.86 -16.97
C ASP B 76 -38.76 -28.17 -16.24
N ILE B 77 -37.75 -28.95 -15.88
CA ILE B 77 -36.51 -28.41 -15.31
C ILE B 77 -35.79 -27.67 -16.42
N ALA B 78 -35.25 -26.48 -16.09
CA ALA B 78 -34.60 -25.52 -16.97
C ALA B 78 -35.56 -24.98 -18.01
N GLN B 79 -36.85 -24.99 -17.67
CA GLN B 79 -37.84 -24.19 -18.38
C GLN B 79 -38.62 -23.45 -17.32
N MET B 80 -38.45 -23.89 -16.08
CA MET B 80 -39.08 -23.27 -14.93
C MET B 80 -38.30 -22.05 -14.47
N SER B 81 -38.67 -21.51 -13.32
CA SER B 81 -38.01 -20.34 -12.77
C SER B 81 -36.95 -20.77 -11.77
N ARG B 82 -36.02 -19.85 -11.48
CA ARG B 82 -35.05 -20.08 -10.42
C ARG B 82 -35.69 -20.09 -9.04
N GLN B 83 -36.78 -19.35 -8.86
CA GLN B 83 -37.55 -19.43 -7.63
C GLN B 83 -38.22 -20.77 -7.45
N GLU B 84 -38.85 -21.31 -8.49
CA GLU B 84 -39.49 -22.60 -8.39
C GLU B 84 -38.49 -23.76 -8.31
N LEU B 85 -37.27 -23.56 -8.82
CA LEU B 85 -36.29 -24.64 -8.80
C LEU B 85 -35.77 -24.90 -7.39
N PHE B 86 -35.54 -23.85 -6.62
CA PHE B 86 -35.24 -24.04 -5.20
C PHE B 86 -36.47 -24.57 -4.46
N ALA B 87 -37.66 -24.23 -4.92
CA ALA B 87 -38.86 -24.92 -4.43
C ALA B 87 -38.92 -26.35 -4.96
N ALA B 88 -38.32 -26.62 -6.12
CA ALA B 88 -38.25 -27.99 -6.61
C ALA B 88 -37.10 -28.74 -5.95
N ARG B 89 -35.97 -28.06 -5.71
CA ARG B 89 -34.87 -28.71 -5.02
C ARG B 89 -35.11 -28.80 -3.53
N ALA B 90 -36.20 -28.24 -3.02
CA ALA B 90 -36.74 -28.61 -1.72
C ALA B 90 -37.77 -29.73 -1.83
N ARG B 91 -37.42 -30.78 -2.57
CA ARG B 91 -38.19 -32.01 -2.63
C ARG B 91 -37.27 -33.21 -2.47
N MET B 92 -35.96 -33.00 -2.51
CA MET B 92 -34.99 -34.06 -2.67
C MET B 92 -33.98 -34.05 -1.54
N GLY B 93 -33.55 -35.24 -1.15
CA GLY B 93 -32.38 -35.38 -0.32
C GLY B 93 -31.35 -36.20 -1.06
N MET B 94 -30.10 -35.77 -0.94
CA MET B 94 -29.06 -36.44 -1.71
C MET B 94 -27.78 -36.52 -0.90
N LEU B 95 -27.39 -37.75 -0.60
CA LEU B 95 -26.07 -38.07 -0.10
C LEU B 95 -25.13 -38.03 -1.29
N PHE B 96 -24.00 -37.33 -1.16
CA PHE B 96 -23.14 -37.21 -2.33
C PHE B 96 -22.19 -38.38 -2.47
N GLN B 97 -21.26 -38.25 -3.41
CA GLN B 97 -20.36 -39.32 -3.79
C GLN B 97 -19.35 -39.65 -2.71
N SER B 98 -18.45 -38.73 -2.41
CA SER B 98 -17.68 -38.75 -1.18
C SER B 98 -18.24 -37.62 -0.33
N GLY B 99 -19.20 -37.95 0.54
CA GLY B 99 -20.20 -37.07 1.11
C GLY B 99 -19.75 -35.70 1.57
N ALA B 100 -20.27 -34.69 0.88
CA ALA B 100 -19.94 -33.32 1.16
C ALA B 100 -20.52 -32.91 2.50
N LEU B 101 -19.68 -32.77 3.51
CA LEU B 101 -20.14 -32.31 4.80
C LEU B 101 -19.81 -30.82 4.91
N PHE B 102 -20.62 -30.09 5.66
CA PHE B 102 -20.37 -28.67 5.85
C PHE B 102 -19.27 -28.51 6.90
N THR B 103 -18.03 -28.64 6.44
CA THR B 103 -16.85 -28.55 7.30
C THR B 103 -16.99 -27.50 8.41
N ASP B 104 -16.24 -27.71 9.49
CA ASP B 104 -16.27 -26.80 10.63
C ASP B 104 -17.51 -27.05 11.48
N MET B 105 -18.67 -26.89 10.86
CA MET B 105 -19.94 -27.10 11.53
C MET B 105 -19.96 -28.56 11.97
N SER B 106 -20.30 -28.77 13.24
CA SER B 106 -20.19 -30.10 13.80
C SER B 106 -21.30 -31.01 13.30
N VAL B 107 -21.34 -32.21 13.88
CA VAL B 107 -22.32 -33.21 13.49
C VAL B 107 -23.72 -32.78 13.91
N TYR B 108 -23.82 -32.04 15.00
CA TYR B 108 -25.12 -31.55 15.46
C TYR B 108 -25.68 -30.48 14.54
N GLU B 109 -24.82 -29.82 13.77
CA GLU B 109 -25.25 -28.76 12.87
C GLU B 109 -25.38 -29.21 11.43
N ASN B 110 -24.70 -30.29 11.04
CA ASN B 110 -24.79 -30.77 9.66
C ASN B 110 -26.15 -31.38 9.38
N VAL B 111 -26.64 -32.20 10.30
CA VAL B 111 -27.96 -32.80 10.13
C VAL B 111 -29.05 -31.80 10.45
N ALA B 112 -28.80 -30.87 11.37
CA ALA B 112 -29.78 -29.82 11.62
C ALA B 112 -29.70 -28.69 10.61
N PHE B 113 -28.81 -28.80 9.63
CA PHE B 113 -28.76 -27.78 8.58
C PHE B 113 -30.04 -27.71 7.75
N PRO B 114 -30.51 -28.77 7.07
CA PRO B 114 -31.73 -28.59 6.27
C PRO B 114 -32.99 -28.57 7.10
N ILE B 115 -32.89 -28.91 8.39
CA ILE B 115 -34.04 -28.75 9.28
C ILE B 115 -34.31 -27.28 9.52
N ARG B 116 -33.28 -26.55 9.97
CA ARG B 116 -33.38 -25.11 10.20
C ARG B 116 -33.63 -24.32 8.94
N ALA B 117 -33.18 -24.83 7.79
CA ALA B 117 -33.38 -24.10 6.54
C ALA B 117 -34.83 -24.14 6.08
N HIS B 118 -35.65 -25.04 6.62
CA HIS B 118 -37.02 -25.20 6.18
C HIS B 118 -37.97 -25.43 7.34
N THR B 119 -37.85 -24.63 8.38
CA THR B 119 -38.79 -24.68 9.49
C THR B 119 -40.07 -23.98 9.08
N LYS B 120 -41.21 -24.53 9.51
CA LYS B 120 -42.51 -23.97 9.19
C LYS B 120 -43.47 -24.09 10.37
N LEU B 121 -42.96 -24.60 11.48
CA LEU B 121 -43.78 -24.77 12.69
C LEU B 121 -43.44 -23.71 13.72
N SER B 122 -43.66 -24.06 14.99
CA SER B 122 -43.39 -23.13 16.10
C SER B 122 -41.95 -23.28 16.60
N GLU B 123 -41.56 -22.43 17.53
CA GLU B 123 -40.22 -22.46 18.10
C GLU B 123 -39.92 -23.82 18.74
N ASN B 124 -40.80 -24.24 19.64
CA ASN B 124 -40.63 -25.52 20.32
C ASN B 124 -40.63 -26.67 19.34
N LEU B 125 -41.61 -26.73 18.45
CA LEU B 125 -41.76 -27.77 17.45
C LEU B 125 -40.64 -27.74 16.42
N ILE B 126 -40.00 -26.58 16.23
CA ILE B 126 -38.72 -26.54 15.52
C ILE B 126 -37.68 -27.30 16.30
N ALA B 127 -37.47 -26.94 17.57
CA ALA B 127 -36.52 -27.64 18.42
C ALA B 127 -36.96 -29.07 18.76
N GLU B 128 -38.28 -29.35 18.74
CA GLU B 128 -38.78 -30.70 18.94
C GLU B 128 -38.27 -31.67 17.89
N LEU B 129 -38.34 -31.29 16.62
CA LEU B 129 -37.89 -32.19 15.57
C LEU B 129 -36.37 -32.21 15.47
N VAL B 130 -35.71 -31.20 16.04
CA VAL B 130 -34.25 -31.21 16.09
C VAL B 130 -33.75 -32.35 16.95
N ALA B 131 -34.27 -32.48 18.18
CA ALA B 131 -33.87 -33.60 19.01
C ALA B 131 -34.57 -34.89 18.59
N LEU B 132 -35.60 -34.82 17.76
CA LEU B 132 -36.25 -36.05 17.34
C LEU B 132 -35.61 -36.73 16.15
N LYS B 133 -34.90 -35.99 15.30
CA LYS B 133 -34.33 -36.67 14.14
C LYS B 133 -33.12 -37.50 14.54
N LEU B 134 -32.33 -37.02 15.50
CA LEU B 134 -31.07 -37.71 15.79
C LEU B 134 -31.31 -39.02 16.54
N GLU B 135 -32.39 -39.10 17.30
CA GLU B 135 -32.81 -40.42 17.79
C GLU B 135 -33.45 -41.23 16.67
N SER B 136 -33.95 -40.57 15.63
CA SER B 136 -34.62 -41.32 14.57
C SER B 136 -33.66 -41.96 13.57
N VAL B 137 -32.35 -41.76 13.69
CA VAL B 137 -31.47 -42.17 12.59
C VAL B 137 -30.48 -43.25 13.00
N GLY B 138 -30.10 -43.29 14.27
CA GLY B 138 -28.90 -44.03 14.62
C GLY B 138 -27.87 -43.20 15.35
N LEU B 139 -28.32 -42.18 16.08
CA LEU B 139 -27.46 -41.11 16.58
C LEU B 139 -27.97 -40.58 17.92
N ARG B 140 -27.66 -39.29 18.15
CA ARG B 140 -27.94 -38.49 19.34
C ARG B 140 -27.02 -38.87 20.49
N GLY B 141 -25.78 -39.24 20.19
CA GLY B 141 -24.74 -39.24 21.20
C GLY B 141 -23.37 -38.90 20.62
N THR B 142 -23.34 -38.53 19.35
CA THR B 142 -22.14 -37.96 18.73
C THR B 142 -22.67 -36.70 18.05
N GLU B 143 -23.05 -35.74 18.89
CA GLU B 143 -23.57 -34.48 18.37
C GLU B 143 -22.47 -33.48 18.07
N GLN B 144 -21.55 -33.24 19.00
CA GLN B 144 -20.65 -32.11 18.92
C GLN B 144 -19.22 -32.53 18.59
N LEU B 145 -19.07 -33.48 17.67
CA LEU B 145 -17.73 -33.79 17.18
C LEU B 145 -17.52 -33.06 15.86
N MET B 146 -16.29 -32.62 15.65
CA MET B 146 -15.95 -31.83 14.47
C MET B 146 -15.83 -32.80 13.30
N PRO B 147 -16.33 -32.40 12.13
CA PRO B 147 -16.26 -33.24 10.94
C PRO B 147 -14.84 -33.56 10.53
N THR B 148 -13.90 -33.39 11.47
CA THR B 148 -12.50 -33.66 11.21
C THR B 148 -12.14 -35.10 11.54
N GLU B 149 -12.70 -35.60 12.65
CA GLU B 149 -12.43 -36.98 13.08
C GLU B 149 -13.49 -37.93 12.54
N LEU B 150 -13.35 -38.31 11.29
CA LEU B 150 -14.30 -39.23 10.65
C LEU B 150 -13.69 -39.84 9.38
N SER B 151 -14.06 -41.09 9.12
CA SER B 151 -13.56 -41.79 7.94
C SER B 151 -14.68 -42.07 6.95
N GLY B 152 -14.38 -42.81 5.88
CA GLY B 152 -15.35 -43.09 4.83
C GLY B 152 -16.55 -43.87 5.31
N GLY B 153 -16.34 -44.73 6.30
CA GLY B 153 -17.44 -45.41 6.95
C GLY B 153 -18.27 -44.48 7.80
N MET B 154 -17.62 -43.47 8.38
CA MET B 154 -18.36 -42.48 9.15
C MET B 154 -18.70 -41.24 8.34
N ASN B 155 -18.17 -41.12 7.11
CA ASN B 155 -18.53 -40.01 6.26
C ASN B 155 -19.98 -40.12 5.81
N ARG B 156 -20.30 -41.22 5.13
CA ARG B 156 -21.64 -41.36 4.57
C ARG B 156 -22.69 -41.62 5.65
N ARG B 157 -22.28 -42.12 6.81
CA ARG B 157 -23.21 -42.36 7.92
C ARG B 157 -23.81 -41.05 8.42
N VAL B 158 -22.96 -40.06 8.68
CA VAL B 158 -23.44 -38.75 9.02
C VAL B 158 -24.13 -38.10 7.84
N ALA B 159 -23.62 -38.35 6.63
CA ALA B 159 -24.19 -37.75 5.43
C ALA B 159 -25.56 -38.31 5.13
N LEU B 160 -25.80 -39.57 5.49
CA LEU B 160 -27.12 -40.15 5.26
C LEU B 160 -28.15 -39.56 6.20
N ALA B 161 -27.74 -39.12 7.38
CA ALA B 161 -28.63 -38.55 8.37
C ALA B 161 -29.27 -37.28 7.84
N ARG B 162 -28.47 -36.42 7.21
CA ARG B 162 -29.04 -35.18 6.70
C ARG B 162 -29.71 -35.40 5.36
N ALA B 163 -29.46 -36.52 4.70
CA ALA B 163 -30.15 -36.81 3.46
C ALA B 163 -31.61 -37.18 3.74
N ILE B 164 -31.84 -37.88 4.84
CA ILE B 164 -33.20 -38.28 5.17
C ILE B 164 -33.87 -37.29 6.10
N ALA B 165 -33.26 -36.12 6.29
CA ALA B 165 -33.64 -35.19 7.35
C ALA B 165 -35.08 -34.71 7.20
N LEU B 166 -35.38 -34.04 6.10
CA LEU B 166 -36.76 -33.84 5.70
C LEU B 166 -37.30 -35.08 5.02
N ASP B 167 -38.56 -35.41 5.27
CA ASP B 167 -39.24 -36.47 4.51
C ASP B 167 -39.50 -36.01 3.07
N PRO B 168 -38.89 -36.66 2.10
CA PRO B 168 -38.97 -36.15 0.73
C PRO B 168 -40.11 -36.78 -0.04
N ASP B 169 -40.26 -36.37 -1.30
CA ASP B 169 -41.06 -37.13 -2.25
C ASP B 169 -40.18 -37.92 -3.18
N LEU B 170 -38.87 -37.69 -3.15
CA LEU B 170 -37.89 -38.38 -3.94
C LEU B 170 -36.56 -38.21 -3.23
N ILE B 171 -35.82 -39.28 -3.06
CA ILE B 171 -34.55 -39.22 -2.36
C ILE B 171 -33.56 -40.09 -3.10
N MET B 172 -32.35 -39.58 -3.28
CA MET B 172 -31.33 -40.29 -4.01
C MET B 172 -30.23 -40.71 -3.05
N TYR B 173 -29.67 -41.88 -3.26
CA TYR B 173 -28.44 -42.27 -2.59
C TYR B 173 -27.37 -42.51 -3.62
N ASP B 174 -26.13 -42.23 -3.25
CA ASP B 174 -25.01 -42.33 -4.18
C ASP B 174 -23.86 -43.06 -3.52
N GLU B 175 -23.80 -44.35 -3.77
CA GLU B 175 -22.83 -45.30 -3.22
C GLU B 175 -22.73 -45.20 -1.72
N PRO B 176 -23.76 -45.60 -0.96
CA PRO B 176 -23.61 -45.61 0.49
C PRO B 176 -22.76 -46.77 0.99
N PHE B 177 -22.64 -47.82 0.20
CA PHE B 177 -21.94 -49.03 0.61
C PHE B 177 -20.50 -48.99 0.15
N ALA B 178 -19.75 -47.96 0.56
CA ALA B 178 -18.40 -47.84 0.04
C ALA B 178 -17.37 -47.91 1.15
N GLY B 179 -17.78 -47.65 2.37
CA GLY B 179 -16.84 -47.69 3.47
C GLY B 179 -17.35 -48.49 4.65
N GLN B 180 -18.38 -49.30 4.41
CA GLN B 180 -19.09 -49.94 5.50
C GLN B 180 -18.53 -51.33 5.77
N ASP B 181 -18.71 -51.76 7.00
CA ASP B 181 -18.44 -53.11 7.43
C ASP B 181 -19.64 -53.99 7.07
N PRO B 182 -19.45 -55.31 6.93
CA PRO B 182 -20.57 -56.17 6.53
C PRO B 182 -21.67 -56.30 7.56
N ILE B 183 -21.43 -55.98 8.83
CA ILE B 183 -22.54 -55.90 9.75
C ILE B 183 -23.35 -54.63 9.49
N VAL B 184 -22.66 -53.49 9.44
CA VAL B 184 -23.37 -52.21 9.44
C VAL B 184 -23.99 -51.94 8.07
N LYS B 185 -23.41 -52.51 7.02
CA LYS B 185 -24.07 -52.41 5.72
C LYS B 185 -25.27 -53.33 5.65
N GLY B 186 -25.31 -54.37 6.48
CA GLY B 186 -26.53 -55.14 6.62
C GLY B 186 -27.60 -54.37 7.37
N VAL B 187 -27.18 -53.54 8.33
CA VAL B 187 -28.12 -52.63 8.98
C VAL B 187 -28.58 -51.57 8.01
N LEU B 188 -27.65 -51.06 7.19
CA LEU B 188 -27.96 -49.99 6.26
C LEU B 188 -28.89 -50.44 5.16
N THR B 189 -28.73 -51.68 4.68
CA THR B 189 -29.65 -52.21 3.68
C THR B 189 -31.03 -52.42 4.29
N ARG B 190 -31.11 -52.63 5.60
CA ARG B 190 -32.41 -52.58 6.24
C ARG B 190 -32.86 -51.14 6.40
N LEU B 191 -31.94 -50.26 6.79
CA LEU B 191 -32.27 -48.87 7.06
C LEU B 191 -32.74 -48.12 5.82
N ILE B 192 -32.30 -48.53 4.63
CA ILE B 192 -32.83 -47.91 3.44
C ILE B 192 -34.26 -48.33 3.20
N ARG B 193 -34.51 -49.64 3.19
CA ARG B 193 -35.82 -50.11 2.73
C ARG B 193 -36.88 -49.93 3.80
N SER B 194 -36.49 -50.01 5.09
CA SER B 194 -37.44 -49.89 6.19
C SER B 194 -38.11 -48.53 6.20
N LEU B 195 -37.39 -47.52 5.69
CA LEU B 195 -38.01 -46.22 5.49
C LEU B 195 -38.96 -46.25 4.31
N ARG B 196 -38.63 -47.05 3.29
CA ARG B 196 -39.38 -46.99 2.04
C ARG B 196 -40.77 -47.60 2.16
N GLU B 197 -40.91 -48.75 2.83
CA GLU B 197 -42.24 -49.30 3.01
C GLU B 197 -43.04 -48.49 4.03
N ALA B 198 -42.34 -47.85 4.97
CA ALA B 198 -43.06 -47.16 6.02
C ALA B 198 -43.55 -45.79 5.58
N LEU B 199 -42.83 -45.13 4.68
CA LEU B 199 -43.18 -43.75 4.37
C LEU B 199 -43.49 -43.51 2.91
N ASP B 200 -43.64 -44.57 2.10
CA ASP B 200 -44.03 -44.58 0.68
C ASP B 200 -43.33 -43.55 -0.19
N LEU B 201 -42.07 -43.30 0.10
CA LEU B 201 -41.25 -42.36 -0.65
C LEU B 201 -40.71 -42.98 -1.93
N THR B 202 -39.73 -42.32 -2.56
CA THR B 202 -39.22 -42.81 -3.83
C THR B 202 -37.70 -42.73 -3.82
N THR B 203 -37.05 -43.87 -4.02
CA THR B 203 -35.60 -43.93 -3.94
C THR B 203 -34.97 -44.21 -5.30
N ILE B 204 -33.77 -43.65 -5.49
CA ILE B 204 -32.90 -43.95 -6.61
C ILE B 204 -31.52 -44.18 -6.04
N ILE B 205 -31.00 -45.38 -6.23
CA ILE B 205 -29.68 -45.74 -5.72
C ILE B 205 -28.75 -45.95 -6.90
N VAL B 206 -27.56 -45.37 -6.83
CA VAL B 206 -26.50 -45.71 -7.77
C VAL B 206 -25.41 -46.39 -6.96
N SER B 207 -25.09 -47.62 -7.36
CA SER B 207 -24.10 -48.43 -6.67
C SER B 207 -23.66 -49.56 -7.58
N HIS B 208 -22.59 -50.23 -7.20
CA HIS B 208 -22.24 -51.51 -7.79
C HIS B 208 -21.91 -52.48 -6.66
N ASP B 209 -22.93 -53.12 -6.14
CA ASP B 209 -22.76 -54.32 -5.33
C ASP B 209 -23.99 -55.18 -5.59
N VAL B 210 -23.85 -56.05 -6.58
CA VAL B 210 -24.90 -56.90 -7.14
C VAL B 210 -25.70 -57.76 -6.15
N PRO B 211 -25.11 -58.35 -5.04
CA PRO B 211 -25.96 -59.16 -4.15
C PRO B 211 -27.09 -58.42 -3.45
N GLU B 212 -26.80 -57.36 -2.72
CA GLU B 212 -27.86 -56.75 -1.93
C GLU B 212 -28.68 -55.79 -2.77
N THR B 213 -28.12 -55.33 -3.90
CA THR B 213 -28.85 -54.40 -4.75
C THR B 213 -29.99 -55.11 -5.45
N LEU B 214 -29.76 -56.33 -5.89
CA LEU B 214 -30.81 -57.11 -6.54
C LEU B 214 -31.87 -57.53 -5.55
N SER B 215 -31.51 -57.66 -4.28
CA SER B 215 -32.46 -58.05 -3.25
C SER B 215 -33.12 -56.87 -2.57
N ILE B 216 -32.97 -55.67 -3.12
CA ILE B 216 -33.55 -54.50 -2.51
C ILE B 216 -34.26 -53.62 -3.52
N ALA B 217 -34.00 -53.84 -4.80
CA ALA B 217 -34.53 -52.94 -5.81
C ALA B 217 -35.87 -53.44 -6.31
N ASP B 218 -36.49 -52.68 -7.21
CA ASP B 218 -37.76 -53.08 -7.81
C ASP B 218 -37.62 -53.00 -9.31
N TYR B 219 -36.62 -52.23 -9.74
CA TYR B 219 -36.30 -52.02 -11.15
C TYR B 219 -34.90 -51.41 -11.24
N ILE B 220 -33.94 -52.21 -11.68
CA ILE B 220 -32.56 -51.77 -11.85
C ILE B 220 -32.33 -51.55 -13.33
N TYR B 221 -31.50 -50.56 -13.67
CA TYR B 221 -31.18 -50.27 -15.07
C TYR B 221 -29.67 -50.33 -15.18
N VAL B 222 -29.14 -51.11 -16.12
CA VAL B 222 -27.69 -51.21 -16.29
C VAL B 222 -27.29 -50.51 -17.58
N VAL B 223 -26.45 -49.48 -17.51
CA VAL B 223 -26.12 -48.80 -18.75
C VAL B 223 -24.63 -48.96 -19.03
N ALA B 224 -24.27 -49.26 -20.28
CA ALA B 224 -22.88 -49.57 -20.57
C ALA B 224 -22.08 -48.32 -20.93
N GLU B 225 -22.47 -47.65 -22.01
CA GLU B 225 -21.78 -46.39 -22.31
C GLU B 225 -22.75 -45.25 -22.59
N GLY B 226 -23.84 -45.55 -23.28
CA GLY B 226 -24.81 -44.52 -23.58
C GLY B 226 -26.23 -45.03 -23.65
N LYS B 227 -26.43 -46.29 -23.30
CA LYS B 227 -27.73 -46.90 -23.56
C LYS B 227 -27.98 -47.97 -22.51
N ILE B 228 -29.26 -48.33 -22.37
CA ILE B 228 -29.67 -49.37 -21.44
C ILE B 228 -29.12 -50.71 -21.88
N GLN B 229 -28.66 -51.51 -20.93
CA GLN B 229 -28.33 -52.89 -21.18
C GLN B 229 -29.37 -53.85 -20.65
N GLY B 230 -30.07 -53.47 -19.58
CA GLY B 230 -31.06 -54.35 -19.01
C GLY B 230 -31.94 -53.61 -18.03
N GLU B 231 -33.24 -53.77 -18.18
CA GLU B 231 -34.19 -53.06 -17.34
C GLU B 231 -35.23 -54.03 -16.83
N GLY B 232 -35.86 -53.65 -15.72
CA GLY B 232 -36.98 -54.40 -15.20
C GLY B 232 -36.72 -54.91 -13.81
N THR B 233 -37.64 -55.75 -13.35
CA THR B 233 -37.53 -56.40 -12.06
C THR B 233 -36.34 -57.37 -12.06
N PRO B 234 -35.76 -57.67 -10.90
CA PRO B 234 -34.58 -58.56 -10.89
C PRO B 234 -34.85 -59.98 -11.31
N GLU B 235 -36.11 -60.40 -11.33
CA GLU B 235 -36.43 -61.75 -11.80
C GLU B 235 -36.20 -61.87 -13.30
N GLU B 236 -36.89 -61.05 -14.07
CA GLU B 236 -36.75 -61.08 -15.53
C GLU B 236 -35.40 -60.56 -16.00
N LEU B 237 -34.70 -59.77 -15.19
CA LEU B 237 -33.47 -59.16 -15.65
C LEU B 237 -32.35 -60.18 -15.73
N GLN B 238 -32.18 -61.00 -14.70
CA GLN B 238 -31.23 -62.10 -14.79
C GLN B 238 -31.73 -63.21 -15.70
N ALA B 239 -33.06 -63.34 -15.82
CA ALA B 239 -33.62 -64.35 -16.71
C ALA B 239 -33.42 -63.97 -18.18
N TYR B 240 -33.30 -62.67 -18.48
CA TYR B 240 -33.10 -62.21 -19.84
C TYR B 240 -31.75 -61.52 -20.00
N ALA B 241 -30.70 -62.13 -19.48
CA ALA B 241 -29.37 -61.56 -19.58
C ALA B 241 -28.88 -61.57 -21.02
N SER B 242 -28.74 -60.39 -21.60
CA SER B 242 -28.05 -60.20 -22.86
C SER B 242 -26.57 -60.41 -22.62
N PRO B 243 -25.76 -60.72 -23.66
CA PRO B 243 -24.34 -61.01 -23.40
C PRO B 243 -23.47 -59.80 -23.09
N PHE B 244 -23.98 -58.91 -22.28
CA PHE B 244 -23.35 -57.89 -21.46
C PHE B 244 -23.82 -57.99 -20.03
N VAL B 245 -25.01 -58.55 -19.81
CA VAL B 245 -25.55 -58.73 -18.48
C VAL B 245 -25.02 -59.99 -17.84
N LYS B 246 -24.87 -61.07 -18.61
CA LYS B 246 -24.28 -62.29 -18.11
C LYS B 246 -22.84 -62.06 -17.68
N GLN B 247 -22.12 -61.23 -18.42
CA GLN B 247 -20.74 -60.95 -18.04
C GLN B 247 -20.65 -60.02 -16.85
N PHE B 248 -21.73 -59.34 -16.49
CA PHE B 248 -21.65 -58.34 -15.43
C PHE B 248 -22.12 -58.89 -14.10
N LEU B 249 -22.87 -59.99 -14.14
CA LEU B 249 -23.38 -60.62 -12.93
C LEU B 249 -22.26 -61.33 -12.16
N THR B 250 -22.09 -62.62 -12.43
CA THR B 250 -21.06 -63.41 -11.77
C THR B 250 -19.74 -62.66 -11.72
N GLY B 251 -19.43 -61.94 -12.78
CA GLY B 251 -18.20 -61.17 -12.86
C GLY B 251 -17.18 -61.81 -13.78
N SER B 252 -17.62 -62.83 -14.52
CA SER B 252 -16.73 -63.53 -15.45
C SER B 252 -15.89 -62.56 -16.26
N ALA B 253 -14.59 -62.79 -16.30
CA ALA B 253 -13.67 -61.93 -17.04
C ALA B 253 -13.75 -62.18 -18.54
N GLU B 254 -14.76 -61.55 -19.14
CA GLU B 254 -15.04 -61.53 -20.57
C GLU B 254 -15.85 -60.28 -20.87
N GLY B 255 -15.25 -59.30 -21.55
CA GLY B 255 -15.91 -58.04 -21.77
C GLY B 255 -15.15 -57.09 -22.66
N PRO B 256 -15.87 -56.19 -23.33
CA PRO B 256 -15.19 -55.19 -24.19
C PRO B 256 -14.76 -53.94 -23.44
N VAL B 257 -13.99 -54.10 -22.37
CA VAL B 257 -13.48 -52.96 -21.63
C VAL B 257 -12.07 -52.63 -22.10
N GLU B 258 -11.59 -51.44 -21.77
CA GLU B 258 -10.23 -51.05 -22.09
C GLU B 258 -9.30 -51.59 -21.00
N TYR B 259 -8.97 -52.88 -21.14
CA TYR B 259 -8.04 -53.52 -20.22
C TYR B 259 -6.64 -52.96 -20.41
N GLN B 260 -6.10 -53.08 -21.63
CA GLN B 260 -5.01 -52.23 -22.05
C GLN B 260 -5.53 -51.22 -23.04
N PHE B 261 -5.00 -49.99 -22.98
CA PHE B 261 -5.45 -48.98 -23.92
C PHE B 261 -4.75 -49.15 -25.26
N SER B 262 -3.42 -49.05 -25.27
CA SER B 262 -2.68 -49.20 -26.51
C SER B 262 -2.51 -50.67 -26.85
N HIS B 263 -2.97 -51.04 -28.03
CA HIS B 263 -2.90 -52.42 -28.48
C HIS B 263 -1.94 -52.47 -29.66
N GLN B 264 -0.94 -51.59 -29.62
CA GLN B 264 0.09 -51.57 -30.65
C GLN B 264 1.20 -52.52 -30.24
N ALA B 265 2.29 -52.52 -30.98
CA ALA B 265 3.40 -53.43 -30.72
C ALA B 265 4.35 -52.78 -29.70
N TYR B 266 5.40 -53.51 -29.34
CA TYR B 266 6.45 -53.01 -28.45
C TYR B 266 7.80 -53.10 -29.15
N LEU B 267 7.99 -54.16 -29.95
CA LEU B 267 9.20 -54.37 -30.74
C LEU B 267 9.42 -53.23 -31.71
N ASP B 268 8.36 -52.70 -32.28
CA ASP B 268 8.48 -51.61 -33.23
C ASP B 268 8.01 -50.30 -32.61
N ASN B 269 7.95 -50.25 -31.28
CA ASN B 269 7.53 -49.04 -30.60
C ASN B 269 8.70 -48.41 -29.88
N GLU B 270 8.96 -47.14 -30.21
CA GLU B 270 10.07 -46.39 -29.63
C GLU B 270 9.62 -45.79 -28.31
N VAL B 271 10.58 -45.51 -27.44
CA VAL B 271 10.37 -45.39 -26.01
C VAL B 271 10.80 -44.01 -25.52
N ARG B 272 10.68 -43.01 -26.39
CA ARG B 272 11.07 -41.60 -26.20
C ARG B 272 12.42 -41.37 -25.50
N VAL C 1 -55.27 -34.60 12.25
CA VAL C 1 -55.28 -33.15 12.19
C VAL C 1 -56.09 -32.60 13.36
N VAL C 2 -57.41 -32.84 13.32
CA VAL C 2 -58.32 -32.28 14.32
C VAL C 2 -58.40 -33.22 15.53
N GLN C 3 -58.36 -32.63 16.72
CA GLN C 3 -58.48 -33.38 17.97
C GLN C 3 -59.84 -33.06 18.58
N TYR C 4 -60.55 -34.11 18.97
CA TYR C 4 -61.98 -34.02 19.25
C TYR C 4 -62.29 -34.01 20.74
N LEU C 5 -63.59 -34.11 21.05
CA LEU C 5 -64.12 -34.05 22.41
C LEU C 5 -64.73 -35.43 22.67
N ASN C 6 -65.60 -35.53 23.69
CA ASN C 6 -66.09 -36.74 24.36
C ASN C 6 -64.96 -37.35 25.19
N GLN C 7 -64.15 -36.47 25.77
CA GLN C 7 -63.01 -36.66 26.70
C GLN C 7 -61.77 -37.19 26.00
N GLU C 8 -61.89 -37.64 24.76
CA GLU C 8 -60.79 -38.32 24.11
C GLU C 8 -60.17 -37.42 23.04
N LEU C 9 -58.85 -37.32 23.08
CA LEU C 9 -58.08 -36.47 22.18
C LEU C 9 -57.47 -37.36 21.10
N VAL C 10 -57.96 -37.26 19.87
CA VAL C 10 -57.61 -38.19 18.80
C VAL C 10 -56.77 -37.45 17.76
N VAL C 11 -55.77 -38.12 17.22
CA VAL C 11 -55.01 -37.61 16.09
C VAL C 11 -55.50 -38.30 14.82
N SER C 12 -55.96 -37.51 13.86
CA SER C 12 -56.82 -38.03 12.80
C SER C 12 -56.39 -37.51 11.43
N GLY C 13 -55.66 -38.34 10.69
CA GLY C 13 -55.53 -38.17 9.26
C GLY C 13 -54.14 -37.75 8.83
N LYS C 14 -53.54 -36.81 9.56
CA LYS C 14 -52.30 -36.20 9.10
C LYS C 14 -51.58 -35.48 10.23
N ILE C 15 -50.27 -35.38 10.07
CA ILE C 15 -49.42 -34.40 10.74
C ILE C 15 -48.39 -33.94 9.69
N ASP C 16 -48.38 -32.63 9.39
CA ASP C 16 -47.73 -32.16 8.16
C ASP C 16 -47.01 -30.82 8.36
N PHE C 17 -46.61 -30.53 9.59
CA PHE C 17 -45.67 -29.48 10.00
C PHE C 17 -46.06 -28.04 9.61
N GLU C 18 -47.21 -27.85 8.98
CA GLU C 18 -47.84 -26.55 8.94
C GLU C 18 -48.79 -26.39 10.12
N ASN C 19 -48.84 -27.38 11.00
CA ASN C 19 -49.80 -27.44 12.09
C ASN C 19 -49.23 -28.13 13.32
N ALA C 20 -50.10 -28.61 14.22
CA ALA C 20 -49.79 -29.14 15.56
C ALA C 20 -49.12 -28.10 16.45
N GLU C 21 -49.33 -26.83 16.11
CA GLU C 21 -49.18 -25.68 17.00
C GLU C 21 -50.50 -25.26 17.61
N GLN C 22 -51.50 -24.95 16.76
CA GLN C 22 -52.83 -24.59 17.23
C GLN C 22 -53.58 -25.79 17.79
N GLN C 23 -53.18 -27.00 17.42
CA GLN C 23 -53.77 -28.19 18.04
C GLN C 23 -52.96 -28.65 19.25
N TYR C 24 -51.79 -28.07 19.49
CA TYR C 24 -51.02 -28.45 20.68
C TYR C 24 -51.52 -27.71 21.92
N GLN C 25 -51.52 -26.39 21.88
CA GLN C 25 -51.87 -25.61 23.06
C GLN C 25 -53.37 -25.57 23.31
N ALA C 26 -54.17 -25.76 22.26
CA ALA C 26 -55.61 -25.95 22.47
C ALA C 26 -55.93 -27.42 22.78
N GLY C 27 -55.12 -28.34 22.27
CA GLY C 27 -55.25 -29.73 22.68
C GLY C 27 -54.80 -29.98 24.09
N LEU C 28 -53.86 -29.19 24.61
CA LEU C 28 -53.51 -29.27 26.02
C LEU C 28 -54.59 -28.63 26.89
N ALA C 29 -55.37 -27.68 26.33
CA ALA C 29 -56.40 -26.99 27.10
C ALA C 29 -57.51 -27.93 27.57
N ILE C 30 -57.65 -29.08 26.91
CA ILE C 30 -58.50 -30.15 27.43
C ILE C 30 -57.81 -30.85 28.60
N ILE C 31 -56.49 -31.03 28.53
CA ILE C 31 -55.75 -31.89 29.45
C ILE C 31 -55.69 -31.33 30.86
N LYS C 32 -55.64 -29.99 31.01
CA LYS C 32 -55.73 -29.37 32.34
C LYS C 32 -57.09 -29.57 32.99
N LYS C 33 -58.16 -29.74 32.21
CA LYS C 33 -59.41 -30.22 32.76
C LYS C 33 -59.65 -31.67 32.37
N GLN C 34 -58.58 -32.45 32.35
CA GLN C 34 -58.66 -33.91 32.29
C GLN C 34 -57.88 -34.46 33.49
N THR C 35 -58.55 -34.51 34.63
CA THR C 35 -57.90 -34.87 35.87
C THR C 35 -57.73 -36.39 35.95
N SER C 36 -56.53 -36.81 36.38
CA SER C 36 -55.99 -38.18 36.45
C SER C 36 -55.76 -38.82 35.08
N PHE C 37 -56.10 -38.06 34.04
CA PHE C 37 -55.91 -38.42 32.65
C PHE C 37 -56.35 -39.80 32.16
N PRO C 38 -57.66 -40.05 32.15
CA PRO C 38 -58.15 -41.32 31.62
C PRO C 38 -58.41 -41.23 30.14
N LEU C 39 -57.93 -40.16 29.52
CA LEU C 39 -58.21 -39.91 28.12
C LEU C 39 -57.31 -40.77 27.24
N ILE C 40 -57.87 -41.20 26.11
CA ILE C 40 -57.21 -42.14 25.22
C ILE C 40 -56.90 -41.40 23.93
N VAL C 41 -55.70 -41.62 23.39
CA VAL C 41 -55.32 -41.10 22.09
C VAL C 41 -55.20 -42.27 21.12
N ASP C 42 -56.18 -42.39 20.22
CA ASP C 42 -56.17 -43.42 19.19
C ASP C 42 -55.25 -42.96 18.07
N LEU C 43 -54.08 -43.59 18.00
CA LEU C 43 -53.08 -43.24 17.01
C LEU C 43 -53.16 -44.02 15.70
N LYS C 44 -54.05 -45.01 15.61
CA LYS C 44 -54.11 -45.75 14.35
C LYS C 44 -54.94 -44.98 13.34
N GLN C 45 -55.52 -43.86 13.76
CA GLN C 45 -56.10 -42.87 12.87
C GLN C 45 -55.05 -41.90 12.35
N LEU C 46 -53.84 -41.97 12.90
CA LEU C 46 -52.69 -41.13 12.58
C LEU C 46 -52.32 -41.17 11.10
N GLU C 47 -51.97 -42.37 10.62
CA GLU C 47 -51.73 -42.76 9.22
C GLU C 47 -50.67 -41.94 8.48
N HIS C 48 -49.93 -41.06 9.15
CA HIS C 48 -48.79 -40.41 8.52
C HIS C 48 -47.66 -40.23 9.53
N GLY C 49 -47.33 -41.29 10.26
CA GLY C 49 -46.26 -41.26 11.23
C GLY C 49 -44.89 -41.07 10.61
N ASN C 50 -44.27 -39.92 10.93
CA ASN C 50 -43.05 -39.52 10.25
C ASN C 50 -42.03 -38.79 11.13
N THR C 51 -41.94 -39.15 12.42
CA THR C 51 -41.13 -38.57 13.51
C THR C 51 -41.67 -37.21 13.96
N LEU C 52 -42.64 -36.66 13.23
CA LEU C 52 -43.38 -35.48 13.67
C LEU C 52 -44.62 -35.97 14.39
N ALA C 53 -44.95 -37.23 14.15
CA ALA C 53 -45.94 -37.91 14.98
C ALA C 53 -45.36 -38.21 16.36
N LEU C 54 -44.04 -38.19 16.49
CA LEU C 54 -43.43 -38.39 17.79
C LEU C 54 -43.42 -37.10 18.61
N ALA C 55 -43.73 -35.97 17.97
CA ALA C 55 -43.38 -34.68 18.56
C ALA C 55 -44.40 -34.21 19.58
N VAL C 56 -45.61 -33.88 19.13
CA VAL C 56 -46.49 -33.05 19.97
C VAL C 56 -47.22 -33.90 20.99
N LEU C 57 -47.36 -35.19 20.68
CA LEU C 57 -48.02 -36.14 21.55
C LEU C 57 -47.36 -36.16 22.93
N VAL C 58 -46.03 -36.30 22.95
CA VAL C 58 -45.31 -36.34 24.22
C VAL C 58 -45.04 -34.92 24.70
N GLN C 59 -45.31 -33.93 23.83
CA GLN C 59 -45.07 -32.54 24.20
C GLN C 59 -46.16 -32.03 25.13
N TRP C 60 -47.31 -32.70 25.15
CA TRP C 60 -48.27 -32.46 26.22
C TRP C 60 -47.69 -32.91 27.55
N LEU C 61 -47.08 -34.10 27.60
CA LEU C 61 -46.67 -34.70 28.87
C LEU C 61 -45.45 -34.00 29.45
N ARG C 62 -44.71 -33.29 28.59
CA ARG C 62 -43.52 -32.56 29.02
C ARG C 62 -43.77 -31.86 30.35
N GLN C 63 -44.98 -31.37 30.53
CA GLN C 63 -45.35 -30.67 31.75
C GLN C 63 -46.63 -31.26 32.35
N THR C 64 -47.18 -32.27 31.68
CA THR C 64 -48.41 -32.93 32.11
C THR C 64 -48.23 -33.62 33.46
N PRO C 65 -49.11 -34.58 33.77
CA PRO C 65 -49.01 -35.28 35.06
C PRO C 65 -48.18 -36.54 34.91
N GLN C 66 -48.55 -37.56 35.66
CA GLN C 66 -47.86 -38.86 35.63
C GLN C 66 -47.36 -39.20 34.24
N LYS C 67 -46.16 -39.76 34.18
CA LYS C 67 -45.54 -40.14 32.90
C LYS C 67 -46.22 -41.28 32.15
N SER C 68 -47.13 -42.02 32.79
CA SER C 68 -47.80 -43.09 32.08
C SER C 68 -49.29 -43.03 32.38
N GLY C 69 -49.73 -41.89 32.89
CA GLY C 69 -51.15 -41.67 33.11
C GLY C 69 -51.92 -41.50 31.83
N LEU C 70 -51.41 -40.69 30.91
CA LEU C 70 -52.06 -40.49 29.62
C LEU C 70 -51.84 -41.71 28.74
N HIS C 71 -52.92 -42.17 28.11
CA HIS C 71 -52.96 -43.45 27.42
C HIS C 71 -52.91 -43.28 25.91
N PHE C 72 -52.51 -44.35 25.22
CA PHE C 72 -52.46 -44.44 23.78
C PHE C 72 -52.93 -45.82 23.36
N LYS C 73 -53.32 -46.00 22.10
CA LYS C 73 -53.74 -47.35 21.74
C LYS C 73 -52.60 -48.10 21.05
N ASN C 74 -52.26 -47.70 19.83
CA ASN C 74 -51.48 -48.58 18.96
C ASN C 74 -51.00 -47.87 17.70
N VAL C 75 -49.94 -48.42 17.10
CA VAL C 75 -49.34 -47.85 15.90
C VAL C 75 -50.27 -48.10 14.70
N PRO C 76 -50.23 -47.27 13.67
CA PRO C 76 -50.96 -47.61 12.45
C PRO C 76 -50.10 -48.38 11.46
N GLU C 77 -49.54 -49.50 11.94
CA GLU C 77 -48.90 -50.59 11.20
C GLU C 77 -47.72 -50.14 10.31
N LYS C 78 -47.30 -48.90 10.46
CA LYS C 78 -46.14 -48.37 9.74
C LYS C 78 -45.21 -47.68 10.72
N MET C 79 -45.78 -47.15 11.80
CA MET C 79 -45.02 -46.44 12.81
C MET C 79 -44.14 -47.36 13.62
N LEU C 80 -44.53 -48.63 13.67
CA LEU C 80 -43.76 -49.64 14.37
C LEU C 80 -42.44 -49.86 13.63
N LYS C 81 -42.49 -49.78 12.30
CA LYS C 81 -41.28 -49.96 11.50
C LYS C 81 -40.24 -48.90 11.83
N ILE C 82 -40.66 -47.75 12.36
CA ILE C 82 -39.74 -46.77 12.86
C ILE C 82 -39.19 -47.17 14.24
N ILE C 83 -39.91 -48.02 14.96
CA ILE C 83 -39.58 -48.29 16.36
C ILE C 83 -38.28 -49.08 16.49
N GLN C 84 -38.13 -50.17 15.74
CA GLN C 84 -36.85 -50.88 15.85
C GLN C 84 -35.81 -50.21 14.96
N ALA C 85 -36.23 -49.33 14.06
CA ALA C 85 -35.30 -48.45 13.37
C ALA C 85 -34.64 -47.47 14.34
N CYS C 86 -35.29 -47.20 15.46
CA CYS C 86 -34.66 -46.57 16.61
C CYS C 86 -34.40 -47.55 17.74
N HIS C 87 -34.44 -48.86 17.44
CA HIS C 87 -34.11 -49.95 18.35
C HIS C 87 -35.02 -49.97 19.59
N LEU C 88 -36.24 -49.50 19.44
CA LEU C 88 -37.02 -49.13 20.62
C LEU C 88 -37.82 -50.31 21.16
N GLN C 89 -38.02 -50.28 22.47
CA GLN C 89 -38.79 -51.25 23.24
C GLN C 89 -40.25 -50.79 23.41
N GLU C 90 -40.94 -51.38 24.36
CA GLU C 90 -42.17 -50.82 24.92
C GLU C 90 -41.92 -49.37 25.34
N ASP C 91 -42.55 -48.44 24.64
CA ASP C 91 -42.37 -47.04 24.98
C ASP C 91 -43.69 -46.43 25.42
N LEU C 92 -44.68 -46.49 24.54
CA LEU C 92 -45.98 -45.90 24.81
C LEU C 92 -46.97 -46.99 25.17
N HIS C 93 -48.20 -46.58 25.49
CA HIS C 93 -49.27 -47.52 25.77
C HIS C 93 -49.61 -48.32 24.52
N LEU C 94 -49.64 -49.64 24.66
CA LEU C 94 -49.84 -50.54 23.52
C LEU C 94 -51.20 -51.22 23.60
N VAL C 95 -52.22 -50.41 23.87
CA VAL C 95 -53.60 -50.88 23.95
C VAL C 95 -54.10 -51.29 22.57
N MET D 1 -10.95 -13.88 33.97
CA MET D 1 -10.25 -15.07 34.46
C MET D 1 -10.27 -16.18 33.41
N ASN D 2 -11.48 -16.59 33.03
CA ASN D 2 -11.64 -17.66 32.03
C ASN D 2 -11.09 -17.23 30.67
N THR D 3 -11.76 -16.27 30.05
CA THR D 3 -11.35 -15.76 28.75
C THR D 3 -9.92 -15.25 28.80
N ILE D 4 -9.54 -14.65 29.92
CA ILE D 4 -8.19 -14.11 30.09
C ILE D 4 -7.14 -15.22 30.00
N ALA D 5 -7.35 -16.28 30.79
CA ALA D 5 -6.43 -17.40 30.78
C ALA D 5 -6.42 -18.02 29.38
N TRP D 6 -7.57 -18.01 28.73
CA TRP D 6 -7.70 -18.55 27.39
C TRP D 6 -6.76 -17.81 26.44
N LEU D 7 -6.87 -16.49 26.45
CA LEU D 7 -6.03 -15.64 25.60
C LEU D 7 -4.56 -15.84 25.95
N GLY D 8 -4.28 -16.06 27.23
CA GLY D 8 -2.91 -16.28 27.67
C GLY D 8 -2.35 -17.52 27.00
N ARG D 9 -3.10 -18.61 27.11
CA ARG D 9 -2.71 -19.86 26.51
C ARG D 9 -2.50 -19.64 25.02
N LEU D 10 -3.41 -18.89 24.41
CA LEU D 10 -3.33 -18.58 23.00
C LEU D 10 -1.96 -17.98 22.66
N VAL D 11 -1.64 -16.87 23.31
CA VAL D 11 -0.38 -16.20 23.09
C VAL D 11 0.80 -17.15 23.26
N ILE D 12 0.78 -17.92 24.35
CA ILE D 12 1.87 -18.86 24.60
C ILE D 12 2.06 -19.82 23.43
N GLU D 13 0.98 -20.47 23.01
CA GLU D 13 1.04 -21.42 21.90
C GLU D 13 1.57 -20.74 20.64
N ARG D 14 1.09 -19.53 20.38
CA ARG D 14 1.52 -18.78 19.21
C ARG D 14 3.02 -18.56 19.23
N ILE D 15 3.53 -18.07 20.36
CA ILE D 15 4.97 -17.83 20.47
C ILE D 15 5.74 -19.12 20.29
N ARG D 16 5.22 -20.20 20.86
CA ARG D 16 5.86 -21.50 20.74
C ARG D 16 6.01 -21.85 19.27
N GLY D 17 4.92 -21.74 18.51
CA GLY D 17 4.97 -22.02 17.10
C GLY D 17 6.05 -21.20 16.43
N ILE D 18 5.84 -19.88 16.42
CA ILE D 18 6.80 -18.95 15.84
C ILE D 18 8.19 -19.55 15.91
N GLY D 19 8.63 -19.85 17.13
CA GLY D 19 9.93 -20.43 17.35
C GLY D 19 10.14 -21.59 16.39
N VAL D 20 9.13 -22.45 16.29
CA VAL D 20 9.20 -23.59 15.39
C VAL D 20 9.67 -23.11 14.02
N ALA D 21 8.85 -22.28 13.39
CA ALA D 21 9.17 -21.73 12.08
C ALA D 21 10.62 -21.31 11.95
N ALA D 22 11.26 -20.94 13.06
CA ALA D 22 12.70 -20.75 13.02
C ALA D 22 13.42 -22.08 12.81
N LEU D 23 13.00 -23.11 13.54
CA LEU D 23 13.59 -24.43 13.39
C LEU D 23 13.34 -25.04 12.04
N MET D 24 12.25 -24.64 11.38
CA MET D 24 12.09 -25.04 9.99
C MET D 24 13.08 -24.32 9.10
N LEU D 25 13.34 -23.05 9.38
CA LEU D 25 14.03 -22.19 8.43
C LEU D 25 15.49 -22.57 8.26
N LEU D 26 16.14 -23.02 9.33
CA LEU D 26 17.49 -23.53 9.17
C LEU D 26 17.52 -24.81 8.36
N GLN D 27 16.49 -25.63 8.48
CA GLN D 27 16.49 -26.93 7.84
C GLN D 27 16.25 -26.83 6.35
N ILE D 28 15.81 -25.68 5.85
CA ILE D 28 15.65 -25.49 4.42
C ILE D 28 16.94 -25.01 3.79
N ILE D 29 17.60 -24.04 4.42
CA ILE D 29 18.76 -23.42 3.78
C ILE D 29 20.06 -24.15 4.05
N PHE D 30 20.15 -24.93 5.12
CA PHE D 30 21.39 -25.61 5.47
C PHE D 30 21.37 -27.01 4.90
N SER D 31 21.27 -27.08 3.57
CA SER D 31 21.41 -28.31 2.80
C SER D 31 21.62 -27.91 1.35
N LEU D 32 22.41 -28.67 0.60
CA LEU D 32 22.67 -28.29 -0.78
C LEU D 32 21.60 -28.89 -1.69
N PRO D 33 20.87 -28.05 -2.44
CA PRO D 33 19.84 -28.58 -3.33
C PRO D 33 20.45 -29.38 -4.46
N SER D 34 19.67 -30.33 -4.97
CA SER D 34 20.12 -31.29 -5.95
C SER D 34 19.87 -30.75 -7.34
N ALA D 35 20.10 -31.61 -8.34
CA ALA D 35 19.70 -31.32 -9.71
C ALA D 35 18.18 -31.31 -9.81
N GLY D 36 17.64 -30.56 -10.75
CA GLY D 36 16.22 -30.37 -10.84
C GLY D 36 15.68 -29.28 -9.95
N GLY D 37 16.49 -28.74 -9.05
CA GLY D 37 16.05 -27.62 -8.24
C GLY D 37 15.94 -26.33 -9.00
N PHE D 38 16.86 -26.07 -9.91
CA PHE D 38 16.85 -24.82 -10.65
C PHE D 38 15.69 -24.77 -11.63
N GLY D 39 15.23 -25.92 -12.11
CA GLY D 39 14.14 -25.94 -13.07
C GLY D 39 12.82 -25.54 -12.45
N ARG D 40 12.59 -25.94 -11.20
CA ARG D 40 11.42 -25.47 -10.48
C ARG D 40 11.63 -24.04 -10.00
N PHE D 41 12.89 -23.68 -9.77
CA PHE D 41 13.24 -22.34 -9.30
C PHE D 41 12.91 -21.30 -10.35
N VAL D 42 13.13 -21.64 -11.62
CA VAL D 42 12.77 -20.75 -12.71
C VAL D 42 11.26 -20.64 -12.79
N TYR D 43 10.55 -21.75 -12.61
CA TYR D 43 9.10 -21.74 -12.72
C TYR D 43 8.47 -20.98 -11.55
N GLN D 44 9.16 -20.92 -10.42
CA GLN D 44 8.63 -20.13 -9.32
C GLN D 44 8.77 -18.64 -9.60
N MET D 45 9.84 -18.25 -10.27
CA MET D 45 10.01 -16.89 -10.75
C MET D 45 8.93 -16.58 -11.76
N HIS D 46 8.65 -17.56 -12.62
CA HIS D 46 7.54 -17.53 -13.57
C HIS D 46 6.23 -17.41 -12.81
N ARG D 47 6.16 -18.04 -11.64
CA ARG D 47 4.95 -17.99 -10.83
C ARG D 47 4.87 -16.74 -9.97
N VAL D 48 5.94 -16.42 -9.24
CA VAL D 48 5.86 -15.31 -8.28
C VAL D 48 6.17 -13.99 -8.97
N GLY D 49 7.36 -13.86 -9.52
CA GLY D 49 7.81 -12.58 -10.01
C GLY D 49 7.16 -12.07 -11.27
N VAL D 50 7.20 -12.87 -12.32
CA VAL D 50 6.73 -12.45 -13.64
C VAL D 50 5.24 -12.16 -13.61
N MET D 51 4.51 -12.93 -12.79
CA MET D 51 3.09 -12.65 -12.63
C MET D 51 2.87 -11.40 -11.80
N SER D 52 3.82 -11.07 -10.91
CA SER D 52 3.63 -9.89 -10.06
C SER D 52 4.01 -8.60 -10.75
N LEU D 53 4.56 -8.67 -11.95
CA LEU D 53 5.16 -7.53 -12.62
C LEU D 53 4.14 -6.52 -13.08
N LEU D 54 2.97 -7.01 -13.51
CA LEU D 54 1.97 -6.14 -14.15
C LEU D 54 1.28 -5.23 -13.15
N ILE D 55 1.46 -5.49 -11.86
CA ILE D 55 0.73 -4.73 -10.84
C ILE D 55 1.51 -3.49 -10.47
N ILE D 56 2.79 -3.68 -10.16
CA ILE D 56 3.56 -2.64 -9.47
C ILE D 56 3.96 -1.52 -10.42
N THR D 57 3.78 -1.72 -11.72
CA THR D 57 3.95 -0.61 -12.65
C THR D 57 2.83 0.40 -12.49
N VAL D 58 1.59 -0.07 -12.35
CA VAL D 58 0.44 0.80 -12.30
C VAL D 58 0.41 1.55 -10.99
N SER D 59 0.66 0.86 -9.89
CA SER D 59 0.78 1.56 -8.62
C SER D 59 2.11 2.30 -8.52
N GLY D 60 3.07 1.95 -9.37
CA GLY D 60 4.27 2.77 -9.49
C GLY D 60 4.00 4.05 -10.22
N LEU D 61 3.21 3.97 -11.29
CA LEU D 61 2.87 5.15 -12.08
C LEU D 61 2.01 6.10 -11.27
N PHE D 62 1.23 5.56 -10.35
CA PHE D 62 0.24 6.35 -9.65
C PHE D 62 0.88 7.31 -8.65
N ILE D 63 1.72 6.79 -7.77
CA ILE D 63 2.10 7.53 -6.56
C ILE D 63 3.01 8.71 -6.89
N GLY D 64 3.76 8.62 -7.98
CA GLY D 64 4.54 9.74 -8.44
C GLY D 64 3.67 10.81 -9.04
N LEU D 65 2.58 10.39 -9.69
CA LEU D 65 1.64 11.35 -10.27
C LEU D 65 0.94 12.14 -9.18
N VAL D 66 0.84 11.57 -7.98
CA VAL D 66 0.17 12.25 -6.89
C VAL D 66 1.15 13.10 -6.08
N LEU D 67 2.33 12.57 -5.78
CA LEU D 67 3.22 13.24 -4.82
C LEU D 67 3.84 14.49 -5.42
N GLY D 68 4.02 14.53 -6.74
CA GLY D 68 4.52 15.73 -7.36
C GLY D 68 3.40 16.67 -7.79
N LEU D 69 2.16 16.30 -7.51
CA LEU D 69 1.00 17.08 -7.92
C LEU D 69 0.61 18.09 -6.86
N GLN D 70 0.80 17.76 -5.59
CA GLN D 70 0.13 18.50 -4.54
C GLN D 70 1.09 19.28 -3.67
N GLY D 71 2.28 18.74 -3.42
CA GLY D 71 3.24 19.48 -2.60
C GLY D 71 3.79 20.70 -3.30
N TYR D 72 3.92 20.62 -4.63
CA TYR D 72 4.44 21.73 -5.42
C TYR D 72 3.54 22.94 -5.33
N SER D 73 2.22 22.74 -5.37
CA SER D 73 1.27 23.85 -5.42
C SER D 73 1.30 24.66 -4.15
N ILE D 74 1.77 24.08 -3.05
CA ILE D 74 2.02 24.86 -1.85
C ILE D 74 3.46 25.36 -1.85
N LEU D 75 4.37 24.61 -2.47
CA LEU D 75 5.78 24.97 -2.49
C LEU D 75 6.10 26.07 -3.50
N VAL D 76 5.32 26.17 -4.58
CA VAL D 76 5.55 27.18 -5.61
C VAL D 76 5.38 28.59 -5.09
N ASN D 77 4.64 28.77 -4.00
CA ASN D 77 4.32 30.07 -3.48
C ASN D 77 5.52 30.81 -2.90
N VAL D 78 6.60 30.11 -2.53
CA VAL D 78 7.73 30.86 -2.00
C VAL D 78 8.81 31.08 -3.06
N GLY D 79 9.57 30.04 -3.39
CA GLY D 79 10.56 30.16 -4.45
C GLY D 79 10.93 28.88 -5.15
N SER D 80 10.26 27.78 -4.83
CA SER D 80 10.82 26.47 -5.14
C SER D 80 9.86 25.64 -6.00
N GLU D 81 10.24 25.51 -7.26
CA GLU D 81 9.71 24.48 -8.14
C GLU D 81 10.83 23.59 -8.63
N SER D 82 12.06 23.94 -8.28
CA SER D 82 13.24 23.18 -8.65
C SER D 82 13.54 22.06 -7.68
N MET D 83 13.04 22.14 -6.46
CA MET D 83 13.17 21.07 -5.49
C MET D 83 12.04 20.05 -5.60
N LEU D 84 11.27 20.11 -6.69
CA LEU D 84 10.26 19.10 -6.95
C LEU D 84 10.89 17.74 -7.21
N GLY D 85 12.00 17.72 -7.95
CA GLY D 85 12.65 16.47 -8.26
C GLY D 85 13.33 15.82 -7.08
N THR D 86 13.67 16.61 -6.06
CA THR D 86 14.29 16.03 -4.88
C THR D 86 13.27 15.35 -3.98
N MET D 87 12.15 16.02 -3.69
CA MET D 87 11.18 15.48 -2.77
C MET D 87 10.47 14.25 -3.30
N VAL D 88 10.32 14.13 -4.61
CA VAL D 88 9.76 12.90 -5.18
C VAL D 88 10.75 11.76 -5.07
N SER D 89 12.04 12.06 -5.28
CA SER D 89 13.03 10.98 -5.25
C SER D 89 13.31 10.50 -3.85
N LEU D 90 13.60 11.42 -2.93
CA LEU D 90 14.06 11.02 -1.61
C LEU D 90 12.94 10.50 -0.71
N THR D 91 11.68 10.65 -1.08
CA THR D 91 10.68 9.93 -0.30
C THR D 91 10.31 8.59 -0.92
N LEU D 92 10.38 8.47 -2.24
CA LEU D 92 10.20 7.15 -2.81
C LEU D 92 11.37 6.24 -2.47
N LEU D 93 12.60 6.72 -2.65
CA LEU D 93 13.75 5.86 -2.51
C LEU D 93 14.08 5.43 -1.09
N ARG D 94 14.05 6.34 -0.12
CA ARG D 94 14.45 5.88 1.20
C ARG D 94 13.24 5.57 2.07
N GLU D 95 12.02 5.84 1.60
CA GLU D 95 10.89 5.60 2.48
C GLU D 95 9.79 4.68 1.97
N LEU D 96 9.36 4.85 0.72
CA LEU D 96 8.15 4.13 0.30
C LEU D 96 8.45 2.89 -0.54
N ALA D 97 9.41 2.97 -1.44
CA ALA D 97 9.77 1.81 -2.24
C ALA D 97 10.31 0.61 -1.44
N PRO D 98 10.81 0.76 -0.20
CA PRO D 98 10.84 -0.42 0.65
C PRO D 98 9.47 -0.84 1.17
N VAL D 99 8.67 0.10 1.67
CA VAL D 99 7.47 -0.25 2.40
C VAL D 99 6.32 -0.61 1.47
N VAL D 100 5.97 0.27 0.53
CA VAL D 100 4.74 0.04 -0.21
C VAL D 100 4.95 -1.01 -1.29
N ALA D 101 6.20 -1.35 -1.59
CA ALA D 101 6.42 -2.44 -2.53
C ALA D 101 6.07 -3.79 -1.93
N ALA D 102 6.31 -3.96 -0.63
CA ALA D 102 6.03 -5.24 0.00
C ALA D 102 4.55 -5.47 0.22
N LEU D 103 3.81 -4.42 0.59
CA LEU D 103 2.41 -4.57 0.89
C LEU D 103 1.58 -4.87 -0.33
N LEU D 104 2.08 -4.55 -1.52
CA LEU D 104 1.47 -5.12 -2.71
C LEU D 104 2.00 -6.51 -3.01
N PHE D 105 3.23 -6.80 -2.58
CA PHE D 105 3.76 -8.14 -2.80
C PHE D 105 3.23 -9.14 -1.80
N ALA D 106 3.03 -8.72 -0.55
CA ALA D 106 2.39 -9.56 0.45
C ALA D 106 0.93 -9.77 0.10
N GLY D 107 0.36 -8.85 -0.67
CA GLY D 107 -0.97 -9.02 -1.18
C GLY D 107 -1.07 -10.13 -2.20
N ARG D 108 -0.32 -10.02 -3.29
CA ARG D 108 -0.45 -11.03 -4.32
C ARG D 108 0.26 -12.30 -3.94
N ALA D 109 1.59 -12.24 -3.86
CA ALA D 109 2.34 -13.48 -3.76
C ALA D 109 2.54 -13.86 -2.32
N GLY D 110 2.24 -12.96 -1.39
CA GLY D 110 2.22 -13.35 0.00
C GLY D 110 1.05 -14.24 0.34
N SER D 111 0.05 -14.27 -0.54
CA SER D 111 -1.07 -15.19 -0.40
C SER D 111 -0.82 -16.47 -1.19
N ALA D 112 -0.36 -16.33 -2.43
CA ALA D 112 -0.30 -17.48 -3.34
C ALA D 112 0.84 -18.42 -3.00
N LEU D 113 1.63 -18.09 -1.98
CA LEU D 113 2.53 -19.08 -1.42
C LEU D 113 1.83 -19.87 -0.32
N THR D 114 0.83 -19.27 0.31
CA THR D 114 0.10 -19.98 1.35
C THR D 114 -0.96 -20.89 0.75
N ALA D 115 -1.81 -20.35 -0.13
CA ALA D 115 -2.93 -21.12 -0.64
C ALA D 115 -2.48 -22.21 -1.61
N GLU D 116 -1.31 -22.06 -2.22
CA GLU D 116 -0.74 -23.15 -3.00
C GLU D 116 -0.22 -24.24 -2.09
N ILE D 117 0.12 -23.89 -0.86
CA ILE D 117 0.51 -24.92 0.09
C ILE D 117 -0.67 -25.26 0.99
N GLY D 118 -1.66 -24.35 1.09
CA GLY D 118 -2.95 -24.74 1.64
C GLY D 118 -3.76 -25.60 0.68
N SER D 119 -3.38 -25.60 -0.59
CA SER D 119 -3.80 -26.63 -1.53
C SER D 119 -3.38 -28.02 -1.10
N MET D 120 -2.08 -28.25 -0.94
CA MET D 120 -1.60 -29.61 -0.80
C MET D 120 -1.84 -30.17 0.61
N LYS D 121 -2.42 -29.36 1.50
CA LYS D 121 -2.70 -29.84 2.84
C LYS D 121 -4.12 -30.40 2.96
N GLN D 122 -5.05 -29.90 2.16
CA GLN D 122 -6.44 -30.32 2.34
C GLN D 122 -6.74 -31.63 1.64
N SER D 123 -6.19 -31.85 0.47
CA SER D 123 -6.38 -33.12 -0.22
C SER D 123 -5.27 -34.11 0.07
N GLU D 124 -4.53 -33.92 1.16
CA GLU D 124 -3.36 -34.70 1.56
C GLU D 124 -2.32 -34.79 0.45
N GLN D 125 -2.21 -33.78 -0.39
CA GLN D 125 -1.19 -33.80 -1.42
C GLN D 125 0.16 -33.42 -0.85
N LEU D 126 0.17 -32.95 0.40
CA LEU D 126 1.42 -32.95 1.15
C LEU D 126 1.74 -34.35 1.63
N ALA D 127 0.76 -35.04 2.21
CA ALA D 127 1.03 -36.27 2.94
C ALA D 127 1.43 -37.41 2.01
N SER D 128 0.86 -37.41 0.82
CA SER D 128 1.19 -38.37 -0.23
C SER D 128 2.63 -38.20 -0.69
N MET D 129 3.11 -36.95 -0.70
CA MET D 129 4.48 -36.67 -1.11
C MET D 129 5.48 -37.29 -0.15
N GLU D 130 5.20 -37.19 1.15
CA GLU D 130 6.07 -37.81 2.12
C GLU D 130 5.96 -39.32 2.03
N MET D 131 4.76 -39.80 1.69
CA MET D 131 4.51 -41.23 1.73
C MET D 131 5.19 -41.94 0.57
N ILE D 132 5.13 -41.35 -0.63
CA ILE D 132 5.91 -41.80 -1.77
C ILE D 132 7.38 -41.61 -1.42
N GLY D 133 7.65 -40.51 -0.76
CA GLY D 133 8.98 -40.23 -0.29
C GLY D 133 9.61 -39.20 -1.18
N VAL D 134 9.43 -37.94 -0.77
CA VAL D 134 10.32 -36.83 -1.06
C VAL D 134 10.39 -36.11 0.28
N ASP D 135 11.05 -34.99 0.33
CA ASP D 135 10.76 -34.11 1.44
C ASP D 135 10.32 -32.78 0.87
N PRO D 136 9.09 -32.35 1.17
CA PRO D 136 8.57 -31.10 0.60
C PRO D 136 9.35 -29.88 1.05
N LEU D 137 10.05 -29.98 2.18
CA LEU D 137 10.96 -28.92 2.60
C LEU D 137 12.11 -28.78 1.62
N LYS D 138 12.46 -29.86 0.92
CA LYS D 138 13.37 -29.71 -0.19
C LYS D 138 12.62 -29.50 -1.49
N GLN D 139 11.42 -30.06 -1.60
CA GLN D 139 10.78 -30.13 -2.92
C GLN D 139 9.94 -28.92 -3.23
N ILE D 140 9.01 -28.56 -2.37
CA ILE D 140 8.00 -27.56 -2.68
C ILE D 140 8.18 -26.31 -1.81
N VAL D 141 9.11 -26.36 -0.87
CA VAL D 141 9.38 -25.19 -0.04
C VAL D 141 10.60 -24.43 -0.55
N SER D 142 11.72 -25.11 -0.67
CA SER D 142 12.97 -24.42 -1.02
C SER D 142 12.99 -23.76 -2.39
N PRO D 143 12.39 -24.28 -3.46
CA PRO D 143 12.30 -23.45 -4.68
C PRO D 143 11.27 -22.36 -4.56
N ARG D 144 10.36 -22.45 -3.61
CA ARG D 144 9.43 -21.36 -3.40
C ARG D 144 10.06 -20.23 -2.61
N LEU D 145 10.85 -20.56 -1.59
CA LEU D 145 11.47 -19.57 -0.74
C LEU D 145 12.58 -18.83 -1.46
N TRP D 146 13.31 -19.51 -2.33
CA TRP D 146 14.44 -18.88 -2.98
C TRP D 146 13.99 -17.96 -4.11
N ALA D 147 12.79 -18.16 -4.62
CA ALA D 147 12.26 -17.20 -5.58
C ALA D 147 11.72 -15.98 -4.87
N GLY D 148 11.18 -16.18 -3.68
CA GLY D 148 10.61 -15.08 -2.92
C GLY D 148 11.65 -14.10 -2.43
N ILE D 149 12.85 -14.59 -2.14
CA ILE D 149 13.93 -13.73 -1.70
C ILE D 149 14.40 -12.89 -2.88
N VAL D 150 14.62 -13.53 -4.01
CA VAL D 150 15.23 -12.88 -5.17
C VAL D 150 14.28 -11.88 -5.81
N SER D 151 13.02 -12.26 -5.97
CA SER D 151 12.15 -11.50 -6.87
C SER D 151 11.65 -10.20 -6.26
N LEU D 152 11.80 -10.01 -4.96
CA LEU D 152 11.28 -8.72 -4.48
C LEU D 152 12.23 -7.55 -4.72
N PRO D 153 13.56 -7.64 -4.48
CA PRO D 153 14.40 -6.52 -4.90
C PRO D 153 14.50 -6.37 -6.40
N MET D 154 14.04 -7.39 -7.12
CA MET D 154 14.00 -7.34 -8.56
C MET D 154 12.75 -6.55 -9.00
N LEU D 155 11.82 -6.31 -8.06
CA LEU D 155 10.62 -5.57 -8.40
C LEU D 155 10.64 -4.15 -7.84
N THR D 156 11.15 -3.97 -6.63
CA THR D 156 11.01 -2.67 -5.95
C THR D 156 11.90 -1.61 -6.60
N VAL D 157 12.95 -2.03 -7.29
CA VAL D 157 13.67 -1.11 -8.15
C VAL D 157 12.83 -0.78 -9.36
N ILE D 158 12.23 -1.82 -9.95
CA ILE D 158 11.38 -1.65 -11.11
C ILE D 158 10.23 -0.73 -10.73
N PHE D 159 9.73 -0.89 -9.51
CA PHE D 159 8.64 -0.07 -9.02
C PHE D 159 9.02 1.41 -8.98
N ALA D 160 10.15 1.73 -8.33
CA ALA D 160 10.49 3.13 -8.11
C ALA D 160 11.02 3.79 -9.37
N ALA D 161 11.45 3.01 -10.34
CA ALA D 161 11.91 3.58 -11.60
C ALA D 161 10.75 4.18 -12.37
N ILE D 162 9.64 3.47 -12.45
CA ILE D 162 8.44 4.05 -13.03
C ILE D 162 7.81 5.02 -12.04
N GLY D 163 8.13 4.86 -10.76
CA GLY D 163 7.66 5.81 -9.75
C GLY D 163 8.19 7.21 -9.96
N ILE D 164 9.46 7.33 -10.30
CA ILE D 164 10.03 8.65 -10.59
C ILE D 164 9.64 9.10 -11.97
N VAL D 165 9.67 8.18 -12.95
CA VAL D 165 9.38 8.54 -14.33
C VAL D 165 7.89 8.86 -14.49
N GLY D 166 7.07 8.40 -13.55
CA GLY D 166 5.68 8.81 -13.54
C GLY D 166 5.52 10.28 -13.19
N GLY D 167 6.23 10.74 -12.15
CA GLY D 167 6.11 12.12 -11.72
C GLY D 167 6.72 13.12 -12.68
N LYS D 168 7.59 12.65 -13.56
CA LYS D 168 8.07 13.49 -14.65
C LYS D 168 6.94 13.79 -15.63
N LEU D 169 6.03 12.83 -15.81
CA LEU D 169 4.98 12.99 -16.81
C LEU D 169 3.97 14.03 -16.36
N VAL D 170 3.78 14.22 -15.07
CA VAL D 170 2.86 15.27 -14.65
C VAL D 170 3.56 16.62 -14.67
N GLY D 171 4.87 16.62 -14.47
CA GLY D 171 5.59 17.86 -14.31
C GLY D 171 5.85 18.57 -15.62
N VAL D 172 6.58 17.90 -16.50
CA VAL D 172 7.06 18.59 -17.70
C VAL D 172 5.99 18.57 -18.78
N ASP D 173 5.07 17.61 -18.72
CA ASP D 173 4.05 17.54 -19.76
C ASP D 173 2.76 18.22 -19.37
N PHE D 174 2.57 18.57 -18.11
CA PHE D 174 1.35 19.28 -17.76
C PHE D 174 1.59 20.50 -16.89
N LEU D 175 2.56 20.45 -15.99
CA LEU D 175 2.83 21.62 -15.17
C LEU D 175 3.90 22.52 -15.76
N GLY D 176 4.50 22.13 -16.87
CA GLY D 176 5.45 22.96 -17.58
C GLY D 176 6.75 23.23 -16.85
N VAL D 177 7.19 22.32 -15.99
CA VAL D 177 8.39 22.55 -15.20
C VAL D 177 9.64 22.39 -16.07
N ASP D 178 10.70 23.11 -15.73
CA ASP D 178 11.99 23.03 -16.40
C ASP D 178 12.62 21.65 -16.22
N GLU D 179 13.07 21.08 -17.33
CA GLU D 179 13.65 19.73 -17.31
C GLU D 179 15.02 19.72 -16.65
N GLY D 180 15.84 20.74 -16.89
CA GLY D 180 17.18 20.74 -16.36
C GLY D 180 17.23 20.89 -14.85
N SER D 181 16.39 21.77 -14.31
CA SER D 181 16.31 21.92 -12.87
C SER D 181 15.64 20.73 -12.21
N PHE D 182 14.83 19.99 -12.96
CA PHE D 182 14.21 18.78 -12.46
C PHE D 182 15.27 17.73 -12.12
N TRP D 183 16.06 17.33 -13.12
CA TRP D 183 17.01 16.24 -12.93
C TRP D 183 18.20 16.66 -12.07
N SER D 184 18.74 17.86 -12.31
CA SER D 184 19.88 18.32 -11.53
C SER D 184 19.49 18.70 -10.12
N GLY D 185 18.18 18.83 -9.84
CA GLY D 185 17.74 18.81 -8.47
C GLY D 185 18.02 17.48 -7.81
N MET D 186 17.86 16.39 -8.55
CA MET D 186 18.08 15.07 -7.97
C MET D 186 19.57 14.74 -7.86
N GLN D 187 20.29 14.97 -8.95
CA GLN D 187 21.72 14.65 -9.05
C GLN D 187 22.59 15.19 -7.92
N ASN D 188 22.21 16.33 -7.36
CA ASN D 188 22.99 16.93 -6.30
C ASN D 188 22.62 16.37 -4.94
N ASN D 189 21.39 15.91 -4.78
CA ASN D 189 20.87 15.56 -3.47
C ASN D 189 20.76 14.05 -3.25
N VAL D 190 20.71 13.26 -4.30
CA VAL D 190 20.50 11.82 -4.20
C VAL D 190 21.82 11.15 -4.55
N GLN D 191 22.57 10.76 -3.54
CA GLN D 191 23.76 9.98 -3.82
C GLN D 191 23.36 8.54 -4.09
N PHE D 192 24.26 7.78 -4.69
CA PHE D 192 23.93 6.40 -5.03
C PHE D 192 24.17 5.48 -3.85
N GLY D 193 25.33 5.60 -3.22
CA GLY D 193 25.72 4.61 -2.23
C GLY D 193 24.99 4.77 -0.90
N HIS D 194 24.29 5.89 -0.72
CA HIS D 194 23.62 6.09 0.55
C HIS D 194 22.11 5.98 0.42
N ASP D 195 21.55 6.12 -0.77
CA ASP D 195 20.11 6.05 -0.93
C ASP D 195 19.64 4.82 -1.69
N VAL D 196 20.13 4.63 -2.91
CA VAL D 196 19.60 3.55 -3.73
C VAL D 196 20.15 2.21 -3.26
N VAL D 197 21.41 2.18 -2.84
CA VAL D 197 21.95 0.97 -2.24
C VAL D 197 21.28 0.68 -0.91
N ASN D 198 21.08 1.70 -0.08
CA ASN D 198 20.43 1.44 1.19
C ASN D 198 18.91 1.42 1.06
N GLY D 199 18.37 1.62 -0.15
CA GLY D 199 16.99 1.27 -0.40
C GLY D 199 16.84 -0.20 -0.77
N ILE D 200 17.94 -0.84 -1.14
CA ILE D 200 17.93 -2.28 -1.40
C ILE D 200 18.06 -3.07 -0.12
N ILE D 201 18.97 -2.66 0.77
CA ILE D 201 19.20 -3.38 2.01
C ILE D 201 17.97 -3.32 2.90
N LYS D 202 17.11 -2.32 2.73
CA LYS D 202 15.79 -2.39 3.35
C LYS D 202 14.93 -3.43 2.66
N SER D 203 15.02 -3.53 1.34
CA SER D 203 14.11 -4.39 0.62
C SER D 203 14.49 -5.86 0.69
N ILE D 204 15.67 -6.21 1.19
CA ILE D 204 15.97 -7.62 1.34
C ILE D 204 15.31 -8.17 2.60
N VAL D 205 15.49 -7.50 3.73
CA VAL D 205 14.87 -7.98 4.96
C VAL D 205 13.38 -7.69 4.96
N PHE D 206 12.90 -6.88 4.02
CA PHE D 206 11.47 -6.81 3.82
C PHE D 206 10.99 -7.95 2.93
N ALA D 207 11.91 -8.60 2.23
CA ALA D 207 11.52 -9.73 1.40
C ALA D 207 11.61 -11.03 2.16
N LEU D 208 12.52 -11.12 3.12
CA LEU D 208 12.69 -12.39 3.82
C LEU D 208 11.56 -12.61 4.81
N LEU D 209 11.21 -11.60 5.59
CA LEU D 209 10.16 -11.77 6.59
C LEU D 209 8.79 -11.86 5.94
N CYS D 210 8.65 -11.33 4.73
CA CYS D 210 7.38 -11.42 4.06
C CYS D 210 7.16 -12.79 3.43
N THR D 211 8.22 -13.40 2.93
CA THR D 211 8.05 -14.66 2.21
C THR D 211 8.27 -15.88 3.08
N TRP D 212 9.04 -15.78 4.16
CA TRP D 212 9.22 -16.93 5.02
C TRP D 212 7.98 -17.19 5.85
N ILE D 213 7.28 -16.15 6.27
CA ILE D 213 6.01 -16.33 6.96
C ILE D 213 4.98 -16.93 6.02
N ALA D 214 4.95 -16.47 4.77
CA ALA D 214 3.95 -16.93 3.82
C ALA D 214 4.21 -18.36 3.35
N VAL D 215 5.39 -18.90 3.61
CA VAL D 215 5.62 -20.31 3.35
C VAL D 215 5.21 -21.14 4.55
N PHE D 216 5.63 -20.71 5.74
CA PHE D 216 5.39 -21.49 6.95
C PHE D 216 3.90 -21.54 7.30
N GLN D 217 3.21 -20.42 7.19
CA GLN D 217 1.80 -20.38 7.58
C GLN D 217 0.90 -21.13 6.61
N GLY D 218 1.42 -21.52 5.46
CA GLY D 218 0.67 -22.42 4.59
C GLY D 218 1.05 -23.87 4.78
N TYR D 219 2.20 -24.13 5.41
CA TYR D 219 2.63 -25.49 5.61
C TYR D 219 2.05 -26.07 6.88
N ALA D 220 2.29 -25.43 8.02
CA ALA D 220 1.77 -25.94 9.28
C ALA D 220 0.42 -25.31 9.61
N CYS D 221 -0.55 -25.55 8.74
CA CYS D 221 -1.91 -25.16 9.02
C CYS D 221 -2.79 -26.40 8.93
N ASP D 222 -3.89 -26.40 9.68
CA ASP D 222 -4.80 -27.53 9.61
C ASP D 222 -5.60 -27.43 8.33
N PRO D 223 -5.96 -28.57 7.71
CA PRO D 223 -6.52 -28.51 6.36
C PRO D 223 -7.92 -27.96 6.24
N THR D 224 -8.51 -27.48 7.32
CA THR D 224 -9.85 -26.94 7.31
C THR D 224 -9.92 -25.71 6.41
N PRO D 225 -10.83 -25.73 5.44
CA PRO D 225 -10.89 -24.60 4.50
C PRO D 225 -11.64 -23.40 5.03
N GLU D 226 -12.03 -23.41 6.30
CA GLU D 226 -12.34 -22.15 6.95
C GLU D 226 -11.06 -21.53 7.47
N GLY D 227 -10.32 -22.26 8.30
CA GLY D 227 -9.07 -21.77 8.88
C GLY D 227 -7.94 -21.58 7.89
N ILE D 228 -8.16 -21.93 6.63
CA ILE D 228 -7.20 -21.61 5.58
C ILE D 228 -7.25 -20.12 5.28
N ALA D 229 -8.31 -19.44 5.71
CA ALA D 229 -8.41 -18.00 5.56
C ALA D 229 -7.97 -17.27 6.81
N THR D 230 -8.18 -17.86 7.99
CA THR D 230 -7.61 -17.30 9.19
C THR D 230 -6.09 -17.46 9.20
N ALA D 231 -5.59 -18.55 8.62
CA ALA D 231 -4.15 -18.64 8.37
C ALA D 231 -3.72 -17.65 7.29
N MET D 232 -4.64 -17.27 6.40
CA MET D 232 -4.28 -16.33 5.35
C MET D 232 -3.99 -14.94 5.89
N THR D 233 -4.79 -14.48 6.85
CA THR D 233 -4.56 -13.16 7.42
C THR D 233 -3.28 -13.12 8.22
N ARG D 234 -2.96 -14.20 8.93
CA ARG D 234 -1.74 -14.23 9.74
C ARG D 234 -0.48 -14.21 8.88
N THR D 235 -0.60 -14.53 7.59
CA THR D 235 0.48 -14.13 6.68
C THR D 235 0.51 -12.62 6.60
N VAL D 236 -0.62 -12.02 6.20
CA VAL D 236 -0.68 -10.60 5.92
C VAL D 236 -0.51 -9.78 7.18
N VAL D 237 -1.06 -10.24 8.30
CA VAL D 237 -1.01 -9.46 9.54
C VAL D 237 0.42 -9.44 10.07
N TYR D 238 1.05 -10.62 10.12
CA TYR D 238 2.39 -10.68 10.67
C TYR D 238 3.42 -10.15 9.69
N SER D 239 3.11 -10.12 8.40
CA SER D 239 3.98 -9.42 7.47
C SER D 239 3.89 -7.93 7.68
N SER D 240 2.67 -7.40 7.64
CA SER D 240 2.49 -5.95 7.67
C SER D 240 2.83 -5.36 9.03
N LEU D 241 2.76 -6.17 10.09
CA LEU D 241 3.26 -5.68 11.37
C LEU D 241 4.78 -5.65 11.40
N CYS D 242 5.43 -6.54 10.66
CA CYS D 242 6.88 -6.65 10.76
C CYS D 242 7.58 -5.92 9.61
N VAL D 243 6.92 -5.78 8.48
CA VAL D 243 7.48 -4.98 7.39
C VAL D 243 7.35 -3.50 7.73
N LEU D 244 6.45 -3.17 8.65
CA LEU D 244 6.38 -1.81 9.16
C LEU D 244 7.13 -1.70 10.46
N GLY D 245 7.23 -2.78 11.21
CA GLY D 245 7.92 -2.75 12.47
C GLY D 245 9.41 -2.72 12.30
N PHE D 246 9.90 -3.17 11.14
CA PHE D 246 11.34 -3.13 10.90
C PHE D 246 11.74 -2.09 9.88
N ASP D 247 10.86 -1.19 9.51
CA ASP D 247 11.30 0.04 8.89
C ASP D 247 11.93 0.97 9.91
N PHE D 248 11.39 0.94 11.14
CA PHE D 248 11.75 1.96 12.12
C PHE D 248 13.09 1.66 12.77
N VAL D 249 13.55 0.41 12.71
CA VAL D 249 14.92 0.15 13.10
C VAL D 249 15.86 0.39 11.92
N LEU D 250 15.38 0.16 10.69
CA LEU D 250 16.23 0.33 9.53
C LEU D 250 16.40 1.79 9.14
N THR D 251 15.40 2.62 9.43
CA THR D 251 15.59 4.05 9.24
C THR D 251 16.60 4.60 10.24
N ALA D 252 16.65 4.04 11.45
CA ALA D 252 17.49 4.62 12.48
C ALA D 252 18.94 4.19 12.33
N VAL D 253 19.21 3.02 11.76
CA VAL D 253 20.59 2.56 11.64
C VAL D 253 21.26 3.23 10.45
N MET D 254 20.49 3.50 9.40
CA MET D 254 21.06 4.16 8.24
C MET D 254 21.37 5.63 8.51
N PHE D 255 20.39 6.36 9.02
CA PHE D 255 20.57 7.78 9.28
C PHE D 255 19.91 8.14 10.60
N GLY D 256 20.09 9.39 11.02
CA GLY D 256 19.51 9.86 12.26
C GLY D 256 20.57 10.23 13.29
N THR E 10 10.05 -68.03 8.10
CA THR E 10 8.93 -67.10 8.16
C THR E 10 9.38 -65.75 8.66
N GLN E 11 10.55 -65.31 8.18
CA GLN E 11 11.14 -64.03 8.56
C GLN E 11 10.23 -62.90 8.09
N SER E 12 10.10 -61.87 8.93
CA SER E 12 9.18 -60.79 8.68
C SER E 12 9.93 -59.53 8.26
N LEU E 13 9.18 -58.55 7.75
CA LEU E 13 9.73 -57.23 7.51
C LEU E 13 9.41 -56.27 8.65
N ILE E 14 8.12 -56.11 8.95
CA ILE E 14 7.66 -55.18 9.97
C ILE E 14 7.39 -56.00 11.23
N GLU E 15 7.97 -55.57 12.33
CA GLU E 15 7.80 -56.28 13.59
C GLU E 15 7.28 -55.31 14.63
N VAL E 16 5.96 -55.22 14.72
CA VAL E 16 5.30 -54.31 15.65
C VAL E 16 5.42 -54.91 17.03
N LYS E 17 5.99 -54.15 17.96
CA LYS E 17 5.94 -54.52 19.37
C LYS E 17 4.68 -53.86 19.93
N ASN E 18 4.48 -54.00 21.23
CA ASN E 18 3.27 -53.54 21.90
C ASN E 18 3.09 -52.03 21.80
N LEU E 19 1.86 -51.63 21.54
CA LEU E 19 1.52 -50.27 21.13
C LEU E 19 0.38 -49.72 21.97
N SER E 20 0.46 -48.45 22.29
CA SER E 20 -0.71 -47.71 22.74
C SER E 20 -0.81 -46.42 21.94
N PHE E 21 -2.04 -46.02 21.61
CA PHE E 21 -2.22 -44.86 20.75
C PHE E 21 -3.58 -44.20 20.91
N ASN E 22 -3.60 -42.94 21.34
CA ASN E 22 -4.87 -42.25 21.51
C ASN E 22 -4.83 -40.89 20.79
N ARG E 23 -5.36 -40.85 19.57
CA ARG E 23 -5.48 -39.60 18.82
C ARG E 23 -6.93 -39.18 18.67
N GLY E 24 -7.83 -39.84 19.38
CA GLY E 24 -9.20 -39.40 19.43
C GLY E 24 -9.73 -39.60 20.84
N GLU E 25 -8.82 -39.97 21.75
CA GLU E 25 -9.05 -40.22 23.17
C GLU E 25 -10.11 -41.28 23.45
N ARG E 26 -10.37 -42.12 22.47
CA ARG E 26 -11.16 -43.33 22.61
C ARG E 26 -10.21 -44.48 22.90
N VAL E 27 -10.65 -45.71 22.74
CA VAL E 27 -9.73 -46.84 22.79
C VAL E 27 -9.34 -47.19 21.35
N ILE E 28 -8.02 -47.17 21.11
CA ILE E 28 -7.42 -47.45 19.82
C ILE E 28 -6.08 -48.14 20.10
N TYR E 29 -5.93 -49.38 19.60
CA TYR E 29 -4.65 -50.08 19.51
C TYR E 29 -3.87 -50.20 20.81
N ASP E 30 -4.37 -50.96 21.77
CA ASP E 30 -3.70 -50.97 23.06
C ASP E 30 -3.04 -52.30 23.35
N ASN E 31 -1.70 -52.30 23.42
CA ASN E 31 -0.85 -53.48 23.64
C ASN E 31 -1.11 -54.50 22.54
N ILE E 32 -0.80 -54.12 21.30
CA ILE E 32 -1.01 -55.00 20.15
C ILE E 32 0.32 -55.14 19.41
N SER E 33 0.57 -56.34 18.89
CA SER E 33 1.83 -56.67 18.24
C SER E 33 1.55 -57.49 16.99
N LEU E 34 2.06 -57.03 15.85
CA LEU E 34 1.83 -57.67 14.57
C LEU E 34 3.16 -57.98 13.89
N ASN E 35 3.12 -58.95 12.98
CA ASN E 35 4.29 -59.33 12.20
C ASN E 35 3.88 -59.61 10.77
N ILE E 36 4.64 -59.07 9.82
CA ILE E 36 4.31 -59.13 8.41
C ILE E 36 5.37 -59.96 7.71
N ARG E 37 5.04 -61.22 7.41
CA ARG E 37 6.01 -62.13 6.83
C ARG E 37 6.28 -61.78 5.37
N ARG E 38 7.53 -62.01 4.96
CA ARG E 38 8.00 -61.57 3.64
C ARG E 38 7.40 -62.42 2.54
N GLY E 39 6.68 -61.78 1.63
CA GLY E 39 6.12 -62.50 0.50
C GLY E 39 4.75 -63.07 0.80
N GLN E 40 3.88 -62.28 1.42
CA GLN E 40 2.56 -62.76 1.77
C GLN E 40 1.57 -61.61 1.69
N ILE E 41 0.38 -61.87 1.16
CA ILE E 41 -0.65 -60.86 1.07
C ILE E 41 -1.51 -60.88 2.33
N THR E 42 -1.33 -59.89 3.20
CA THR E 42 -2.08 -59.79 4.45
C THR E 42 -3.04 -58.60 4.38
N ALA E 43 -4.32 -58.83 4.68
CA ALA E 43 -5.31 -57.76 4.62
C ALA E 43 -5.76 -57.29 6.01
N ILE E 44 -5.58 -56.01 6.30
CA ILE E 44 -5.97 -55.45 7.59
C ILE E 44 -7.37 -54.83 7.49
N MET E 45 -8.37 -55.65 7.81
CA MET E 45 -9.77 -55.26 7.74
C MET E 45 -10.34 -54.96 9.13
N GLY E 46 -11.50 -55.54 9.43
CA GLY E 46 -12.09 -55.25 10.71
C GLY E 46 -13.16 -54.20 10.59
N PRO E 47 -13.91 -53.99 11.67
CA PRO E 47 -14.98 -52.98 11.65
C PRO E 47 -14.46 -51.56 11.67
N SER E 48 -15.39 -50.61 11.81
CA SER E 48 -15.06 -49.18 11.80
C SER E 48 -14.38 -48.70 13.07
N GLY E 49 -14.09 -49.60 14.02
CA GLY E 49 -13.59 -49.23 15.33
C GLY E 49 -12.09 -49.02 15.39
N THR E 50 -11.45 -48.95 14.23
CA THR E 50 -10.02 -48.75 14.16
C THR E 50 -9.67 -47.64 13.18
N GLY E 51 -8.75 -46.76 13.58
CA GLY E 51 -8.33 -45.65 12.74
C GLY E 51 -8.09 -46.08 11.31
N LYS E 52 -8.66 -45.32 10.38
CA LYS E 52 -8.52 -45.61 8.96
C LYS E 52 -7.07 -45.44 8.51
N THR E 53 -6.38 -46.57 8.30
CA THR E 53 -4.99 -46.54 7.86
C THR E 53 -4.09 -45.96 8.94
N THR E 54 -4.69 -45.58 10.07
CA THR E 54 -3.94 -45.01 11.18
C THR E 54 -2.91 -45.99 11.66
N LEU E 55 -3.17 -47.27 11.50
CA LEU E 55 -2.11 -48.25 11.57
C LEU E 55 -1.07 -48.02 10.49
N LEU E 56 -1.50 -47.72 9.27
CA LEU E 56 -0.54 -47.61 8.19
C LEU E 56 0.20 -46.28 8.22
N ARG E 57 -0.37 -45.26 8.85
CA ARG E 57 0.42 -44.08 9.18
C ARG E 57 1.55 -44.39 10.15
N LEU E 58 1.36 -45.31 11.08
CA LEU E 58 2.42 -45.67 12.01
C LEU E 58 3.56 -46.40 11.32
N ILE E 59 3.25 -47.26 10.34
CA ILE E 59 4.32 -47.92 9.60
C ILE E 59 4.98 -46.92 8.66
N GLY E 60 4.21 -45.94 8.18
CA GLY E 60 4.81 -44.80 7.52
C GLY E 60 5.63 -43.96 8.46
N GLY E 61 5.29 -43.97 9.74
CA GLY E 61 5.98 -43.16 10.71
C GLY E 61 5.49 -41.73 10.75
N GLN E 62 4.23 -41.51 10.40
CA GLN E 62 3.68 -40.17 10.41
C GLN E 62 3.21 -39.83 11.82
N LEU E 63 2.24 -40.56 12.34
CA LEU E 63 1.83 -40.37 13.72
C LEU E 63 2.75 -41.16 14.64
N VAL E 64 2.78 -40.76 15.90
CA VAL E 64 3.78 -41.28 16.83
C VAL E 64 3.20 -42.46 17.60
N PRO E 65 3.94 -43.56 17.69
CA PRO E 65 3.59 -44.63 18.64
C PRO E 65 3.89 -44.14 20.04
N ASP E 66 2.88 -44.13 20.90
CA ASP E 66 3.02 -43.46 22.18
C ASP E 66 3.82 -44.33 23.15
N GLN E 67 3.35 -45.54 23.40
CA GLN E 67 4.21 -46.53 24.05
C GLN E 67 4.50 -47.68 23.11
N GLY E 68 4.53 -47.38 21.82
CA GLY E 68 4.77 -48.38 20.81
C GLY E 68 6.24 -48.64 20.62
N GLU E 69 6.54 -49.59 19.75
CA GLU E 69 7.90 -49.87 19.35
C GLU E 69 7.86 -50.53 17.98
N VAL E 70 8.18 -49.78 16.94
CA VAL E 70 8.16 -50.32 15.59
C VAL E 70 9.59 -50.64 15.16
N LEU E 71 9.80 -51.89 14.79
CA LEU E 71 11.11 -52.36 14.35
C LEU E 71 11.04 -52.71 12.88
N LEU E 72 11.71 -51.92 12.05
CA LEU E 72 11.89 -52.25 10.65
C LEU E 72 13.26 -52.91 10.55
N ASP E 73 13.28 -54.23 10.77
CA ASP E 73 14.47 -55.07 10.78
C ASP E 73 15.50 -54.59 11.78
N GLY E 74 15.05 -54.08 12.93
CA GLY E 74 15.93 -53.52 13.90
C GLY E 74 16.14 -52.03 13.73
N LYS E 75 16.15 -51.55 12.49
CA LYS E 75 16.23 -50.13 12.24
C LYS E 75 14.93 -49.48 12.65
N ASP E 76 14.99 -48.68 13.71
CA ASP E 76 13.79 -48.18 14.36
C ASP E 76 13.32 -46.89 13.71
N ILE E 77 12.05 -46.87 13.31
CA ILE E 77 11.41 -45.65 12.82
C ILE E 77 11.25 -44.70 14.00
N ALA E 78 11.54 -43.42 13.77
CA ALA E 78 11.58 -42.32 14.74
C ALA E 78 12.65 -42.56 15.80
N GLN E 79 13.68 -43.32 15.44
CA GLN E 79 14.92 -43.33 16.18
C GLN E 79 16.02 -43.14 15.16
N MET E 80 15.66 -43.28 13.89
CA MET E 80 16.57 -43.09 12.77
C MET E 80 16.70 -41.61 12.43
N SER E 81 17.34 -41.32 11.32
CA SER E 81 17.54 -39.94 10.88
C SER E 81 16.46 -39.57 9.88
N ARG E 82 16.28 -38.25 9.69
CA ARG E 82 15.39 -37.78 8.64
C ARG E 82 15.94 -38.06 7.25
N GLN E 83 17.26 -38.10 7.09
CA GLN E 83 17.86 -38.54 5.84
C GLN E 83 17.60 -40.00 5.54
N GLU E 84 17.73 -40.88 6.52
CA GLU E 84 17.47 -42.30 6.29
C GLU E 84 15.99 -42.61 6.16
N LEU E 85 15.12 -41.75 6.71
CA LEU E 85 13.68 -42.01 6.63
C LEU E 85 13.15 -41.81 5.22
N PHE E 86 13.62 -40.78 4.54
CA PHE E 86 13.30 -40.63 3.12
C PHE E 86 13.98 -41.73 2.30
N ALA E 87 15.14 -42.21 2.76
CA ALA E 87 15.68 -43.45 2.20
C ALA E 87 14.86 -44.66 2.60
N ALA E 88 14.19 -44.61 3.75
CA ALA E 88 13.28 -45.68 4.13
C ALA E 88 11.93 -45.53 3.44
N ARG E 89 11.46 -44.30 3.29
CA ARG E 89 10.20 -44.10 2.58
C ARG E 89 10.38 -44.19 1.08
N ALA E 90 11.60 -44.37 0.59
CA ALA E 90 11.84 -44.88 -0.75
C ALA E 90 11.98 -46.40 -0.75
N ARG E 91 11.05 -47.09 -0.08
CA ARG E 91 10.92 -48.54 -0.14
C ARG E 91 9.47 -48.92 -0.38
N MET E 92 8.55 -47.96 -0.29
CA MET E 92 7.14 -48.23 -0.18
C MET E 92 6.37 -47.53 -1.29
N GLY E 93 5.32 -48.19 -1.75
CA GLY E 93 4.32 -47.53 -2.56
C GLY E 93 2.98 -47.61 -1.87
N MET E 94 2.25 -46.51 -1.92
CA MET E 94 1.00 -46.48 -1.18
C MET E 94 -0.05 -45.72 -1.96
N LEU E 95 -1.09 -46.43 -2.34
CA LEU E 95 -2.32 -45.85 -2.83
C LEU E 95 -3.09 -45.34 -1.63
N PHE E 96 -3.56 -44.10 -1.67
CA PHE E 96 -4.20 -43.56 -0.47
C PHE E 96 -5.68 -43.93 -0.41
N GLN E 97 -6.36 -43.34 0.56
CA GLN E 97 -7.73 -43.68 0.89
C GLN E 97 -8.70 -43.25 -0.19
N SER E 98 -8.86 -41.95 -0.39
CA SER E 98 -9.45 -41.41 -1.60
C SER E 98 -8.30 -40.78 -2.37
N GLY E 99 -7.71 -41.56 -3.28
CA GLY E 99 -6.36 -41.43 -3.82
C GLY E 99 -5.89 -40.02 -4.15
N ALA E 100 -4.88 -39.59 -3.40
CA ALA E 100 -4.32 -38.27 -3.58
C ALA E 100 -3.56 -38.20 -4.89
N LEU E 101 -4.13 -37.51 -5.86
CA LEU E 101 -3.45 -37.31 -7.13
C LEU E 101 -2.81 -35.93 -7.10
N PHE E 102 -1.71 -35.78 -7.82
CA PHE E 102 -1.15 -34.45 -8.02
C PHE E 102 -1.99 -33.77 -9.09
N THR E 103 -2.97 -33.00 -8.64
CA THR E 103 -3.89 -32.31 -9.53
C THR E 103 -3.23 -31.65 -10.75
N ASP E 104 -2.63 -30.49 -10.53
CA ASP E 104 -1.96 -29.71 -11.57
C ASP E 104 -1.35 -30.52 -12.72
N MET E 105 -0.81 -31.70 -12.41
CA MET E 105 -0.20 -32.54 -13.42
C MET E 105 -1.19 -33.53 -14.01
N SER E 106 -0.96 -33.95 -15.25
CA SER E 106 -1.83 -34.89 -15.91
C SER E 106 -1.50 -36.32 -15.52
N VAL E 107 -2.18 -37.25 -16.20
CA VAL E 107 -2.02 -38.67 -15.90
C VAL E 107 -0.63 -39.13 -16.32
N TYR E 108 -0.06 -38.52 -17.36
CA TYR E 108 1.28 -38.90 -17.81
C TYR E 108 2.34 -38.45 -16.82
N GLU E 109 2.03 -37.46 -15.98
CA GLU E 109 2.99 -36.96 -15.02
C GLU E 109 2.77 -37.50 -13.62
N ASN E 110 1.57 -37.97 -13.28
CA ASN E 110 1.32 -38.52 -11.96
C ASN E 110 2.03 -39.85 -11.76
N VAL E 111 1.96 -40.72 -12.76
CA VAL E 111 2.64 -42.01 -12.66
C VAL E 111 4.12 -41.84 -12.93
N ALA E 112 4.50 -40.88 -13.76
CA ALA E 112 5.92 -40.62 -13.97
C ALA E 112 6.52 -39.75 -12.87
N PHE E 113 5.73 -39.37 -11.87
CA PHE E 113 6.26 -38.61 -10.75
C PHE E 113 7.29 -39.41 -9.95
N PRO E 114 7.02 -40.59 -9.37
CA PRO E 114 8.07 -41.24 -8.59
C PRO E 114 9.12 -41.91 -9.44
N ILE E 115 8.88 -42.03 -10.75
CA ILE E 115 9.90 -42.52 -11.65
C ILE E 115 11.01 -41.49 -11.78
N ARG E 116 10.65 -40.27 -12.15
CA ARG E 116 11.60 -39.16 -12.27
C ARG E 116 12.23 -38.79 -10.95
N ALA E 117 11.55 -39.01 -9.84
CA ALA E 117 12.11 -38.65 -8.55
C ALA E 117 13.23 -39.59 -8.12
N HIS E 118 13.35 -40.75 -8.76
CA HIS E 118 14.33 -41.75 -8.35
C HIS E 118 14.99 -42.40 -9.55
N THR E 119 15.41 -41.61 -10.53
CA THR E 119 16.16 -42.14 -11.66
C THR E 119 17.59 -42.38 -11.23
N LYS E 120 18.17 -43.47 -11.73
CA LYS E 120 19.54 -43.83 -11.39
C LYS E 120 20.26 -44.42 -12.60
N LEU E 121 19.58 -44.44 -13.75
CA LEU E 121 20.16 -44.97 -14.98
C LEU E 121 20.56 -43.85 -15.93
N SER E 122 20.56 -44.14 -17.22
CA SER E 122 20.92 -43.16 -18.24
C SER E 122 19.71 -42.38 -18.71
N GLU E 123 19.94 -41.40 -19.58
CA GLU E 123 18.86 -40.57 -20.11
C GLU E 123 17.83 -41.42 -20.84
N ASN E 124 18.29 -42.22 -21.80
CA ASN E 124 17.41 -43.07 -22.57
C ASN E 124 16.68 -44.06 -21.68
N LEU E 125 17.42 -44.77 -20.82
CA LEU E 125 16.88 -45.76 -19.91
C LEU E 125 15.98 -45.14 -18.85
N ILE E 126 16.15 -43.85 -18.56
CA ILE E 126 15.15 -43.11 -17.82
C ILE E 126 13.87 -43.02 -18.63
N ALA E 127 13.97 -42.51 -19.87
CA ALA E 127 12.80 -42.42 -20.74
C ALA E 127 12.31 -43.79 -21.20
N GLU E 128 13.19 -44.81 -21.24
CA GLU E 128 12.76 -46.18 -21.56
C GLU E 128 11.76 -46.73 -20.58
N LEU E 129 12.01 -46.56 -19.28
CA LEU E 129 11.07 -47.09 -18.29
C LEU E 129 9.85 -46.20 -18.15
N VAL E 130 9.94 -44.95 -18.63
CA VAL E 130 8.78 -44.07 -18.64
C VAL E 130 7.72 -44.61 -19.57
N ALA E 131 8.09 -44.92 -20.82
CA ALA E 131 7.11 -45.52 -21.73
C ALA E 131 6.87 -46.99 -21.44
N LEU E 132 7.73 -47.62 -20.62
CA LEU E 132 7.49 -49.03 -20.32
C LEU E 132 6.53 -49.27 -19.17
N LYS E 133 6.39 -48.33 -18.24
CA LYS E 133 5.49 -48.61 -17.12
C LYS E 133 4.04 -48.51 -17.55
N LEU E 134 3.72 -47.58 -18.45
CA LEU E 134 2.32 -47.34 -18.77
C LEU E 134 1.74 -48.47 -19.62
N GLU E 135 2.56 -49.13 -20.42
CA GLU E 135 2.12 -50.37 -21.02
C GLU E 135 2.12 -51.50 -19.99
N SER E 136 2.88 -51.36 -18.90
CA SER E 136 2.94 -52.44 -17.93
C SER E 136 1.76 -52.46 -16.96
N VAL E 137 0.83 -51.50 -17.03
CA VAL E 137 -0.14 -51.37 -15.93
C VAL E 137 -1.57 -51.60 -16.41
N GLY E 138 -1.86 -51.30 -17.66
CA GLY E 138 -3.26 -51.13 -18.05
C GLY E 138 -3.55 -49.81 -18.69
N LEU E 139 -2.56 -49.21 -19.34
CA LEU E 139 -2.59 -47.81 -19.72
C LEU E 139 -1.83 -47.58 -21.03
N ARG E 140 -1.29 -46.36 -21.16
CA ARG E 140 -0.55 -45.79 -22.29
C ARG E 140 -1.48 -45.45 -23.44
N GLY E 141 -2.71 -45.02 -23.14
CA GLY E 141 -3.51 -44.32 -24.12
C GLY E 141 -4.41 -43.27 -23.49
N THR E 142 -4.25 -43.05 -22.19
CA THR E 142 -4.88 -41.93 -21.50
C THR E 142 -3.71 -41.29 -20.74
N GLU E 143 -2.81 -40.70 -21.50
CA GLU E 143 -1.65 -40.05 -20.91
C GLU E 143 -1.93 -38.62 -20.50
N GLN E 144 -2.49 -37.81 -21.39
CA GLN E 144 -2.54 -36.37 -21.18
C GLN E 144 -3.93 -35.87 -20.86
N LEU E 145 -4.65 -36.59 -20.02
CA LEU E 145 -5.92 -36.09 -19.51
C LEU E 145 -5.69 -35.47 -18.14
N MET E 146 -6.41 -34.39 -17.85
CA MET E 146 -6.24 -33.66 -16.61
C MET E 146 -6.95 -34.44 -15.52
N PRO E 147 -6.34 -34.51 -14.34
CA PRO E 147 -6.93 -35.25 -13.21
C PRO E 147 -8.27 -34.67 -12.81
N THR E 148 -8.89 -33.90 -13.69
CA THR E 148 -10.19 -33.28 -13.42
C THR E 148 -11.33 -34.18 -13.86
N GLU E 149 -11.15 -34.83 -15.01
CA GLU E 149 -12.17 -35.73 -15.55
C GLU E 149 -11.92 -37.17 -15.12
N LEU E 150 -12.29 -37.48 -13.88
CA LEU E 150 -12.11 -38.83 -13.34
C LEU E 150 -12.99 -39.05 -12.12
N SER E 151 -13.47 -40.28 -11.95
CA SER E 151 -14.33 -40.64 -10.83
C SER E 151 -13.63 -41.61 -9.89
N GLY E 152 -14.34 -42.09 -8.88
CA GLY E 152 -13.77 -42.99 -7.87
C GLY E 152 -13.26 -44.29 -8.45
N GLY E 153 -13.92 -44.77 -9.48
CA GLY E 153 -13.44 -45.91 -10.21
C GLY E 153 -12.19 -45.61 -11.01
N MET E 154 -12.08 -44.38 -11.51
CA MET E 154 -10.88 -43.97 -12.20
C MET E 154 -9.88 -43.26 -11.31
N ASN E 155 -10.26 -42.95 -10.07
CA ASN E 155 -9.33 -42.34 -9.13
C ASN E 155 -8.26 -43.34 -8.73
N ARG E 156 -8.68 -44.47 -8.15
CA ARG E 156 -7.71 -45.42 -7.64
C ARG E 156 -7.01 -46.18 -8.75
N ARG E 157 -7.59 -46.24 -9.95
CA ARG E 157 -6.97 -46.90 -11.10
C ARG E 157 -5.69 -46.19 -11.49
N VAL E 158 -5.76 -44.87 -11.66
CA VAL E 158 -4.58 -44.09 -11.92
C VAL E 158 -3.68 -44.09 -10.70
N ALA E 159 -4.26 -44.06 -9.51
CA ALA E 159 -3.47 -44.01 -8.28
C ALA E 159 -2.73 -45.32 -8.05
N LEU E 160 -3.29 -46.44 -8.52
CA LEU E 160 -2.59 -47.71 -8.37
C LEU E 160 -1.39 -47.80 -9.28
N ALA E 161 -1.42 -47.10 -10.41
CA ALA E 161 -0.34 -47.12 -11.38
C ALA E 161 0.93 -46.53 -10.77
N ARG E 162 0.78 -45.42 -10.05
CA ARG E 162 1.97 -44.81 -9.46
C ARG E 162 2.34 -45.49 -8.16
N ALA E 163 1.44 -46.29 -7.59
CA ALA E 163 1.79 -47.03 -6.39
C ALA E 163 2.74 -48.17 -6.73
N ILE E 164 2.54 -48.79 -7.88
CA ILE E 164 3.38 -49.90 -8.28
C ILE E 164 4.53 -49.44 -9.15
N ALA E 165 4.76 -48.13 -9.24
CA ALA E 165 5.66 -47.54 -10.23
C ALA E 165 7.08 -48.04 -10.06
N LEU E 166 7.70 -47.77 -8.93
CA LEU E 166 8.91 -48.47 -8.55
C LEU E 166 8.58 -49.85 -7.98
N ASP E 167 9.39 -50.86 -8.30
CA ASP E 167 9.27 -52.15 -7.63
C ASP E 167 9.71 -52.06 -6.18
N PRO E 168 8.81 -52.28 -5.24
CA PRO E 168 9.15 -52.03 -3.84
C PRO E 168 9.65 -53.28 -3.14
N ASP E 169 9.99 -53.15 -1.86
CA ASP E 169 10.14 -54.31 -1.00
C ASP E 169 8.92 -54.48 -0.11
N LEU E 170 8.04 -53.50 -0.09
CA LEU E 170 6.80 -53.51 0.67
C LEU E 170 5.87 -52.52 0.01
N ILE E 171 4.64 -52.91 -0.23
CA ILE E 171 3.69 -52.04 -0.89
C ILE E 171 2.35 -52.19 -0.19
N MET E 172 1.69 -51.07 0.05
CA MET E 172 0.42 -51.08 0.76
C MET E 172 -0.67 -50.68 -0.21
N TYR E 173 -1.84 -51.29 -0.07
CA TYR E 173 -3.03 -50.80 -0.75
C TYR E 173 -4.06 -50.43 0.30
N ASP E 174 -4.87 -49.43 -0.02
CA ASP E 174 -5.85 -48.91 0.92
C ASP E 174 -7.19 -48.73 0.24
N GLU E 175 -8.03 -49.75 0.40
CA GLU E 175 -9.35 -49.87 -0.21
C GLU E 175 -9.33 -49.62 -1.70
N PRO E 176 -8.73 -50.50 -2.51
CA PRO E 176 -8.82 -50.30 -3.95
C PRO E 176 -10.18 -50.67 -4.52
N PHE E 177 -10.93 -51.49 -3.81
CA PHE E 177 -12.20 -52.01 -4.30
C PHE E 177 -13.35 -51.13 -3.81
N ALA E 178 -13.30 -49.84 -4.11
CA ALA E 178 -14.32 -48.97 -3.55
C ALA E 178 -15.17 -48.31 -4.63
N GLY E 179 -14.65 -48.26 -5.84
CA GLY E 179 -15.39 -47.63 -6.93
C GLY E 179 -15.43 -48.49 -8.16
N GLN E 180 -15.11 -49.77 -8.01
CA GLN E 180 -14.89 -50.62 -9.18
C GLN E 180 -16.17 -51.38 -9.53
N ASP E 181 -16.25 -51.73 -10.80
CA ASP E 181 -17.27 -52.60 -11.33
C ASP E 181 -16.86 -54.05 -11.06
N PRO E 182 -17.82 -54.99 -11.02
CA PRO E 182 -17.44 -56.38 -10.72
C PRO E 182 -16.61 -57.07 -11.78
N ILE E 183 -16.57 -56.57 -13.01
CA ILE E 183 -15.62 -57.11 -13.96
C ILE E 183 -14.22 -56.61 -13.62
N VAL E 184 -14.08 -55.29 -13.47
CA VAL E 184 -12.74 -54.71 -13.39
C VAL E 184 -12.13 -54.97 -12.01
N LYS E 185 -12.96 -55.16 -10.99
CA LYS E 185 -12.41 -55.57 -9.71
C LYS E 185 -12.01 -57.04 -9.73
N GLY E 186 -12.57 -57.82 -10.65
CA GLY E 186 -12.06 -59.15 -10.88
C GLY E 186 -10.73 -59.13 -11.60
N VAL E 187 -10.53 -58.14 -12.48
CA VAL E 187 -9.22 -57.94 -13.08
C VAL E 187 -8.23 -57.45 -12.03
N LEU E 188 -8.70 -56.54 -11.16
CA LEU E 188 -7.83 -55.96 -10.16
C LEU E 188 -7.39 -56.97 -9.11
N THR E 189 -8.28 -57.88 -8.73
CA THR E 189 -7.89 -58.93 -7.80
C THR E 189 -6.90 -59.89 -8.46
N ARG E 190 -6.93 -60.00 -9.78
CA ARG E 190 -5.84 -60.69 -10.45
C ARG E 190 -4.61 -59.81 -10.50
N LEU E 191 -4.79 -58.52 -10.79
CA LEU E 191 -3.69 -57.60 -10.97
C LEU E 191 -2.90 -57.38 -9.69
N ILE E 192 -3.54 -57.54 -8.53
CA ILE E 192 -2.77 -57.45 -7.30
C ILE E 192 -1.89 -58.67 -7.13
N ARG E 193 -2.47 -59.86 -7.23
CA ARG E 193 -1.74 -61.06 -6.85
C ARG E 193 -0.74 -61.47 -7.92
N SER E 194 -1.07 -61.20 -9.20
CA SER E 194 -0.21 -61.60 -10.31
C SER E 194 1.14 -60.92 -10.24
N LEU E 195 1.17 -59.73 -9.64
CA LEU E 195 2.43 -59.08 -9.34
C LEU E 195 3.14 -59.77 -8.18
N ARG E 196 2.38 -60.29 -7.23
CA ARG E 196 2.97 -60.78 -6.00
C ARG E 196 3.71 -62.10 -6.21
N GLU E 197 3.14 -63.04 -6.96
CA GLU E 197 3.89 -64.27 -7.22
C GLU E 197 5.03 -64.03 -8.19
N ALA E 198 4.89 -63.02 -9.06
CA ALA E 198 5.92 -62.83 -10.08
C ALA E 198 7.11 -62.07 -9.54
N LEU E 199 6.91 -61.18 -8.57
CA LEU E 199 8.01 -60.32 -8.17
C LEU E 199 8.36 -60.43 -6.69
N ASP E 200 7.83 -61.43 -5.98
CA ASP E 200 8.10 -61.78 -4.58
C ASP E 200 8.13 -60.61 -3.61
N LEU E 201 7.28 -59.62 -3.86
CA LEU E 201 7.18 -58.44 -3.00
C LEU E 201 6.35 -58.71 -1.76
N THR E 202 5.95 -57.65 -1.06
CA THR E 202 5.21 -57.83 0.19
C THR E 202 4.04 -56.84 0.22
N THR E 203 2.82 -57.36 0.34
CA THR E 203 1.63 -56.54 0.29
C THR E 203 0.92 -56.49 1.64
N ILE E 204 0.31 -55.34 1.90
CA ILE E 204 -0.60 -55.13 3.03
C ILE E 204 -1.83 -54.44 2.47
N ILE E 205 -2.97 -55.09 2.57
CA ILE E 205 -4.22 -54.54 2.07
C ILE E 205 -5.12 -54.25 3.25
N VAL E 206 -5.71 -53.06 3.27
CA VAL E 206 -6.79 -52.77 4.20
C VAL E 206 -8.06 -52.58 3.37
N SER E 207 -9.07 -53.40 3.68
CA SER E 207 -10.32 -53.39 2.95
C SER E 207 -11.37 -54.10 3.78
N HIS E 208 -12.62 -53.95 3.37
CA HIS E 208 -13.69 -54.80 3.87
C HIS E 208 -14.51 -55.28 2.67
N ASP E 209 -14.06 -56.37 2.07
CA ASP E 209 -14.90 -57.16 1.19
C ASP E 209 -14.45 -58.60 1.35
N VAL E 210 -15.12 -59.29 2.27
CA VAL E 210 -14.80 -60.64 2.74
C VAL E 210 -14.66 -61.72 1.66
N PRO E 211 -15.45 -61.75 0.53
CA PRO E 211 -15.24 -62.84 -0.44
C PRO E 211 -13.87 -62.89 -1.11
N GLU E 212 -13.44 -61.81 -1.75
CA GLU E 212 -12.20 -61.89 -2.52
C GLU E 212 -11.00 -61.70 -1.62
N THR E 213 -11.19 -61.08 -0.45
CA THR E 213 -10.08 -60.85 0.45
C THR E 213 -9.61 -62.15 1.07
N LEU E 214 -10.55 -63.02 1.42
CA LEU E 214 -10.19 -64.32 1.98
C LEU E 214 -9.58 -65.23 0.93
N SER E 215 -9.91 -65.00 -0.34
CA SER E 215 -9.37 -65.80 -1.42
C SER E 215 -8.10 -65.22 -2.01
N ILE E 216 -7.52 -64.21 -1.38
CA ILE E 216 -6.33 -63.58 -1.92
C ILE E 216 -5.26 -63.40 -0.85
N ALA E 217 -5.64 -63.52 0.41
CA ALA E 217 -4.69 -63.19 1.48
C ALA E 217 -3.94 -64.44 1.90
N ASP E 218 -3.02 -64.28 2.84
CA ASP E 218 -2.26 -65.40 3.37
C ASP E 218 -2.37 -65.37 4.89
N TYR E 219 -2.71 -64.21 5.42
CA TYR E 219 -2.75 -64.00 6.86
C TYR E 219 -3.63 -62.78 7.10
N ILE E 220 -4.72 -62.94 7.83
CA ILE E 220 -5.64 -61.84 8.09
C ILE E 220 -5.39 -61.15 9.42
N TYR E 221 -6.19 -60.16 9.72
CA TYR E 221 -6.05 -59.44 10.97
C TYR E 221 -7.27 -58.58 11.10
N VAL E 222 -8.25 -59.08 11.86
CA VAL E 222 -9.50 -58.37 12.09
C VAL E 222 -9.43 -57.80 13.50
N VAL E 223 -9.37 -56.48 13.62
CA VAL E 223 -9.27 -55.83 14.91
C VAL E 223 -10.56 -55.08 15.21
N ALA E 224 -11.06 -55.21 16.45
CA ALA E 224 -12.37 -54.64 16.74
C ALA E 224 -12.26 -53.20 17.22
N GLU E 225 -11.57 -52.97 18.33
CA GLU E 225 -11.38 -51.59 18.75
C GLU E 225 -9.92 -51.29 19.09
N GLY E 226 -9.24 -52.23 19.73
CA GLY E 226 -7.85 -52.02 20.09
C GLY E 226 -7.03 -53.29 20.08
N LYS E 227 -7.63 -54.39 19.64
CA LYS E 227 -6.96 -55.67 19.80
C LYS E 227 -7.38 -56.59 18.67
N ILE E 228 -6.58 -57.65 18.48
CA ILE E 228 -6.85 -58.64 17.45
C ILE E 228 -8.11 -59.41 17.81
N GLN E 229 -8.93 -59.69 16.80
CA GLN E 229 -10.03 -60.61 16.96
C GLN E 229 -9.76 -61.95 16.33
N GLY E 230 -8.95 -62.00 15.28
CA GLY E 230 -8.67 -63.24 14.61
C GLY E 230 -7.50 -63.11 13.67
N GLU E 231 -6.57 -64.05 13.77
CA GLU E 231 -5.36 -63.97 12.97
C GLU E 231 -5.10 -65.33 12.36
N GLY E 232 -4.34 -65.33 11.27
CA GLY E 232 -3.88 -66.56 10.67
C GLY E 232 -4.35 -66.69 9.24
N THR E 233 -4.12 -67.88 8.69
CA THR E 233 -4.56 -68.23 7.36
C THR E 233 -6.09 -68.29 7.32
N PRO E 234 -6.71 -68.09 6.15
CA PRO E 234 -8.18 -68.07 6.11
C PRO E 234 -8.84 -69.41 6.40
N GLU E 235 -8.09 -70.50 6.36
CA GLU E 235 -8.65 -71.80 6.71
C GLU E 235 -8.96 -71.88 8.20
N GLU E 236 -7.94 -71.70 9.03
CA GLU E 236 -8.11 -71.75 10.47
C GLU E 236 -8.88 -70.56 11.02
N LEU E 237 -8.93 -69.45 10.28
CA LEU E 237 -9.56 -68.25 10.83
C LEU E 237 -11.08 -68.40 10.86
N GLN E 238 -11.67 -68.87 9.77
CA GLN E 238 -13.09 -69.17 9.79
C GLN E 238 -13.39 -70.43 10.60
N ALA E 239 -12.42 -71.35 10.68
CA ALA E 239 -12.61 -72.55 11.48
C ALA E 239 -12.57 -72.24 12.97
N TYR E 240 -11.89 -71.17 13.37
CA TYR E 240 -11.82 -70.78 14.78
C TYR E 240 -12.48 -69.43 15.02
N ALA E 241 -13.67 -69.23 14.48
CA ALA E 241 -14.39 -67.99 14.66
C ALA E 241 -14.82 -67.82 16.10
N SER E 242 -14.23 -66.84 16.77
CA SER E 242 -14.70 -66.38 18.07
C SER E 242 -16.00 -65.63 17.86
N PRO E 243 -16.86 -65.47 18.88
CA PRO E 243 -18.16 -64.82 18.63
C PRO E 243 -18.12 -63.31 18.43
N PHE E 244 -17.16 -62.85 17.69
CA PHE E 244 -17.03 -61.59 16.97
C PHE E 244 -16.67 -61.84 15.53
N VAL E 245 -16.05 -63.00 15.24
CA VAL E 245 -15.69 -63.36 13.88
C VAL E 245 -16.86 -63.99 13.15
N LYS E 246 -17.65 -64.81 13.85
CA LYS E 246 -18.85 -65.40 13.26
C LYS E 246 -19.84 -64.31 12.89
N GLN E 247 -19.94 -63.27 13.70
CA GLN E 247 -20.86 -62.19 13.39
C GLN E 247 -20.34 -61.29 12.27
N PHE E 248 -19.06 -61.39 11.95
CA PHE E 248 -18.49 -60.46 10.97
C PHE E 248 -18.42 -61.07 9.58
N LEU E 249 -18.46 -62.40 9.50
CA LEU E 249 -18.20 -63.07 8.24
C LEU E 249 -19.36 -62.95 7.27
N THR E 250 -20.58 -63.04 7.78
CA THR E 250 -21.78 -62.95 6.95
C THR E 250 -22.57 -61.69 7.25
N GLY E 251 -22.07 -60.89 8.19
CA GLY E 251 -22.72 -59.66 8.57
C GLY E 251 -23.94 -59.89 9.46
N SER E 252 -23.94 -61.02 10.16
CA SER E 252 -25.05 -61.37 11.04
C SER E 252 -25.46 -60.17 11.90
N ALA E 253 -26.74 -59.80 11.81
CA ALA E 253 -27.27 -58.68 12.56
C ALA E 253 -27.22 -58.96 14.06
N GLU E 254 -26.02 -59.14 14.58
CA GLU E 254 -25.83 -59.41 16.00
C GLU E 254 -24.43 -58.93 16.39
N GLY E 255 -24.34 -57.84 17.15
CA GLY E 255 -23.05 -57.26 17.46
C GLY E 255 -23.12 -56.10 18.44
N PRO E 256 -22.02 -55.87 19.15
CA PRO E 256 -21.98 -54.75 20.10
C PRO E 256 -21.55 -53.43 19.47
N VAL E 257 -22.23 -53.01 18.40
CA VAL E 257 -21.92 -51.74 17.77
C VAL E 257 -22.87 -50.67 18.30
N GLU E 258 -22.52 -49.41 18.08
CA GLU E 258 -23.38 -48.30 18.46
C GLU E 258 -24.42 -48.09 17.36
N TYR E 259 -25.47 -48.92 17.40
CA TYR E 259 -26.57 -48.80 16.45
C TYR E 259 -27.34 -47.52 16.73
N GLN E 260 -27.88 -47.39 17.94
CA GLN E 260 -28.26 -46.09 18.46
C GLN E 260 -27.25 -45.67 19.51
N PHE E 261 -26.95 -44.38 19.56
CA PHE E 261 -25.99 -43.92 20.56
C PHE E 261 -26.70 -43.74 21.91
N SER E 262 -27.69 -42.86 21.95
CA SER E 262 -28.41 -42.62 23.20
C SER E 262 -29.45 -43.71 23.42
N HIS E 263 -29.33 -44.37 24.56
CA HIS E 263 -30.23 -45.46 24.91
C HIS E 263 -31.06 -45.02 26.10
N GLN E 264 -31.32 -43.72 26.15
CA GLN E 264 -32.16 -43.16 27.20
C GLN E 264 -33.61 -43.21 26.76
N ALA E 265 -34.50 -42.60 27.52
CA ALA E 265 -35.93 -42.64 27.21
C ALA E 265 -36.26 -41.48 26.28
N TYR E 266 -37.54 -41.39 25.93
CA TYR E 266 -38.05 -40.32 25.07
C TYR E 266 -39.17 -39.61 25.83
N LEU E 267 -39.99 -40.39 26.51
CA LEU E 267 -41.11 -39.90 27.30
C LEU E 267 -40.64 -38.93 28.37
N ASP E 268 -39.47 -39.19 28.96
CA ASP E 268 -38.94 -38.33 29.99
C ASP E 268 -37.77 -37.52 29.45
N ASN E 269 -37.65 -37.42 28.14
CA ASN E 269 -36.56 -36.66 27.54
C ASN E 269 -37.10 -35.39 26.90
N GLU E 270 -36.55 -34.25 27.33
CA GLU E 270 -36.97 -32.94 26.85
C GLU E 270 -36.21 -32.64 25.56
N VAL E 271 -36.79 -31.77 24.74
CA VAL E 271 -36.51 -31.69 23.32
C VAL E 271 -36.00 -30.30 22.95
N ARG E 272 -35.32 -29.64 23.90
CA ARG E 272 -34.78 -28.27 23.83
C ARG E 272 -35.70 -27.23 23.18
N VAL F 1 23.37 -60.19 -15.36
CA VAL F 1 24.28 -59.07 -15.17
C VAL F 1 25.30 -59.08 -16.31
N VAL F 2 26.18 -60.08 -16.30
CA VAL F 2 27.27 -60.14 -17.27
C VAL F 2 26.80 -60.84 -18.54
N GLN F 3 27.19 -60.27 -19.69
CA GLN F 3 26.87 -60.84 -20.99
C GLN F 3 28.15 -61.41 -21.60
N TYR F 4 28.07 -62.64 -22.08
CA TYR F 4 29.25 -63.43 -22.37
C TYR F 4 29.56 -63.52 -23.86
N LEU F 5 30.52 -64.38 -24.19
CA LEU F 5 31.03 -64.58 -25.54
C LEU F 5 30.66 -66.02 -25.91
N ASN F 6 31.31 -66.57 -26.95
CA ASN F 6 30.97 -67.77 -27.72
C ASN F 6 29.75 -67.48 -28.57
N GLN F 7 29.67 -66.24 -29.09
CA GLN F 7 28.71 -65.62 -30.01
C GLN F 7 27.37 -65.31 -29.35
N GLU F 8 27.15 -65.83 -28.14
CA GLU F 8 25.83 -65.72 -27.52
C GLU F 8 25.88 -64.70 -26.39
N LEU F 9 24.90 -63.80 -26.41
CA LEU F 9 24.79 -62.73 -25.43
C LEU F 9 23.72 -63.10 -24.41
N VAL F 10 24.12 -63.42 -23.19
CA VAL F 10 23.22 -63.99 -22.19
C VAL F 10 22.99 -62.97 -21.09
N VAL F 11 21.76 -62.91 -20.58
CA VAL F 11 21.45 -62.11 -19.41
C VAL F 11 21.36 -63.04 -18.20
N SER F 12 22.17 -62.77 -17.18
CA SER F 12 22.47 -63.80 -16.19
C SER F 12 22.41 -63.21 -14.78
N GLY F 13 21.29 -63.46 -14.09
CA GLY F 13 21.23 -63.35 -12.65
C GLY F 13 20.40 -62.18 -12.17
N LYS F 14 20.54 -61.02 -12.81
CA LYS F 14 19.93 -59.80 -12.29
C LYS F 14 19.87 -58.72 -13.36
N ILE F 15 18.89 -57.83 -13.17
CA ILE F 15 18.86 -56.49 -13.76
C ILE F 15 18.30 -55.56 -12.66
N ASP F 16 19.09 -54.56 -12.26
CA ASP F 16 18.84 -53.87 -10.99
C ASP F 16 19.10 -52.37 -11.06
N PHE F 17 19.04 -51.80 -12.27
CA PHE F 17 18.96 -50.37 -12.59
C PHE F 17 20.14 -49.52 -12.08
N GLU F 18 21.13 -50.14 -11.46
CA GLU F 18 22.44 -49.51 -11.34
C GLU F 18 23.32 -49.91 -12.50
N ASN F 19 22.79 -50.65 -13.46
CA ASN F 19 23.54 -51.21 -14.57
C ASN F 19 22.71 -51.31 -15.83
N ALA F 20 23.12 -52.16 -16.78
CA ALA F 20 22.60 -52.30 -18.15
C ALA F 20 22.78 -51.00 -18.95
N GLU F 21 23.71 -50.16 -18.52
CA GLU F 21 24.35 -49.11 -19.32
C GLU F 21 25.66 -49.58 -19.90
N GLN F 22 26.60 -50.01 -19.04
CA GLN F 22 27.88 -50.53 -19.50
C GLN F 22 27.75 -51.89 -20.16
N GLN F 23 26.66 -52.61 -19.89
CA GLN F 23 26.41 -53.86 -20.59
C GLN F 23 25.54 -53.64 -21.83
N TYR F 24 24.99 -52.43 -22.02
CA TYR F 24 24.21 -52.18 -23.22
C TYR F 24 25.10 -51.83 -24.40
N GLN F 25 25.93 -50.80 -24.25
CA GLN F 25 26.73 -50.32 -25.39
C GLN F 25 27.93 -51.21 -25.64
N ALA F 26 28.41 -51.94 -24.62
CA ALA F 26 29.42 -52.97 -24.86
C ALA F 26 28.77 -54.27 -25.29
N GLY F 27 27.54 -54.53 -24.85
CA GLY F 27 26.80 -55.67 -25.36
C GLY F 27 26.34 -55.49 -26.80
N LEU F 28 26.11 -54.25 -27.22
CA LEU F 28 25.85 -53.99 -28.63
C LEU F 28 27.13 -54.10 -29.46
N ALA F 29 28.30 -53.89 -28.85
CA ALA F 29 29.58 -53.95 -29.57
C ALA F 29 29.87 -55.34 -30.12
N ILE F 30 29.24 -56.37 -29.55
CA ILE F 30 29.26 -57.69 -30.17
C ILE F 30 28.33 -57.73 -31.38
N ILE F 31 27.18 -57.04 -31.31
CA ILE F 31 26.10 -57.21 -32.28
C ILE F 31 26.46 -56.62 -33.65
N LYS F 32 27.27 -55.55 -33.69
CA LYS F 32 27.77 -55.03 -34.97
C LYS F 32 28.73 -55.99 -35.65
N LYS F 33 29.42 -56.83 -34.90
CA LYS F 33 30.13 -57.96 -35.49
C LYS F 33 29.40 -59.26 -35.24
N GLN F 34 28.08 -59.20 -35.25
CA GLN F 34 27.23 -60.39 -35.32
C GLN F 34 26.34 -60.25 -36.54
N THR F 35 26.87 -60.63 -37.69
CA THR F 35 26.17 -60.42 -38.95
C THR F 35 25.11 -61.48 -39.14
N SER F 36 23.92 -61.04 -39.59
CA SER F 36 22.65 -61.77 -39.75
C SER F 36 22.02 -62.23 -38.45
N PHE F 37 22.70 -61.95 -37.32
CA PHE F 37 22.22 -62.13 -35.96
C PHE F 37 21.71 -63.54 -35.63
N PRO F 38 22.63 -64.55 -35.64
CA PRO F 38 22.20 -65.89 -35.22
C PRO F 38 22.40 -66.09 -33.73
N LEU F 39 22.66 -65.00 -33.03
CA LEU F 39 22.99 -65.07 -31.62
C LEU F 39 21.72 -65.23 -30.80
N ILE F 40 21.83 -66.01 -29.72
CA ILE F 40 20.70 -66.38 -28.89
C ILE F 40 20.87 -65.70 -27.54
N VAL F 41 19.78 -65.16 -27.01
CA VAL F 41 19.75 -64.60 -25.66
C VAL F 41 18.89 -65.51 -24.79
N ASP F 42 19.54 -66.27 -23.91
CA ASP F 42 18.85 -67.15 -22.97
C ASP F 42 18.38 -66.29 -21.81
N LEU F 43 17.07 -66.05 -21.77
CA LEU F 43 16.47 -65.23 -20.74
C LEU F 43 16.00 -65.99 -19.50
N LYS F 44 16.07 -67.31 -19.49
CA LYS F 44 15.61 -68.01 -18.30
C LYS F 44 16.70 -68.00 -17.24
N GLN F 45 17.87 -67.45 -17.57
CA GLN F 45 18.90 -67.11 -16.62
C GLN F 45 18.66 -65.73 -16.01
N LEU F 46 17.69 -64.99 -16.56
CA LEU F 46 17.29 -63.64 -16.15
C LEU F 46 16.93 -63.54 -14.68
N GLU F 47 15.89 -64.30 -14.29
CA GLU F 47 15.40 -64.55 -12.93
C GLU F 47 15.06 -63.30 -12.10
N HIS F 48 15.06 -62.11 -12.70
CA HIS F 48 14.56 -60.93 -12.01
C HIS F 48 13.82 -60.02 -12.98
N GLY F 49 12.93 -60.60 -13.78
CA GLY F 49 12.15 -59.83 -14.74
C GLY F 49 11.17 -58.87 -14.09
N ASN F 50 11.41 -57.57 -14.31
CA ASN F 50 10.67 -56.54 -13.58
C ASN F 50 10.37 -55.28 -14.39
N THR F 51 10.13 -55.41 -15.71
CA THR F 51 9.88 -54.39 -16.74
C THR F 51 11.18 -53.63 -17.09
N LEU F 52 12.26 -53.86 -16.33
CA LEU F 52 13.58 -53.36 -16.68
C LEU F 52 14.26 -54.47 -17.45
N ALA F 53 13.74 -55.68 -17.32
CA ALA F 53 14.12 -56.77 -18.21
C ALA F 53 13.54 -56.55 -19.60
N LEU F 54 12.52 -55.69 -19.71
CA LEU F 54 11.97 -55.39 -21.02
C LEU F 54 12.80 -54.33 -21.74
N ALA F 55 13.71 -53.68 -21.01
CA ALA F 55 14.26 -52.42 -21.49
C ALA F 55 15.40 -52.60 -22.49
N VAL F 56 16.54 -53.14 -22.04
CA VAL F 56 17.76 -52.99 -22.81
C VAL F 56 17.84 -54.04 -23.91
N LEU F 57 17.14 -55.14 -23.70
CA LEU F 57 17.10 -56.23 -24.66
C LEU F 57 16.62 -55.75 -26.02
N VAL F 58 15.50 -55.02 -26.03
CA VAL F 58 14.97 -54.52 -27.29
C VAL F 58 15.65 -53.21 -27.66
N GLN F 59 16.45 -52.67 -26.72
CA GLN F 59 17.14 -51.41 -26.97
C GLN F 59 18.35 -51.63 -27.88
N TRP F 60 18.84 -52.87 -27.96
CA TRP F 60 19.77 -53.21 -29.03
C TRP F 60 19.09 -53.09 -30.38
N LEU F 61 17.88 -53.64 -30.51
CA LEU F 61 17.23 -53.77 -31.82
C LEU F 61 16.73 -52.42 -32.33
N ARG F 62 16.61 -51.43 -31.43
CA ARG F 62 16.43 -50.05 -31.85
C ARG F 62 17.65 -49.57 -32.64
N GLN F 63 18.80 -50.16 -32.35
CA GLN F 63 20.05 -49.79 -33.02
C GLN F 63 20.50 -50.90 -33.96
N THR F 64 19.73 -51.98 -34.03
CA THR F 64 20.05 -53.10 -34.90
C THR F 64 19.30 -53.01 -36.22
N PRO F 65 19.53 -53.97 -37.12
CA PRO F 65 18.87 -53.96 -38.41
C PRO F 65 17.60 -54.81 -38.43
N GLN F 66 17.79 -56.13 -38.44
CA GLN F 66 16.69 -57.08 -38.45
C GLN F 66 15.78 -56.89 -37.25
N LYS F 67 14.50 -57.23 -37.43
CA LYS F 67 13.52 -57.08 -36.36
C LYS F 67 13.36 -58.38 -35.59
N SER F 68 13.18 -59.49 -36.31
CA SER F 68 13.02 -60.79 -35.69
C SER F 68 14.23 -61.66 -36.00
N GLY F 69 15.31 -61.00 -36.42
CA GLY F 69 16.56 -61.70 -36.65
C GLY F 69 17.22 -62.13 -35.36
N LEU F 70 17.29 -61.25 -34.37
CA LEU F 70 17.87 -61.58 -33.09
C LEU F 70 16.91 -62.46 -32.29
N HIS F 71 17.44 -63.54 -31.73
CA HIS F 71 16.64 -64.60 -31.13
C HIS F 71 16.66 -64.54 -29.62
N PHE F 72 15.66 -65.17 -29.01
CA PHE F 72 15.51 -65.31 -27.57
C PHE F 72 14.99 -66.71 -27.28
N LYS F 73 15.14 -67.18 -26.04
CA LYS F 73 14.61 -68.51 -25.79
C LYS F 73 13.24 -68.45 -25.14
N ASN F 74 13.16 -67.99 -23.89
CA ASN F 74 11.97 -68.25 -23.08
C ASN F 74 11.98 -67.49 -21.76
N VAL F 75 10.80 -67.30 -21.20
CA VAL F 75 10.63 -66.57 -19.94
C VAL F 75 11.15 -67.42 -18.79
N PRO F 76 11.60 -66.83 -17.68
CA PRO F 76 11.92 -67.62 -16.50
C PRO F 76 10.73 -67.76 -15.56
N GLU F 77 9.61 -68.25 -16.13
CA GLU F 77 8.40 -68.75 -15.46
C GLU F 77 7.73 -67.73 -14.54
N LYS F 78 8.17 -66.48 -14.58
CA LYS F 78 7.57 -65.41 -13.81
C LYS F 78 7.31 -64.22 -14.72
N MET F 79 8.12 -64.08 -15.76
CA MET F 79 8.01 -62.99 -16.70
C MET F 79 6.78 -63.11 -17.56
N LEU F 80 6.29 -64.33 -17.72
CA LEU F 80 5.10 -64.59 -18.49
C LEU F 80 3.90 -63.99 -17.76
N LYS F 81 3.94 -64.06 -16.43
CA LYS F 81 2.85 -63.49 -15.63
C LYS F 81 2.70 -61.99 -15.86
N ILE F 82 3.77 -61.33 -16.30
CA ILE F 82 3.67 -59.95 -16.73
C ILE F 82 3.07 -59.83 -18.12
N ILE F 83 3.11 -60.89 -18.91
CA ILE F 83 2.75 -60.80 -20.33
C ILE F 83 1.25 -60.60 -20.50
N GLN F 84 0.41 -61.39 -19.83
CA GLN F 84 -1.02 -61.15 -19.97
C GLN F 84 -1.46 -60.04 -19.03
N ALA F 85 -0.60 -59.68 -18.06
CA ALA F 85 -0.82 -58.45 -17.30
C ALA F 85 -0.69 -57.22 -18.18
N CYS F 86 0.04 -57.33 -19.29
CA CYS F 86 -0.02 -56.37 -20.37
C CYS F 86 -0.78 -56.90 -21.58
N HIS F 87 -1.59 -57.96 -21.39
CA HIS F 87 -2.49 -58.55 -22.37
C HIS F 87 -1.74 -59.04 -23.61
N LEU F 88 -0.49 -59.45 -23.44
CA LEU F 88 0.39 -59.57 -24.60
C LEU F 88 0.29 -60.95 -25.24
N GLN F 89 0.52 -60.97 -26.55
CA GLN F 89 0.56 -62.15 -27.40
C GLN F 89 1.99 -62.67 -27.54
N GLU F 90 2.20 -63.50 -28.56
CA GLU F 90 3.53 -63.79 -29.08
C GLU F 90 4.25 -62.49 -29.39
N ASP F 91 5.30 -62.19 -28.63
CA ASP F 91 6.04 -60.96 -28.85
C ASP F 91 7.48 -61.29 -29.25
N LEU F 92 8.18 -62.02 -28.40
CA LEU F 92 9.57 -62.34 -28.64
C LEU F 92 9.68 -63.79 -29.10
N HIS F 93 10.90 -64.21 -29.39
CA HIS F 93 11.16 -65.59 -29.77
C HIS F 93 10.88 -66.51 -28.59
N LEU F 94 10.10 -67.56 -28.82
CA LEU F 94 9.65 -68.45 -27.76
C LEU F 94 10.30 -69.82 -27.91
N VAL F 95 11.60 -69.81 -28.13
CA VAL F 95 12.39 -71.03 -28.26
C VAL F 95 12.48 -71.76 -26.92
N SER G 3 -20.93 -16.86 18.71
CA SER G 3 -21.80 -15.95 17.97
C SER G 3 -22.05 -14.67 18.75
N ARG G 4 -22.26 -14.80 20.07
CA ARG G 4 -22.54 -13.62 20.87
C ARG G 4 -21.26 -12.84 21.17
N THR G 5 -20.10 -13.47 20.97
CA THR G 5 -18.84 -12.72 21.02
C THR G 5 -18.76 -11.76 19.85
N SER G 6 -19.16 -12.23 18.67
CA SER G 6 -19.14 -11.42 17.46
C SER G 6 -20.09 -10.23 17.53
N GLU G 7 -21.20 -10.40 18.25
CA GLU G 7 -22.17 -9.32 18.36
C GLU G 7 -21.69 -8.26 19.36
N LEU G 8 -20.62 -8.57 20.09
CA LEU G 8 -19.93 -7.57 20.90
C LEU G 8 -18.93 -6.80 20.06
N ALA G 9 -18.19 -7.50 19.20
CA ALA G 9 -17.09 -6.87 18.46
C ALA G 9 -17.58 -6.10 17.25
N VAL G 10 -18.90 -6.01 17.07
CA VAL G 10 -19.46 -4.95 16.23
C VAL G 10 -19.95 -3.80 17.10
N GLY G 11 -20.42 -4.11 18.30
CA GLY G 11 -20.77 -3.07 19.25
C GLY G 11 -19.58 -2.25 19.70
N ILE G 12 -18.39 -2.88 19.72
CA ILE G 12 -17.19 -2.13 20.04
C ILE G 12 -16.65 -1.43 18.79
N PHE G 13 -17.05 -1.93 17.61
CA PHE G 13 -16.50 -1.37 16.39
C PHE G 13 -17.24 -0.11 15.99
N VAL G 14 -18.51 -0.01 16.38
CA VAL G 14 -19.26 1.20 16.10
C VAL G 14 -18.76 2.34 16.97
N ILE G 15 -18.45 2.05 18.23
CA ILE G 15 -18.11 3.11 19.17
C ILE G 15 -16.70 3.63 18.91
N ILE G 16 -15.84 2.81 18.30
CA ILE G 16 -14.61 3.38 17.77
C ILE G 16 -14.92 4.28 16.58
N PHE G 17 -15.84 3.87 15.72
CA PHE G 17 -16.21 4.73 14.60
C PHE G 17 -16.99 5.96 15.07
N GLY G 18 -17.66 5.86 16.22
CA GLY G 18 -18.26 7.05 16.81
C GLY G 18 -17.23 8.00 17.40
N ILE G 19 -16.04 7.47 17.70
CA ILE G 19 -14.97 8.33 18.19
C ILE G 19 -14.24 8.99 17.03
N ALA G 20 -13.81 8.19 16.06
CA ALA G 20 -12.83 8.65 15.10
C ALA G 20 -13.45 9.60 14.08
N LEU G 21 -14.77 9.56 13.93
CA LEU G 21 -15.41 10.60 13.13
C LEU G 21 -15.53 11.87 13.94
N PHE G 22 -15.64 11.73 15.26
CA PHE G 22 -15.77 12.90 16.11
C PHE G 22 -14.42 13.56 16.34
N PHE G 23 -13.35 12.82 16.15
CA PHE G 23 -12.01 13.39 16.15
C PHE G 23 -11.85 14.27 14.93
N LEU G 24 -12.43 13.83 13.82
CA LEU G 24 -12.33 14.57 12.57
C LEU G 24 -13.30 15.74 12.54
N ALA G 25 -14.48 15.56 13.10
CA ALA G 25 -15.50 16.60 13.03
C ALA G 25 -15.13 17.82 13.84
N MET G 26 -14.98 17.66 15.15
CA MET G 26 -14.86 18.83 16.00
C MET G 26 -13.50 18.98 16.63
N LYS G 27 -12.44 18.55 15.94
CA LYS G 27 -11.12 18.90 16.41
C LYS G 27 -10.22 19.26 15.26
N VAL G 28 -10.62 18.91 14.05
CA VAL G 28 -9.76 19.13 12.89
C VAL G 28 -10.49 19.94 11.84
N SER G 29 -11.66 19.47 11.42
CA SER G 29 -12.35 20.10 10.31
C SER G 29 -12.95 21.41 10.75
N GLY G 30 -13.15 22.31 9.79
CA GLY G 30 -13.71 23.62 10.05
C GLY G 30 -15.06 23.56 10.70
N LEU G 31 -15.36 22.45 11.36
CA LEU G 31 -16.64 22.28 12.03
C LEU G 31 -16.91 23.47 12.94
N VAL G 32 -18.14 23.54 13.47
CA VAL G 32 -18.53 24.64 14.34
C VAL G 32 -17.86 25.94 13.93
N GLY G 33 -16.70 26.21 14.51
CA GLY G 33 -15.96 27.43 14.21
C GLY G 33 -16.85 28.65 14.15
N THR G 34 -17.93 28.63 14.93
CA THR G 34 -18.87 29.74 14.96
C THR G 34 -19.57 29.92 13.62
N ASN G 35 -20.59 29.10 13.37
CA ASN G 35 -21.34 29.17 12.12
C ASN G 35 -21.97 30.54 11.90
N LEU G 36 -21.17 31.59 12.09
CA LEU G 36 -21.63 32.97 11.92
C LEU G 36 -23.06 33.21 12.39
N SER G 37 -23.21 33.57 13.66
CA SER G 37 -24.52 33.82 14.22
C SER G 37 -25.09 35.11 13.67
N ASP G 38 -26.42 35.23 13.75
CA ASP G 38 -27.28 36.41 13.56
C ASP G 38 -26.83 37.40 12.48
N GLY G 39 -26.49 36.90 11.31
CA GLY G 39 -25.71 37.66 10.36
C GLY G 39 -26.48 38.16 9.17
N TYR G 40 -26.30 39.44 8.87
CA TYR G 40 -26.80 40.03 7.64
C TYR G 40 -25.77 39.83 6.54
N THR G 41 -25.93 40.55 5.42
CA THR G 41 -25.01 40.35 4.30
C THR G 41 -24.84 41.67 3.56
N MET G 42 -23.61 42.18 3.56
CA MET G 42 -23.29 43.42 2.88
C MET G 42 -22.54 43.10 1.60
N LYS G 43 -22.05 44.14 0.92
CA LYS G 43 -21.22 43.93 -0.25
C LYS G 43 -20.30 45.11 -0.47
N ALA G 44 -19.29 44.89 -1.30
CA ALA G 44 -18.31 45.92 -1.62
C ALA G 44 -17.91 45.78 -3.08
N GLN G 45 -17.16 46.74 -3.58
CA GLN G 45 -16.73 46.74 -4.96
C GLN G 45 -15.28 47.18 -5.06
N PHE G 46 -14.44 46.30 -5.60
CA PHE G 46 -13.00 46.48 -5.73
C PHE G 46 -12.61 46.60 -7.19
N ASP G 47 -11.30 46.61 -7.41
CA ASP G 47 -10.73 46.56 -8.75
C ASP G 47 -9.70 45.46 -8.93
N ASN G 48 -9.12 44.97 -7.84
CA ASN G 48 -8.04 44.00 -7.93
C ASN G 48 -8.21 42.99 -6.80
N VAL G 49 -8.83 41.85 -7.12
CA VAL G 49 -8.89 40.76 -6.16
C VAL G 49 -8.12 39.57 -6.71
N ASN G 50 -6.83 39.52 -6.40
CA ASN G 50 -5.99 38.44 -6.86
C ASN G 50 -5.84 37.42 -5.75
N GLY G 51 -6.14 36.17 -6.06
CA GLY G 51 -5.92 35.08 -5.13
C GLY G 51 -6.82 35.12 -3.92
N LEU G 52 -8.02 35.65 -4.08
CA LEU G 52 -8.98 35.66 -3.00
C LEU G 52 -9.94 34.49 -3.21
N LYS G 53 -10.00 33.60 -2.24
CA LYS G 53 -10.87 32.45 -2.32
C LYS G 53 -12.01 32.65 -1.34
N PRO G 54 -13.25 32.31 -1.72
CA PRO G 54 -14.39 32.44 -0.79
C PRO G 54 -14.22 31.66 0.50
N ARG G 55 -14.94 32.12 1.54
CA ARG G 55 -14.79 31.81 2.95
C ARG G 55 -13.45 32.28 3.50
N ALA G 56 -12.88 33.34 2.93
CA ALA G 56 -11.76 34.02 3.55
C ALA G 56 -12.29 34.95 4.64
N LYS G 57 -11.45 35.33 5.60
CA LYS G 57 -11.89 35.99 6.82
C LYS G 57 -11.97 37.50 6.61
N VAL G 58 -12.88 38.15 7.33
CA VAL G 58 -13.00 39.60 7.35
C VAL G 58 -12.68 40.07 8.75
N THR G 59 -11.78 41.04 8.88
CA THR G 59 -11.36 41.52 10.18
C THR G 59 -11.76 42.96 10.39
N MET G 60 -12.20 43.26 11.62
CA MET G 60 -12.46 44.62 12.03
C MET G 60 -11.20 45.29 12.53
N SER G 61 -10.55 44.67 13.51
CA SER G 61 -9.29 45.15 14.05
C SER G 61 -8.54 43.91 14.54
N GLY G 62 -7.88 43.19 13.63
CA GLY G 62 -7.20 41.99 14.08
C GLY G 62 -8.11 40.96 14.71
N VAL G 63 -9.40 40.99 14.36
CA VAL G 63 -10.38 40.11 14.96
C VAL G 63 -11.44 39.77 13.92
N THR G 64 -11.63 38.47 13.70
CA THR G 64 -12.46 37.99 12.61
C THR G 64 -13.93 38.26 12.92
N ILE G 65 -14.61 38.95 12.00
CA ILE G 65 -16.01 39.29 12.18
C ILE G 65 -16.89 38.76 11.07
N GLY G 66 -16.31 38.27 9.98
CA GLY G 66 -17.15 37.88 8.85
C GLY G 66 -16.39 37.03 7.86
N ARG G 67 -17.16 36.34 7.02
CA ARG G 67 -16.58 35.54 5.96
C ARG G 67 -17.06 36.08 4.62
N VAL G 68 -16.36 35.68 3.59
CA VAL G 68 -16.71 36.05 2.23
C VAL G 68 -17.62 34.97 1.66
N ASP G 69 -18.70 35.40 1.02
CA ASP G 69 -19.69 34.49 0.47
C ASP G 69 -19.35 34.13 -0.98
N SER G 70 -19.26 35.12 -1.85
CA SER G 70 -19.03 34.86 -3.26
C SER G 70 -18.37 36.08 -3.90
N ILE G 71 -17.56 35.82 -4.93
CA ILE G 71 -16.86 36.85 -5.67
C ILE G 71 -17.33 36.76 -7.10
N THR G 72 -17.65 37.91 -7.69
CA THR G 72 -18.17 37.93 -9.04
C THR G 72 -17.79 39.22 -9.74
N LEU G 73 -17.92 39.20 -11.06
CA LEU G 73 -17.64 40.33 -11.92
C LEU G 73 -18.94 40.87 -12.49
N ASP G 74 -19.00 42.19 -12.69
CA ASP G 74 -20.07 42.79 -13.46
C ASP G 74 -19.46 43.38 -14.73
N PRO G 75 -19.89 42.94 -15.91
CA PRO G 75 -19.12 43.22 -17.12
C PRO G 75 -19.30 44.63 -17.64
N VAL G 76 -20.34 45.34 -17.24
CA VAL G 76 -20.61 46.65 -17.81
C VAL G 76 -19.93 47.70 -16.93
N THR G 77 -19.40 47.27 -15.79
CA THR G 77 -18.62 48.20 -14.97
C THR G 77 -17.19 47.72 -14.80
N ARG G 78 -16.94 46.45 -15.11
CA ARG G 78 -15.60 45.85 -15.19
C ARG G 78 -14.84 45.94 -13.88
N LEU G 79 -15.57 45.79 -12.78
CA LEU G 79 -14.98 45.82 -11.45
C LEU G 79 -15.28 44.52 -10.75
N ALA G 80 -14.71 44.35 -9.57
CA ALA G 80 -15.03 43.20 -8.76
C ALA G 80 -16.33 43.43 -8.01
N THR G 81 -16.88 42.36 -7.47
CA THR G 81 -18.06 42.45 -6.62
C THR G 81 -17.93 41.39 -5.56
N VAL G 82 -17.71 41.80 -4.33
CA VAL G 82 -17.51 40.89 -3.23
C VAL G 82 -18.75 40.87 -2.37
N THR G 83 -19.36 39.70 -2.28
CA THR G 83 -20.49 39.49 -1.38
C THR G 83 -19.96 38.85 -0.12
N PHE G 84 -20.21 39.48 1.01
CA PHE G 84 -19.68 38.96 2.26
C PHE G 84 -20.71 39.19 3.35
N ASP G 85 -20.80 38.25 4.27
CA ASP G 85 -21.78 38.29 5.33
C ASP G 85 -21.11 38.35 6.69
N LEU G 86 -21.34 39.44 7.40
CA LEU G 86 -20.82 39.63 8.75
C LEU G 86 -21.72 38.95 9.76
N ASP G 87 -21.44 39.19 11.02
CA ASP G 87 -22.38 38.80 12.07
C ASP G 87 -23.24 40.02 12.41
N GLY G 88 -24.15 39.82 13.36
CA GLY G 88 -24.89 40.94 13.90
C GLY G 88 -24.81 40.91 15.42
N LYS G 89 -23.68 40.47 15.94
CA LYS G 89 -23.49 40.41 17.38
C LYS G 89 -22.25 41.22 17.73
N LEU G 90 -21.27 41.21 16.84
CA LEU G 90 -20.04 41.95 17.05
C LEU G 90 -20.02 43.31 16.37
N THR G 91 -20.47 43.41 15.12
CA THR G 91 -20.57 44.69 14.45
C THR G 91 -21.84 45.45 14.81
N SER G 92 -22.76 44.80 15.50
CA SER G 92 -23.99 45.47 15.87
C SER G 92 -23.79 46.31 17.11
N PHE G 93 -24.30 47.53 17.08
CA PHE G 93 -24.57 48.16 18.35
C PHE G 93 -25.73 47.42 19.01
N ASN G 94 -25.62 47.20 20.31
CA ASN G 94 -26.78 46.74 21.05
C ASN G 94 -27.37 47.94 21.75
N ALA G 95 -28.50 47.71 22.44
CA ALA G 95 -29.34 48.76 23.01
C ALA G 95 -28.58 49.63 24.00
N GLU G 96 -27.62 49.04 24.71
CA GLU G 96 -26.75 49.85 25.55
C GLU G 96 -25.81 50.69 24.71
N GLN G 97 -25.10 50.06 23.77
CA GLN G 97 -24.15 50.77 22.92
C GLN G 97 -24.86 51.71 21.97
N LEU G 98 -26.13 51.41 21.66
CA LEU G 98 -26.98 52.39 20.99
C LEU G 98 -27.07 53.67 21.80
N LYS G 99 -27.50 53.55 23.06
CA LYS G 99 -27.64 54.74 23.91
C LYS G 99 -26.29 55.34 24.26
N GLU G 100 -25.22 54.54 24.21
CA GLU G 100 -23.91 55.08 24.55
C GLU G 100 -23.38 55.98 23.45
N VAL G 101 -23.75 55.74 22.19
CA VAL G 101 -23.21 56.54 21.11
C VAL G 101 -24.26 57.43 20.46
N GLN G 102 -25.56 57.16 20.68
CA GLN G 102 -26.60 58.06 20.18
C GLN G 102 -26.49 59.41 20.84
N LYS G 103 -26.17 59.43 22.13
CA LYS G 103 -25.85 60.69 22.80
C LYS G 103 -24.59 61.31 22.25
N ASN G 104 -23.62 60.49 21.85
CA ASN G 104 -22.41 61.04 21.25
C ASN G 104 -22.65 61.31 19.77
N ALA G 105 -23.76 60.81 19.24
CA ALA G 105 -24.23 61.27 17.94
C ALA G 105 -25.28 62.37 18.09
N LEU G 106 -25.83 62.54 19.31
CA LEU G 106 -26.78 63.62 19.53
C LEU G 106 -26.12 64.98 19.48
N ASP G 107 -24.83 65.04 19.79
CA ASP G 107 -24.12 66.31 19.79
C ASP G 107 -23.80 66.78 18.37
N GLU G 108 -24.12 65.97 17.37
CA GLU G 108 -23.75 66.28 15.99
C GLU G 108 -24.62 67.38 15.39
N LEU G 109 -25.94 67.32 15.56
CA LEU G 109 -26.78 68.37 14.99
C LEU G 109 -26.86 69.57 15.91
N ARG G 110 -26.78 69.36 17.21
CA ARG G 110 -26.62 70.45 18.17
C ARG G 110 -25.14 70.71 18.44
N TYR G 111 -24.39 70.88 17.36
CA TYR G 111 -22.98 71.23 17.43
C TYR G 111 -22.83 72.70 17.10
N SER G 112 -21.58 73.16 17.07
CA SER G 112 -21.32 74.55 16.74
C SER G 112 -21.58 74.84 15.27
N SER G 113 -21.47 73.83 14.41
CA SER G 113 -21.60 74.06 12.98
C SER G 113 -23.00 73.73 12.49
N ASP G 114 -23.61 72.66 13.01
CA ASP G 114 -24.84 72.17 12.43
C ASP G 114 -26.10 72.79 13.04
N TYR G 115 -25.98 73.52 14.14
CA TYR G 115 -27.15 74.17 14.73
C TYR G 115 -27.48 75.45 13.98
N THR G 116 -26.51 76.34 13.83
CA THR G 116 -26.70 77.62 13.14
C THR G 116 -26.28 77.56 11.67
N GLN G 117 -26.82 76.62 10.91
CA GLN G 117 -26.44 76.44 9.52
C GLN G 117 -27.66 76.58 8.62
N ALA G 118 -27.48 77.33 7.53
CA ALA G 118 -28.43 77.58 6.43
C ALA G 118 -29.67 78.36 6.84
N THR G 119 -29.77 78.72 8.11
CA THR G 119 -30.81 79.50 8.77
C THR G 119 -30.34 79.72 10.20
N PRO G 120 -31.00 80.59 10.95
CA PRO G 120 -30.62 80.74 12.36
C PRO G 120 -31.30 79.74 13.28
N ALA G 121 -31.41 78.48 12.84
CA ALA G 121 -31.99 77.38 13.59
C ALA G 121 -31.74 76.09 12.83
N GLN G 122 -31.33 75.04 13.55
CA GLN G 122 -31.51 73.70 13.03
C GLN G 122 -32.81 73.16 13.60
N GLN G 123 -32.84 72.95 14.93
CA GLN G 123 -34.04 72.80 15.76
C GLN G 123 -34.96 71.63 15.43
N LYS G 124 -34.63 70.85 14.40
CA LYS G 124 -35.40 69.67 14.05
C LYS G 124 -34.47 68.48 13.88
N THR G 125 -33.24 68.76 13.47
CA THR G 125 -32.23 67.73 13.26
C THR G 125 -31.68 67.23 14.60
N MET G 126 -31.98 67.94 15.69
CA MET G 126 -31.56 67.52 17.02
C MET G 126 -32.24 66.21 17.43
N GLU G 127 -33.46 65.97 16.93
CA GLU G 127 -34.11 64.69 17.14
C GLU G 127 -33.95 63.77 15.92
N GLN G 128 -33.69 64.36 14.74
CA GLN G 128 -33.60 63.57 13.53
C GLN G 128 -32.32 62.73 13.49
N GLN G 129 -31.29 63.16 14.23
CA GLN G 129 -30.06 62.39 14.29
C GLN G 129 -30.23 61.05 14.98
N LEU G 130 -31.03 60.97 16.05
CA LEU G 130 -31.23 59.69 16.70
C LEU G 130 -32.19 58.81 15.92
N ILE G 131 -33.08 59.39 15.14
CA ILE G 131 -33.89 58.60 14.22
C ILE G 131 -33.01 58.00 13.13
N SER G 132 -32.02 58.75 12.66
CA SER G 132 -31.07 58.20 11.71
C SER G 132 -30.08 57.26 12.38
N ASN G 133 -30.03 57.25 13.71
CA ASN G 133 -29.18 56.29 14.41
C ASN G 133 -29.90 55.00 14.71
N MET G 134 -31.16 55.09 15.11
CA MET G 134 -31.82 53.98 15.79
C MET G 134 -32.16 52.82 14.85
N ASN G 135 -32.25 53.07 13.56
CA ASN G 135 -32.73 52.06 12.65
C ASN G 135 -31.61 51.27 12.00
N SER G 136 -31.62 49.96 12.25
CA SER G 136 -30.88 48.93 11.53
C SER G 136 -29.37 49.17 11.49
N ILE G 137 -28.83 49.76 12.54
CA ILE G 137 -27.49 50.33 12.49
C ILE G 137 -26.45 49.22 12.60
N THR G 138 -25.20 49.56 12.23
CA THR G 138 -24.05 48.69 12.38
C THR G 138 -22.95 49.52 13.03
N SER G 139 -21.74 48.99 13.10
CA SER G 139 -20.68 49.85 13.66
C SER G 139 -19.73 50.36 12.59
N ILE G 140 -20.06 50.25 11.32
CA ILE G 140 -19.15 50.71 10.28
C ILE G 140 -19.37 52.19 10.05
N ASP G 141 -18.28 52.94 9.95
CA ASP G 141 -18.33 54.38 9.76
C ASP G 141 -18.74 54.68 8.33
N GLU G 142 -19.02 55.95 8.07
CA GLU G 142 -19.35 56.34 6.71
C GLU G 142 -18.10 56.73 5.94
N ASP G 143 -16.92 56.56 6.55
CA ASP G 143 -15.69 56.90 5.86
C ASP G 143 -14.54 55.95 6.17
N ALA G 144 -14.84 54.75 6.64
CA ALA G 144 -13.78 53.76 6.75
C ALA G 144 -13.56 53.10 5.40
N TYR G 145 -12.37 52.52 5.23
CA TYR G 145 -12.00 51.92 3.96
C TYR G 145 -11.58 50.48 4.15
N ILE G 146 -12.22 49.60 3.44
CA ILE G 146 -11.87 48.20 3.43
C ILE G 146 -10.79 47.98 2.38
N MET G 147 -9.79 47.19 2.72
CA MET G 147 -8.68 46.95 1.80
C MET G 147 -8.27 45.50 1.87
N VAL G 148 -7.77 44.99 0.76
CA VAL G 148 -7.32 43.61 0.67
C VAL G 148 -5.90 43.55 1.18
N ALA G 149 -5.71 42.91 2.31
CA ALA G 149 -4.37 42.71 2.84
C ALA G 149 -3.98 41.25 2.67
N THR G 150 -2.68 41.00 2.68
CA THR G 150 -2.18 39.64 2.63
C THR G 150 -1.64 39.26 3.99
N ASN G 151 -1.86 38.01 4.36
CA ASN G 151 -1.43 37.54 5.67
C ASN G 151 0.08 37.34 5.67
N GLY G 152 0.73 37.96 6.67
CA GLY G 152 2.16 37.82 6.87
C GLY G 152 3.00 38.28 5.71
N LEU G 153 3.62 37.34 5.00
CA LEU G 153 4.25 37.65 3.74
C LEU G 153 3.86 36.60 2.72
N LEU G 154 3.42 35.45 3.20
CA LEU G 154 3.05 34.38 2.28
C LEU G 154 1.81 33.65 2.75
N GLY G 155 0.92 34.32 3.46
CA GLY G 155 -0.25 33.65 3.99
C GLY G 155 -1.37 33.58 2.99
N GLU G 156 -2.54 34.05 3.38
CA GLU G 156 -3.69 34.08 2.49
C GLU G 156 -4.24 35.49 2.43
N LYS G 157 -5.02 35.77 1.40
CA LYS G 157 -5.62 37.08 1.24
C LYS G 157 -6.81 37.20 2.18
N TYR G 158 -6.82 38.25 2.98
CA TYR G 158 -7.90 38.45 3.93
C TYR G 158 -8.27 39.91 3.91
N LEU G 159 -9.57 40.16 4.00
CA LEU G 159 -10.09 41.51 4.01
C LEU G 159 -9.85 42.14 5.35
N LYS G 160 -9.82 43.46 5.39
CA LYS G 160 -9.62 44.17 6.63
C LYS G 160 -10.31 45.51 6.53
N ILE G 161 -11.25 45.76 7.43
CA ILE G 161 -11.94 47.04 7.49
C ILE G 161 -11.30 47.83 8.61
N VAL G 162 -10.28 48.61 8.30
CA VAL G 162 -9.67 49.50 9.27
C VAL G 162 -10.69 50.59 9.60
N PRO G 163 -11.00 50.81 10.87
CA PRO G 163 -12.03 51.80 11.19
C PRO G 163 -11.51 53.20 10.93
N GLY G 164 -12.35 54.02 10.32
CA GLY G 164 -11.91 55.34 9.94
C GLY G 164 -12.46 56.40 10.86
N GLY G 165 -13.71 56.24 11.26
CA GLY G 165 -14.31 57.21 12.13
C GLY G 165 -14.88 58.37 11.35
N GLY G 166 -16.17 58.63 11.54
CA GLY G 166 -16.82 59.75 10.92
C GLY G 166 -17.90 60.27 11.83
N LEU G 167 -19.10 60.48 11.29
CA LEU G 167 -20.23 60.84 12.11
C LEU G 167 -21.35 59.82 12.10
N ASN G 168 -21.87 59.44 10.94
CA ASN G 168 -23.00 58.53 10.87
C ASN G 168 -22.48 57.14 10.54
N TYR G 169 -23.40 56.19 10.48
CA TYR G 169 -23.05 54.79 10.32
C TYR G 169 -23.79 54.20 9.14
N LEU G 170 -23.54 52.91 8.91
CA LEU G 170 -24.06 52.22 7.75
C LEU G 170 -25.16 51.25 8.18
N LYS G 171 -26.05 50.99 7.24
CA LYS G 171 -27.13 50.04 7.43
C LYS G 171 -26.77 48.77 6.69
N ARG G 172 -27.66 47.80 6.73
CA ARG G 172 -27.43 46.55 6.04
C ARG G 172 -27.61 46.73 4.55
N GLY G 173 -26.87 45.95 3.78
CA GLY G 173 -26.87 46.09 2.35
C GLY G 173 -26.10 47.27 1.81
N ASP G 174 -25.38 47.99 2.66
CA ASP G 174 -24.62 49.14 2.20
C ASP G 174 -23.36 48.70 1.48
N THR G 175 -22.98 49.47 0.47
CA THR G 175 -21.81 49.20 -0.34
C THR G 175 -20.75 50.22 0.01
N ILE G 176 -19.61 49.75 0.51
CA ILE G 176 -18.57 50.65 0.95
C ILE G 176 -17.86 51.21 -0.26
N SER G 177 -17.94 52.53 -0.45
CA SER G 177 -17.32 53.15 -1.61
C SER G 177 -15.88 53.57 -1.35
N ASN G 178 -15.31 53.16 -0.22
CA ASN G 178 -13.90 53.40 0.07
C ASN G 178 -13.20 52.05 0.06
N THR G 179 -12.49 51.77 -1.02
CA THR G 179 -11.85 50.48 -1.20
C THR G 179 -10.42 50.67 -1.66
N GLN G 180 -9.71 49.55 -1.69
CA GLN G 180 -8.35 49.48 -2.23
C GLN G 180 -8.05 48.01 -2.48
N GLY G 181 -7.62 47.70 -3.70
CA GLY G 181 -7.40 46.33 -4.10
C GLY G 181 -6.08 45.80 -3.57
N THR G 182 -5.81 44.53 -3.87
CA THR G 182 -4.58 43.93 -3.41
C THR G 182 -3.40 44.44 -4.22
N MET G 183 -2.21 44.28 -3.66
CA MET G 183 -0.99 44.70 -4.33
C MET G 183 0.07 43.62 -4.19
N ASP G 184 0.73 43.32 -5.30
CA ASP G 184 1.66 42.21 -5.46
C ASP G 184 3.01 42.73 -5.95
N LEU G 185 3.89 41.82 -6.35
CA LEU G 185 5.24 42.14 -6.80
C LEU G 185 5.33 43.10 -7.98
N GLU G 186 4.33 43.07 -8.85
CA GLU G 186 4.36 43.96 -10.02
C GLU G 186 3.92 45.37 -9.68
N ASP G 187 3.09 45.54 -8.66
CA ASP G 187 2.68 46.86 -8.26
C ASP G 187 3.60 47.47 -7.22
N LEU G 188 4.12 46.65 -6.32
CA LEU G 188 4.87 47.16 -5.18
C LEU G 188 6.22 47.71 -5.58
N ILE G 189 6.72 47.34 -6.75
CA ILE G 189 7.90 48.04 -7.27
C ILE G 189 7.52 49.44 -7.72
N SER G 190 6.30 49.60 -8.27
CA SER G 190 5.88 50.91 -8.78
C SER G 190 5.60 51.87 -7.63
N LYS G 191 5.30 51.28 -6.47
CA LYS G 191 5.06 52.06 -5.27
C LYS G 191 6.40 52.61 -4.78
N PHE G 192 7.48 51.83 -4.96
CA PHE G 192 8.80 52.27 -4.54
C PHE G 192 9.42 53.19 -5.58
N ILE G 193 9.39 52.78 -6.84
CA ILE G 193 9.97 53.58 -7.90
C ILE G 193 8.93 53.93 -8.95
N SER H 3 -27.48 -18.14 -25.56
CA SER H 3 -27.44 -16.92 -24.77
C SER H 3 -26.05 -16.30 -24.79
N ARG H 4 -25.29 -16.59 -25.84
CA ARG H 4 -23.99 -15.95 -26.03
C ARG H 4 -24.16 -14.48 -26.32
N THR H 5 -25.26 -14.12 -26.99
CA THR H 5 -25.50 -12.72 -27.31
C THR H 5 -25.86 -11.90 -26.08
N SER H 6 -26.48 -12.53 -25.08
CA SER H 6 -26.85 -11.78 -23.88
C SER H 6 -25.64 -11.58 -22.98
N GLU H 7 -24.86 -12.64 -22.76
CA GLU H 7 -23.78 -12.58 -21.78
C GLU H 7 -22.56 -11.87 -22.34
N LEU H 8 -22.58 -11.51 -23.62
CA LEU H 8 -21.50 -10.73 -24.18
C LEU H 8 -21.90 -9.26 -24.32
N ALA H 9 -23.15 -9.00 -24.70
CA ALA H 9 -23.57 -7.62 -24.94
C ALA H 9 -23.72 -6.87 -23.62
N VAL H 10 -24.04 -7.59 -22.55
CA VAL H 10 -24.01 -6.94 -21.24
C VAL H 10 -22.57 -6.80 -20.77
N GLY H 11 -21.66 -7.58 -21.34
CA GLY H 11 -20.25 -7.38 -21.06
C GLY H 11 -19.67 -6.26 -21.88
N ILE H 12 -20.16 -6.09 -23.11
CA ILE H 12 -19.63 -5.06 -23.98
C ILE H 12 -20.09 -3.69 -23.51
N PHE H 13 -21.34 -3.59 -23.05
CA PHE H 13 -21.93 -2.30 -22.70
C PHE H 13 -21.25 -1.69 -21.47
N VAL H 14 -20.74 -2.53 -20.57
CA VAL H 14 -20.09 -2.05 -19.35
C VAL H 14 -18.81 -1.30 -19.69
N ILE H 15 -18.02 -1.83 -20.63
CA ILE H 15 -16.78 -1.16 -21.02
C ILE H 15 -17.07 0.14 -21.76
N ILE H 16 -18.12 0.14 -22.57
CA ILE H 16 -18.48 1.35 -23.32
C ILE H 16 -19.04 2.41 -22.36
N PHE H 17 -19.88 1.99 -21.42
CA PHE H 17 -20.34 2.91 -20.39
C PHE H 17 -19.21 3.34 -19.46
N GLY H 18 -18.18 2.50 -19.33
CA GLY H 18 -17.08 2.86 -18.45
C GLY H 18 -16.11 3.81 -19.10
N ILE H 19 -15.88 3.66 -20.41
CA ILE H 19 -14.90 4.48 -21.11
C ILE H 19 -15.39 5.92 -21.22
N ALA H 20 -16.69 6.10 -21.46
CA ALA H 20 -17.25 7.44 -21.59
C ALA H 20 -17.22 8.18 -20.25
N LEU H 21 -17.36 7.44 -19.15
CA LEU H 21 -17.31 8.08 -17.84
C LEU H 21 -15.89 8.47 -17.47
N PHE H 22 -14.89 7.76 -18.00
CA PHE H 22 -13.53 8.23 -17.83
C PHE H 22 -13.27 9.42 -18.72
N PHE H 23 -13.90 9.45 -19.89
CA PHE H 23 -13.71 10.58 -20.80
C PHE H 23 -14.46 11.80 -20.34
N LEU H 24 -15.48 11.61 -19.50
CA LEU H 24 -16.18 12.75 -18.92
C LEU H 24 -15.28 13.49 -17.94
N ALA H 25 -14.57 12.74 -17.10
CA ALA H 25 -13.77 13.36 -16.05
C ALA H 25 -12.52 14.03 -16.62
N MET H 26 -12.20 13.76 -17.89
CA MET H 26 -11.16 14.51 -18.56
C MET H 26 -11.62 15.93 -18.86
N LYS H 27 -12.89 16.08 -19.22
CA LYS H 27 -13.43 17.41 -19.52
C LYS H 27 -13.58 18.25 -18.25
N VAL H 28 -13.90 17.58 -17.13
CA VAL H 28 -14.01 18.28 -15.85
C VAL H 28 -12.63 18.67 -15.35
N SER H 29 -11.61 17.89 -15.73
CA SER H 29 -10.23 18.14 -15.33
C SER H 29 -9.71 19.44 -15.91
N GLY H 30 -9.73 19.55 -17.24
CA GLY H 30 -9.22 20.73 -17.89
C GLY H 30 -8.09 20.39 -18.83
N LEU H 31 -7.52 19.19 -18.64
CA LEU H 31 -6.42 18.75 -19.48
C LEU H 31 -6.87 18.40 -20.89
N VAL H 32 -8.01 17.73 -21.04
CA VAL H 32 -8.57 17.43 -22.35
C VAL H 32 -9.97 18.01 -22.40
N GLY H 33 -10.20 18.87 -23.39
CA GLY H 33 -11.47 19.54 -23.52
C GLY H 33 -11.49 20.86 -22.79
N THR H 34 -11.92 21.92 -23.47
CA THR H 34 -12.00 23.23 -22.85
C THR H 34 -13.18 23.26 -21.89
N ASN H 35 -12.94 23.80 -20.69
CA ASN H 35 -13.98 23.99 -19.69
C ASN H 35 -14.51 25.41 -19.82
N LEU H 36 -15.06 25.74 -20.98
CA LEU H 36 -15.42 27.12 -21.29
C LEU H 36 -16.79 27.20 -21.94
N SER H 37 -17.19 28.41 -22.34
CA SER H 37 -18.42 28.62 -23.08
C SER H 37 -18.21 29.74 -24.09
N ASP H 38 -18.56 29.45 -25.34
CA ASP H 38 -18.45 30.40 -26.44
C ASP H 38 -17.20 31.30 -26.40
N GLY H 39 -16.03 30.70 -26.30
CA GLY H 39 -14.81 31.48 -26.28
C GLY H 39 -14.32 31.84 -27.68
N TYR H 40 -13.23 32.57 -27.73
CA TYR H 40 -12.73 33.10 -29.01
C TYR H 40 -11.25 33.43 -28.87
N THR H 41 -10.48 33.15 -29.91
CA THR H 41 -9.03 33.15 -29.80
C THR H 41 -8.48 34.51 -30.19
N MET H 42 -7.89 35.21 -29.23
CA MET H 42 -7.19 36.46 -29.48
C MET H 42 -5.69 36.21 -29.47
N LYS H 43 -4.93 37.28 -29.67
CA LYS H 43 -3.47 37.19 -29.61
C LYS H 43 -2.91 38.57 -29.36
N ALA H 44 -1.62 38.62 -29.03
CA ALA H 44 -0.94 39.88 -28.77
C ALA H 44 0.52 39.76 -29.18
N GLN H 45 1.29 40.78 -28.83
CA GLN H 45 2.69 40.86 -29.21
C GLN H 45 3.47 41.43 -28.03
N PHE H 46 4.52 40.72 -27.62
CA PHE H 46 5.24 41.08 -26.40
C PHE H 46 6.71 41.25 -26.69
N ASP H 47 7.40 41.89 -25.74
CA ASP H 47 8.84 41.98 -25.76
C ASP H 47 9.52 41.02 -24.81
N ASN H 48 8.82 40.62 -23.76
CA ASN H 48 9.37 39.69 -22.78
C ASN H 48 8.27 38.86 -22.15
N VAL H 49 8.39 37.54 -22.25
CA VAL H 49 7.38 36.65 -21.70
C VAL H 49 8.01 35.64 -20.75
N ASN H 50 9.06 36.06 -20.04
CA ASN H 50 9.84 35.27 -19.10
C ASN H 50 9.00 34.50 -18.09
N GLY H 51 9.21 33.18 -18.03
CA GLY H 51 8.55 32.36 -17.04
C GLY H 51 7.07 32.19 -17.23
N LEU H 52 6.62 31.99 -18.46
CA LEU H 52 5.21 31.79 -18.75
C LEU H 52 5.01 30.44 -19.41
N LYS H 53 4.24 29.59 -18.76
CA LYS H 53 3.91 28.27 -19.29
C LYS H 53 2.81 28.45 -20.33
N PRO H 54 2.61 27.51 -21.25
CA PRO H 54 1.45 27.62 -22.14
C PRO H 54 0.19 27.01 -21.56
N ARG H 55 -0.05 27.22 -20.27
CA ARG H 55 -1.35 27.05 -19.65
C ARG H 55 -1.41 27.93 -18.41
N ALA H 56 -1.99 29.11 -18.53
CA ALA H 56 -1.92 30.10 -17.45
C ALA H 56 -3.21 30.89 -17.44
N LYS H 57 -3.56 31.43 -16.27
CA LYS H 57 -4.83 32.12 -16.11
C LYS H 57 -4.79 33.52 -16.67
N VAL H 58 -5.85 33.92 -17.37
CA VAL H 58 -6.04 35.28 -17.85
C VAL H 58 -7.06 35.94 -16.95
N THR H 59 -6.72 37.08 -16.39
CA THR H 59 -7.51 37.65 -15.30
C THR H 59 -7.95 39.07 -15.61
N MET H 60 -9.22 39.34 -15.30
CA MET H 60 -9.85 40.64 -15.54
C MET H 60 -10.10 41.30 -14.18
N SER H 61 -9.09 42.01 -13.70
CA SER H 61 -9.17 42.72 -12.43
C SER H 61 -9.34 41.85 -11.19
N GLY H 62 -9.16 40.54 -11.30
CA GLY H 62 -9.30 39.70 -10.13
C GLY H 62 -9.98 38.38 -10.36
N VAL H 63 -10.66 38.22 -11.48
CA VAL H 63 -11.41 37.00 -11.77
C VAL H 63 -10.84 36.32 -13.01
N THR H 64 -10.75 34.99 -12.94
CA THR H 64 -10.17 34.21 -14.02
C THR H 64 -11.15 34.13 -15.18
N ILE H 65 -10.72 34.51 -16.38
CA ILE H 65 -11.58 34.50 -17.55
C ILE H 65 -11.04 33.64 -18.69
N GLY H 66 -9.75 33.35 -18.73
CA GLY H 66 -9.24 32.71 -19.93
C GLY H 66 -7.93 32.00 -19.70
N ARG H 67 -7.52 31.24 -20.71
CA ARG H 67 -6.34 30.41 -20.64
C ARG H 67 -5.41 30.74 -21.78
N VAL H 68 -4.19 30.28 -21.67
CA VAL H 68 -3.14 30.53 -22.66
C VAL H 68 -2.97 29.28 -23.51
N ASP H 69 -3.01 29.46 -24.84
CA ASP H 69 -2.91 28.32 -25.75
C ASP H 69 -1.49 28.04 -26.19
N SER H 70 -0.84 28.97 -26.87
CA SER H 70 0.50 28.68 -27.38
C SER H 70 1.32 29.95 -27.47
N ILE H 71 2.62 29.82 -27.25
CA ILE H 71 3.56 30.92 -27.26
C ILE H 71 4.49 30.72 -28.45
N THR H 72 4.41 31.62 -29.42
CA THR H 72 5.26 31.55 -30.59
C THR H 72 6.13 32.79 -30.69
N LEU H 73 7.27 32.63 -31.38
CA LEU H 73 8.28 33.68 -31.47
C LEU H 73 8.62 33.91 -32.93
N ASP H 74 8.23 35.07 -33.45
CA ASP H 74 8.59 35.46 -34.80
C ASP H 74 10.01 35.98 -34.83
N PRO H 75 10.97 35.27 -35.42
CA PRO H 75 12.38 35.66 -35.27
C PRO H 75 12.76 36.84 -36.12
N VAL H 76 11.94 37.21 -37.10
CA VAL H 76 12.27 38.28 -38.04
C VAL H 76 11.95 39.63 -37.41
N THR H 77 11.27 39.62 -36.26
CA THR H 77 10.95 40.84 -35.56
C THR H 77 11.27 40.73 -34.07
N ARG H 78 11.74 39.55 -33.66
CA ARG H 78 12.13 39.28 -32.28
C ARG H 78 11.08 39.55 -31.20
N LEU H 79 9.81 39.68 -31.58
CA LEU H 79 8.79 39.92 -30.58
C LEU H 79 7.93 38.67 -30.40
N ALA H 80 7.72 38.28 -29.15
CA ALA H 80 6.96 37.08 -28.85
C ALA H 80 5.48 37.32 -29.09
N THR H 81 4.73 36.23 -29.13
CA THR H 81 3.32 36.30 -29.44
C THR H 81 2.59 35.23 -28.67
N VAL H 82 1.60 35.64 -27.87
CA VAL H 82 0.84 34.74 -27.02
C VAL H 82 -0.52 34.50 -27.65
N THR H 83 -0.75 33.28 -28.11
CA THR H 83 -2.05 32.85 -28.59
C THR H 83 -2.87 32.41 -27.39
N PHE H 84 -4.02 33.04 -27.19
CA PHE H 84 -4.77 32.85 -25.97
C PHE H 84 -6.22 33.22 -26.22
N ASP H 85 -7.12 32.47 -25.59
CA ASP H 85 -8.54 32.66 -25.82
C ASP H 85 -9.23 33.02 -24.51
N LEU H 86 -10.18 33.93 -24.59
CA LEU H 86 -11.03 34.24 -23.46
C LEU H 86 -12.22 33.29 -23.44
N ASP H 87 -13.19 33.61 -22.59
CA ASP H 87 -14.40 32.79 -22.45
C ASP H 87 -15.63 33.68 -22.28
N GLY H 88 -16.54 33.62 -23.25
CA GLY H 88 -17.75 34.41 -23.21
C GLY H 88 -18.61 34.04 -22.02
N LYS H 89 -19.89 34.36 -22.11
CA LYS H 89 -20.82 34.06 -21.02
C LYS H 89 -20.67 35.03 -19.87
N LEU H 90 -19.48 35.63 -19.75
CA LEU H 90 -19.22 36.59 -18.68
C LEU H 90 -18.44 37.79 -19.20
N THR H 91 -17.56 37.56 -20.16
CA THR H 91 -16.77 38.62 -20.74
C THR H 91 -17.57 39.38 -21.80
N SER H 92 -18.30 38.63 -22.62
CA SER H 92 -19.11 39.22 -23.66
C SER H 92 -20.21 40.03 -23.01
N PHE H 93 -20.69 41.06 -23.72
CA PHE H 93 -21.79 41.86 -23.23
C PHE H 93 -23.04 41.03 -23.12
N ASN H 94 -23.72 41.11 -21.98
CA ASN H 94 -24.97 40.42 -21.78
C ASN H 94 -26.05 41.22 -22.49
N ALA H 95 -27.25 40.63 -22.54
CA ALA H 95 -28.42 41.23 -23.20
C ALA H 95 -28.75 42.59 -22.59
N GLU H 96 -28.80 42.67 -21.27
CA GLU H 96 -29.06 43.94 -20.60
C GLU H 96 -27.82 44.84 -20.67
N GLN H 97 -26.67 44.22 -20.92
CA GLN H 97 -25.43 44.94 -21.10
C GLN H 97 -25.47 45.50 -22.52
N LEU H 98 -26.03 44.72 -23.45
CA LEU H 98 -26.17 45.15 -24.84
C LEU H 98 -27.11 46.33 -24.95
N LYS H 99 -28.24 46.30 -24.24
CA LYS H 99 -29.15 47.44 -24.24
C LYS H 99 -28.55 48.64 -23.54
N GLU H 100 -27.68 48.40 -22.54
CA GLU H 100 -27.02 49.49 -21.85
C GLU H 100 -26.06 50.23 -22.78
N VAL H 101 -25.18 49.49 -23.46
CA VAL H 101 -24.28 50.11 -24.42
C VAL H 101 -24.98 50.52 -25.71
N GLN H 102 -26.23 50.13 -25.91
CA GLN H 102 -27.01 50.61 -27.04
C GLN H 102 -27.34 52.08 -26.88
N LYS H 103 -27.54 52.54 -25.63
CA LYS H 103 -27.96 53.91 -25.40
C LYS H 103 -26.93 54.72 -24.62
N ASN H 104 -25.99 54.06 -23.92
CA ASN H 104 -25.00 54.83 -23.17
C ASN H 104 -23.67 54.92 -23.91
N ALA H 105 -23.24 53.83 -24.54
CA ALA H 105 -22.00 53.88 -25.31
C ALA H 105 -22.21 54.60 -26.64
N LEU H 106 -23.41 54.50 -27.21
CA LEU H 106 -23.69 55.20 -28.45
C LEU H 106 -23.94 56.68 -28.22
N ASP H 107 -24.19 57.08 -26.97
CA ASP H 107 -24.50 58.48 -26.68
C ASP H 107 -23.26 59.35 -26.75
N GLU H 108 -22.23 59.02 -25.97
CA GLU H 108 -21.04 59.86 -25.91
C GLU H 108 -20.14 59.65 -27.12
N LEU H 109 -20.32 58.55 -27.85
CA LEU H 109 -19.59 58.36 -29.10
C LEU H 109 -20.19 59.20 -30.21
N ARG H 110 -21.49 59.03 -30.47
CA ARG H 110 -22.20 59.84 -31.45
C ARG H 110 -22.80 61.08 -30.82
N TYR H 111 -21.98 61.81 -30.07
CA TYR H 111 -22.37 63.06 -29.42
C TYR H 111 -22.04 64.23 -30.34
N SER H 112 -22.06 65.43 -29.77
CA SER H 112 -21.69 66.64 -30.51
C SER H 112 -20.19 66.70 -30.78
N SER H 113 -19.40 65.85 -30.12
CA SER H 113 -17.99 65.71 -30.48
C SER H 113 -17.84 65.12 -31.88
N ASP H 114 -18.66 64.14 -32.21
CA ASP H 114 -18.62 63.51 -33.53
C ASP H 114 -19.76 63.92 -34.43
N TYR H 115 -20.66 64.80 -33.97
CA TYR H 115 -21.73 65.29 -34.84
C TYR H 115 -21.17 66.21 -35.92
N THR H 116 -20.32 67.16 -35.53
CA THR H 116 -19.61 67.98 -36.52
C THR H 116 -18.24 67.40 -36.86
N GLN H 117 -18.20 66.09 -37.09
CA GLN H 117 -17.06 65.43 -37.73
C GLN H 117 -17.49 64.39 -38.75
N ALA H 118 -18.69 63.84 -38.64
CA ALA H 118 -19.31 62.97 -39.64
C ALA H 118 -20.76 63.43 -39.69
N THR H 119 -21.31 63.54 -40.91
CA THR H 119 -22.52 64.27 -41.33
C THR H 119 -23.70 64.17 -40.36
N PRO H 120 -24.31 65.30 -39.99
CA PRO H 120 -25.41 65.27 -39.01
C PRO H 120 -26.76 65.03 -39.67
N ALA H 121 -26.76 64.83 -40.99
CA ALA H 121 -27.97 64.44 -41.70
C ALA H 121 -27.89 63.04 -42.29
N GLN H 122 -26.79 62.32 -42.11
CA GLN H 122 -26.62 60.96 -42.62
C GLN H 122 -26.75 60.00 -41.45
N GLN H 123 -27.57 58.95 -41.64
CA GLN H 123 -27.79 57.93 -40.61
C GLN H 123 -26.73 56.83 -40.64
N LYS H 124 -25.61 57.07 -41.31
CA LYS H 124 -24.55 56.07 -41.35
C LYS H 124 -23.73 56.06 -40.06
N THR H 125 -23.52 57.24 -39.47
CA THR H 125 -22.73 57.34 -38.25
C THR H 125 -23.47 56.76 -37.04
N MET H 126 -24.80 56.85 -37.05
CA MET H 126 -25.60 56.14 -36.05
C MET H 126 -25.61 54.65 -36.32
N GLU H 127 -25.57 54.26 -37.59
CA GLU H 127 -25.48 52.84 -37.93
C GLU H 127 -24.04 52.34 -37.88
N GLN H 128 -23.08 53.25 -37.71
CA GLN H 128 -21.67 52.86 -37.63
C GLN H 128 -21.38 52.09 -36.34
N GLN H 129 -22.09 52.42 -35.27
CA GLN H 129 -21.93 51.70 -34.02
C GLN H 129 -22.87 50.50 -33.92
N LEU H 130 -23.96 50.51 -34.70
CA LEU H 130 -24.95 49.45 -34.58
C LEU H 130 -24.67 48.29 -35.53
N ILE H 131 -23.70 48.45 -36.43
CA ILE H 131 -23.43 47.39 -37.39
C ILE H 131 -22.56 46.28 -36.77
N SER H 132 -21.67 46.63 -35.84
CA SER H 132 -20.82 45.61 -35.22
C SER H 132 -21.31 45.23 -33.83
N ASN H 133 -22.37 45.90 -33.36
CA ASN H 133 -22.95 45.53 -32.06
C ASN H 133 -23.70 44.22 -32.14
N MET H 134 -24.17 43.85 -33.34
CA MET H 134 -25.01 42.67 -33.47
C MET H 134 -24.23 41.37 -33.35
N ASN H 135 -22.91 41.42 -33.52
CA ASN H 135 -22.09 40.22 -33.50
C ASN H 135 -20.68 40.52 -33.03
N SER H 136 -20.16 39.62 -32.20
CA SER H 136 -18.73 39.52 -31.86
C SER H 136 -18.21 40.79 -31.18
N ILE H 137 -18.86 41.16 -30.09
CA ILE H 137 -18.45 42.33 -29.32
C ILE H 137 -17.83 41.84 -28.00
N THR H 138 -16.97 42.67 -27.43
CA THR H 138 -16.21 42.33 -26.23
C THR H 138 -16.33 43.46 -25.22
N SER H 139 -16.37 43.12 -23.93
CA SER H 139 -16.35 44.14 -22.90
C SER H 139 -14.99 44.83 -22.79
N ILE H 140 -13.96 44.29 -23.44
CA ILE H 140 -12.68 44.98 -23.50
C ILE H 140 -12.81 46.24 -24.33
N ASP H 141 -12.43 47.36 -23.73
CA ASP H 141 -12.50 48.66 -24.39
C ASP H 141 -11.22 48.94 -25.16
N GLU H 142 -11.25 50.04 -25.91
CA GLU H 142 -10.35 50.27 -27.03
C GLU H 142 -8.90 50.56 -26.66
N ASP H 143 -8.59 50.76 -25.39
CA ASP H 143 -7.21 51.00 -25.01
C ASP H 143 -6.85 50.34 -23.68
N ALA H 144 -7.55 49.27 -23.35
CA ALA H 144 -7.20 48.47 -22.18
C ALA H 144 -5.93 47.68 -22.45
N TYR H 145 -4.83 48.12 -21.85
CA TYR H 145 -3.53 47.55 -22.16
C TYR H 145 -3.33 46.31 -21.31
N ILE H 146 -2.64 45.33 -21.87
CA ILE H 146 -2.38 44.06 -21.20
C ILE H 146 -1.02 44.13 -20.55
N MET H 147 -0.78 43.27 -19.58
CA MET H 147 0.50 43.22 -18.89
C MET H 147 0.68 41.81 -18.33
N VAL H 148 1.82 41.60 -17.67
CA VAL H 148 2.14 40.33 -17.04
C VAL H 148 2.40 40.59 -15.57
N ALA H 149 1.59 39.98 -14.72
CA ALA H 149 1.69 40.16 -13.27
C ALA H 149 2.32 38.91 -12.66
N THR H 150 2.35 38.88 -11.35
CA THR H 150 2.92 37.74 -10.61
C THR H 150 1.96 37.39 -9.48
N ASN H 151 1.48 36.15 -9.50
CA ASN H 151 0.47 35.68 -8.56
C ASN H 151 1.03 35.62 -7.14
N GLY H 152 0.48 36.43 -6.26
CA GLY H 152 1.06 36.54 -4.94
C GLY H 152 2.37 37.29 -4.99
N LEU H 153 3.26 36.94 -4.06
CA LEU H 153 4.53 37.63 -3.96
C LEU H 153 5.65 36.94 -4.73
N LEU H 154 5.72 35.60 -4.68
CA LEU H 154 6.74 34.85 -5.39
C LEU H 154 6.20 33.75 -6.28
N GLY H 155 4.90 33.64 -6.49
CA GLY H 155 4.38 32.58 -7.32
C GLY H 155 4.61 32.76 -8.80
N GLU H 156 3.83 32.06 -9.60
CA GLU H 156 3.99 32.09 -11.04
C GLU H 156 3.46 33.39 -11.64
N LYS H 157 3.55 33.48 -12.96
CA LYS H 157 3.16 34.67 -13.70
C LYS H 157 1.93 34.40 -14.54
N TYR H 158 1.12 35.45 -14.71
CA TYR H 158 -0.18 35.30 -15.35
C TYR H 158 -0.57 36.62 -15.99
N LEU H 159 -1.34 36.53 -17.06
CA LEU H 159 -1.71 37.69 -17.86
C LEU H 159 -2.80 38.48 -17.16
N LYS H 160 -2.54 39.74 -16.89
CA LYS H 160 -3.50 40.64 -16.29
C LYS H 160 -3.93 41.64 -17.33
N ILE H 161 -5.22 41.81 -17.50
CA ILE H 161 -5.78 42.82 -18.40
C ILE H 161 -6.24 44.00 -17.56
N VAL H 162 -5.63 45.16 -17.79
CA VAL H 162 -5.96 46.39 -17.08
C VAL H 162 -7.05 47.10 -17.87
N PRO H 163 -8.29 47.13 -17.41
CA PRO H 163 -9.35 47.76 -18.19
C PRO H 163 -9.36 49.26 -18.03
N GLY H 164 -10.37 49.92 -18.60
CA GLY H 164 -10.57 51.33 -18.40
C GLY H 164 -10.11 52.19 -19.56
N GLY H 165 -10.96 53.12 -19.98
CA GLY H 165 -10.59 54.11 -20.96
C GLY H 165 -11.30 53.98 -22.29
N GLY H 166 -11.52 55.12 -22.95
CA GLY H 166 -12.00 55.16 -24.31
C GLY H 166 -13.42 54.69 -24.55
N LEU H 167 -13.92 54.90 -25.76
CA LEU H 167 -15.25 54.42 -26.14
C LEU H 167 -15.18 53.76 -27.50
N ASN H 168 -14.81 52.48 -27.49
CA ASN H 168 -14.87 51.54 -28.59
C ASN H 168 -14.48 50.19 -28.03
N TYR H 169 -14.77 49.12 -28.75
CA TYR H 169 -14.41 47.80 -28.25
C TYR H 169 -13.61 47.04 -29.30
N LEU H 170 -13.31 45.78 -29.03
CA LEU H 170 -12.57 44.96 -29.97
C LEU H 170 -13.46 43.80 -30.37
N LYS H 171 -13.37 43.39 -31.64
CA LYS H 171 -14.13 42.24 -32.07
C LYS H 171 -13.38 40.99 -31.67
N ARG H 172 -14.03 39.83 -31.77
CA ARG H 172 -13.38 38.58 -31.41
C ARG H 172 -12.31 38.24 -32.43
N GLY H 173 -11.19 37.72 -31.96
CA GLY H 173 -10.07 37.45 -32.83
C GLY H 173 -9.19 38.63 -33.14
N ASP H 174 -9.39 39.76 -32.48
CA ASP H 174 -8.55 40.91 -32.72
C ASP H 174 -7.22 40.78 -31.99
N THR H 175 -6.35 41.74 -32.22
CA THR H 175 -5.02 41.78 -31.61
C THR H 175 -4.96 42.97 -30.68
N ILE H 176 -4.64 42.74 -29.42
CA ILE H 176 -4.52 43.81 -28.44
C ILE H 176 -3.23 44.57 -28.71
N SER H 177 -3.34 45.86 -28.97
CA SER H 177 -2.21 46.66 -29.43
C SER H 177 -1.25 47.03 -28.31
N ASN H 178 -1.71 47.79 -27.33
CA ASN H 178 -0.88 48.26 -26.23
C ASN H 178 -0.66 47.11 -25.24
N THR H 179 0.59 46.66 -25.12
CA THR H 179 0.94 45.58 -24.23
C THR H 179 2.00 46.05 -23.25
N GLN H 180 2.56 45.08 -22.51
CA GLN H 180 3.56 45.35 -21.49
C GLN H 180 4.33 44.08 -21.18
N GLY H 181 5.65 44.13 -21.26
CA GLY H 181 6.45 42.98 -20.91
C GLY H 181 6.59 42.83 -19.41
N THR H 182 7.20 41.72 -19.01
CA THR H 182 7.41 41.45 -17.60
C THR H 182 8.64 42.19 -17.10
N MET H 183 8.59 42.65 -15.85
CA MET H 183 9.69 43.40 -15.27
C MET H 183 10.83 42.47 -14.92
N ASP H 184 12.06 42.90 -15.23
CA ASP H 184 13.22 42.04 -15.01
C ASP H 184 13.60 42.03 -13.53
N LEU H 185 14.41 41.04 -13.17
CA LEU H 185 15.00 41.02 -11.84
C LEU H 185 16.28 41.84 -11.76
N GLU H 186 17.06 41.87 -12.84
CA GLU H 186 18.43 42.38 -12.80
C GLU H 186 18.51 43.89 -12.67
N ASP H 187 18.05 44.63 -13.68
CA ASP H 187 18.19 46.08 -13.67
C ASP H 187 17.23 46.74 -12.70
N LEU H 188 16.24 45.98 -12.23
CA LEU H 188 15.48 46.31 -11.04
C LEU H 188 16.42 46.57 -9.87
N ILE H 189 17.42 45.69 -9.69
CA ILE H 189 18.32 45.85 -8.56
C ILE H 189 19.64 46.48 -8.99
N SER H 190 20.01 46.32 -10.26
CA SER H 190 21.28 46.85 -10.75
C SER H 190 21.27 48.37 -10.82
N LYS H 191 20.07 48.96 -10.94
CA LYS H 191 19.98 50.40 -10.93
C LYS H 191 19.84 50.96 -9.52
N PHE H 192 19.29 50.19 -8.59
CA PHE H 192 19.25 50.62 -7.20
C PHE H 192 20.58 50.38 -6.50
N ILE H 193 21.18 49.21 -6.73
CA ILE H 193 22.32 48.59 -6.02
C ILE H 193 22.54 49.03 -4.57
N SER I 3 -16.93 -14.64 -35.29
CA SER I 3 -16.15 -15.54 -36.13
C SER I 3 -14.73 -15.70 -35.61
N ARG I 4 -14.24 -16.93 -35.62
CA ARG I 4 -12.89 -17.23 -35.15
C ARG I 4 -11.88 -16.20 -35.65
N THR I 5 -11.58 -16.25 -36.94
CA THR I 5 -10.63 -15.32 -37.55
C THR I 5 -10.84 -13.89 -37.07
N SER I 6 -12.04 -13.37 -37.26
CA SER I 6 -12.36 -12.01 -36.85
C SER I 6 -11.87 -11.75 -35.43
N GLU I 7 -12.49 -12.42 -34.46
CA GLU I 7 -12.13 -12.26 -33.05
C GLU I 7 -10.61 -12.27 -32.86
N LEU I 8 -9.96 -13.32 -33.35
CA LEU I 8 -8.52 -13.45 -33.22
C LEU I 8 -7.79 -12.19 -33.67
N ALA I 9 -7.92 -11.88 -34.96
CA ALA I 9 -7.27 -10.70 -35.53
C ALA I 9 -7.53 -9.45 -34.69
N VAL I 10 -8.78 -9.26 -34.30
CA VAL I 10 -9.18 -8.12 -33.49
C VAL I 10 -8.35 -8.04 -32.21
N GLY I 11 -8.48 -9.05 -31.35
CA GLY I 11 -7.73 -9.07 -30.11
C GLY I 11 -6.27 -8.79 -30.39
N ILE I 12 -5.76 -9.44 -31.43
CA ILE I 12 -4.36 -9.27 -31.85
C ILE I 12 -4.00 -7.79 -31.97
N PHE I 13 -4.56 -7.13 -32.98
CA PHE I 13 -4.28 -5.71 -33.18
C PHE I 13 -4.46 -4.91 -31.90
N VAL I 14 -5.54 -5.19 -31.19
CA VAL I 14 -5.84 -4.48 -29.94
C VAL I 14 -4.65 -4.50 -28.98
N ILE I 15 -4.23 -5.70 -28.57
CA ILE I 15 -3.10 -5.81 -27.65
C ILE I 15 -1.86 -5.19 -28.29
N ILE I 16 -1.65 -5.51 -29.57
CA ILE I 16 -0.51 -4.98 -30.31
C ILE I 16 -0.33 -3.50 -30.05
N PHE I 17 -1.43 -2.75 -30.12
CA PHE I 17 -1.38 -1.30 -29.88
C PHE I 17 -0.58 -1.03 -28.61
N GLY I 18 -0.96 -1.69 -27.52
CA GLY I 18 -0.28 -1.56 -26.25
C GLY I 18 1.23 -1.64 -26.41
N ILE I 19 1.70 -2.40 -27.40
CA ILE I 19 3.12 -2.39 -27.73
C ILE I 19 3.45 -1.15 -28.54
N ALA I 20 2.47 -0.63 -29.28
CA ALA I 20 2.71 0.56 -30.10
C ALA I 20 2.80 1.81 -29.25
N LEU I 21 1.88 1.97 -28.30
CA LEU I 21 1.90 3.14 -27.43
C LEU I 21 3.02 3.03 -26.38
N PHE I 22 3.61 1.84 -26.23
CA PHE I 22 4.72 1.61 -25.32
C PHE I 22 5.92 2.47 -25.67
N PHE I 23 6.25 2.56 -26.96
CA PHE I 23 7.40 3.36 -27.35
C PHE I 23 7.11 4.85 -27.26
N LEU I 24 5.86 5.26 -27.52
CA LEU I 24 5.48 6.65 -27.30
C LEU I 24 5.46 6.96 -25.81
N ALA I 25 5.20 5.93 -25.00
CA ALA I 25 5.42 6.07 -23.57
C ALA I 25 6.90 5.97 -23.22
N MET I 26 7.70 5.36 -24.10
CA MET I 26 9.13 5.23 -23.81
C MET I 26 9.89 6.50 -24.14
N LYS I 27 9.26 7.37 -24.94
CA LYS I 27 9.88 8.64 -25.30
C LYS I 27 10.02 9.54 -24.08
N VAL I 28 9.06 9.46 -23.17
CA VAL I 28 8.99 10.42 -22.05
C VAL I 28 9.96 10.01 -20.96
N SER I 29 10.56 8.85 -21.10
CA SER I 29 11.60 8.41 -20.19
C SER I 29 12.89 9.20 -20.34
N GLY I 30 13.10 9.86 -21.47
CA GLY I 30 14.27 10.70 -21.65
C GLY I 30 15.51 9.95 -22.08
N LEU I 31 15.47 8.62 -22.03
CA LEU I 31 16.57 7.80 -22.49
C LEU I 31 16.50 7.53 -23.99
N VAL I 32 15.32 7.62 -24.59
CA VAL I 32 15.17 7.52 -26.04
C VAL I 32 14.20 8.60 -26.49
N GLY I 33 14.45 9.15 -27.68
CA GLY I 33 13.53 10.07 -28.30
C GLY I 33 13.52 11.48 -27.75
N THR I 34 13.12 12.43 -28.60
CA THR I 34 13.09 13.87 -28.35
C THR I 34 14.43 14.37 -27.82
N ASN I 35 15.42 14.35 -28.69
CA ASN I 35 16.64 15.13 -28.47
C ASN I 35 16.76 16.00 -29.72
N LEU I 36 16.98 17.30 -29.51
CA LEU I 36 16.76 18.41 -30.44
C LEU I 36 17.19 18.15 -31.88
N SER I 37 16.35 18.53 -32.83
CA SER I 37 16.58 18.27 -34.25
C SER I 37 17.07 19.56 -34.90
N ASP I 38 17.72 19.42 -36.06
CA ASP I 38 18.22 20.46 -36.96
C ASP I 38 18.91 21.63 -36.27
N GLY I 39 19.65 21.36 -35.21
CA GLY I 39 20.35 22.42 -34.50
C GLY I 39 21.71 22.73 -35.08
N TYR I 40 22.47 23.54 -34.34
CA TYR I 40 23.86 23.86 -34.65
C TYR I 40 24.49 24.35 -33.36
N THR I 41 25.62 25.05 -33.42
CA THR I 41 26.36 25.34 -32.19
C THR I 41 26.94 26.74 -32.23
N MET I 42 26.86 27.45 -31.11
CA MET I 42 27.66 28.64 -30.87
C MET I 42 28.46 28.44 -29.59
N LYS I 43 29.14 29.51 -29.15
CA LYS I 43 29.86 29.51 -27.89
C LYS I 43 30.12 30.95 -27.46
N ALA I 44 30.41 31.13 -26.17
CA ALA I 44 30.69 32.45 -25.63
C ALA I 44 31.69 32.32 -24.49
N GLN I 45 32.12 33.47 -23.97
CA GLN I 45 33.15 33.55 -22.94
C GLN I 45 32.62 34.36 -21.77
N PHE I 46 32.77 33.82 -20.57
CA PHE I 46 32.30 34.49 -19.36
C PHE I 46 33.45 34.68 -18.38
N ASP I 47 33.09 35.14 -17.18
CA ASP I 47 34.03 35.28 -16.07
C ASP I 47 33.35 34.83 -14.77
N ASN I 48 32.07 34.50 -14.87
CA ASN I 48 31.30 34.01 -13.74
C ASN I 48 30.11 33.21 -14.25
N VAL I 49 29.99 31.96 -13.81
CA VAL I 49 28.95 31.10 -14.34
C VAL I 49 28.17 30.47 -13.20
N ASN I 50 28.00 31.23 -12.11
CA ASN I 50 27.47 30.77 -10.83
C ASN I 50 26.16 30.01 -10.91
N GLY I 51 26.20 28.74 -10.55
CA GLY I 51 25.00 27.92 -10.49
C GLY I 51 24.58 27.31 -11.81
N LEU I 52 25.31 27.57 -12.88
CA LEU I 52 24.91 27.10 -14.19
C LEU I 52 25.29 25.64 -14.35
N LYS I 53 24.33 24.83 -14.73
CA LYS I 53 24.48 23.40 -14.94
C LYS I 53 24.24 23.08 -16.41
N PRO I 54 24.67 21.91 -16.89
CA PRO I 54 24.32 21.53 -18.27
C PRO I 54 22.84 21.35 -18.48
N ARG I 55 22.41 21.44 -19.74
CA ARG I 55 21.02 21.30 -20.17
C ARG I 55 20.10 22.31 -19.51
N ALA I 56 20.63 23.50 -19.22
CA ALA I 56 19.81 24.60 -18.75
C ALA I 56 19.22 25.32 -19.95
N LYS I 57 18.29 26.23 -19.73
CA LYS I 57 17.51 26.80 -20.81
C LYS I 57 18.22 28.00 -21.43
N VAL I 58 17.92 28.24 -22.70
CA VAL I 58 18.36 29.41 -23.43
C VAL I 58 17.13 30.06 -24.03
N THR I 59 16.93 31.34 -23.73
CA THR I 59 15.73 32.05 -24.15
C THR I 59 16.06 33.27 -24.98
N MET I 60 15.18 33.56 -25.93
CA MET I 60 15.34 34.73 -26.77
C MET I 60 14.75 35.99 -26.17
N SER I 61 13.48 35.98 -25.80
CA SER I 61 12.91 37.13 -25.12
C SER I 61 11.96 36.67 -24.04
N GLY I 62 11.99 35.37 -23.75
CA GLY I 62 11.04 34.77 -22.83
C GLY I 62 10.53 33.46 -23.39
N VAL I 63 11.14 32.99 -24.47
CA VAL I 63 10.73 31.74 -25.11
C VAL I 63 11.98 30.92 -25.41
N THR I 64 11.93 29.63 -25.09
CA THR I 64 13.13 28.81 -25.10
C THR I 64 13.52 28.40 -26.52
N ILE I 65 14.82 28.30 -26.77
CA ILE I 65 15.35 28.04 -28.10
C ILE I 65 16.47 27.01 -28.14
N GLY I 66 16.85 26.44 -27.00
CA GLY I 66 17.91 25.45 -27.06
C GLY I 66 18.32 24.98 -25.68
N ARG I 67 19.52 24.40 -25.62
CA ARG I 67 20.07 23.88 -24.38
C ARG I 67 21.55 24.22 -24.31
N VAL I 68 22.11 24.02 -23.13
CA VAL I 68 23.54 24.26 -22.89
C VAL I 68 24.18 22.92 -22.58
N ASP I 69 25.22 22.56 -23.32
CA ASP I 69 25.70 21.19 -23.23
C ASP I 69 27.12 21.06 -22.67
N SER I 70 28.07 21.86 -23.12
CA SER I 70 29.43 21.66 -22.65
C SER I 70 29.95 22.92 -21.97
N ILE I 71 30.39 22.76 -20.73
CA ILE I 71 30.95 23.84 -19.94
C ILE I 71 32.42 23.54 -19.74
N THR I 72 33.27 24.54 -19.91
CA THR I 72 34.67 24.40 -19.58
C THR I 72 35.22 25.71 -19.03
N LEU I 73 36.32 25.60 -18.32
CA LEU I 73 37.12 26.72 -17.89
C LEU I 73 38.49 26.64 -18.55
N ASP I 74 38.91 27.76 -19.13
CA ASP I 74 40.24 27.83 -19.71
C ASP I 74 41.22 28.27 -18.63
N PRO I 75 42.17 27.41 -18.26
CA PRO I 75 42.96 27.69 -17.05
C PRO I 75 44.06 28.70 -17.25
N VAL I 76 44.34 29.13 -18.48
CA VAL I 76 45.50 29.99 -18.70
C VAL I 76 45.20 31.47 -18.54
N THR I 77 43.93 31.89 -18.66
CA THR I 77 43.57 33.27 -18.32
C THR I 77 42.25 33.33 -17.58
N ARG I 78 41.80 32.17 -17.06
CA ARG I 78 40.63 32.05 -16.18
C ARG I 78 39.35 32.53 -16.85
N LEU I 79 39.03 31.90 -17.97
CA LEU I 79 37.83 32.21 -18.72
C LEU I 79 36.93 30.99 -18.80
N ALA I 80 35.65 31.20 -18.55
CA ALA I 80 34.68 30.14 -18.76
C ALA I 80 34.23 30.14 -20.21
N THR I 81 33.83 28.97 -20.69
CA THR I 81 33.39 28.85 -22.08
C THR I 81 32.31 27.80 -22.15
N VAL I 82 31.13 28.20 -22.60
CA VAL I 82 29.98 27.32 -22.71
C VAL I 82 29.83 26.93 -24.17
N THR I 83 29.49 25.68 -24.41
CA THR I 83 29.25 25.20 -25.77
C THR I 83 27.81 24.70 -25.84
N PHE I 84 26.96 25.50 -26.45
CA PHE I 84 25.53 25.29 -26.38
C PHE I 84 24.97 25.17 -27.78
N ASP I 85 23.84 24.48 -27.88
CA ASP I 85 23.18 24.28 -29.16
C ASP I 85 21.83 24.97 -29.17
N LEU I 86 21.62 25.82 -30.18
CA LEU I 86 20.35 26.51 -30.38
C LEU I 86 19.39 25.63 -31.15
N ASP I 87 18.28 26.20 -31.61
CA ASP I 87 17.38 25.54 -32.53
C ASP I 87 17.73 25.98 -33.94
N GLY I 88 17.10 25.34 -34.92
CA GLY I 88 17.32 25.71 -36.31
C GLY I 88 16.02 25.93 -37.05
N LYS I 89 14.93 25.88 -36.30
CA LYS I 89 13.61 26.21 -36.85
C LYS I 89 13.06 27.53 -36.32
N LEU I 90 13.32 27.89 -35.07
CA LEU I 90 12.83 29.15 -34.54
C LEU I 90 13.96 30.15 -34.43
N THR I 91 15.12 29.84 -35.01
CA THR I 91 16.28 30.70 -34.87
C THR I 91 16.82 31.16 -36.21
N SER I 92 16.12 30.88 -37.29
CA SER I 92 16.69 31.17 -38.61
C SER I 92 15.57 31.56 -39.55
N PHE I 93 15.94 32.38 -40.54
CA PHE I 93 15.00 32.72 -41.61
C PHE I 93 14.86 31.58 -42.58
N ASN I 94 13.69 31.49 -43.19
CA ASN I 94 13.45 30.60 -44.31
C ASN I 94 13.78 31.32 -45.61
N ALA I 95 13.32 30.72 -46.71
CA ALA I 95 13.66 31.16 -48.07
C ALA I 95 13.21 32.58 -48.37
N GLU I 96 11.96 32.90 -48.08
CA GLU I 96 11.43 34.22 -48.43
C GLU I 96 12.00 35.30 -47.52
N GLN I 97 12.19 34.97 -46.25
CA GLN I 97 12.57 35.96 -45.24
C GLN I 97 14.00 36.42 -45.39
N LEU I 98 14.83 35.64 -46.10
CA LEU I 98 16.21 36.04 -46.36
C LEU I 98 16.28 37.32 -47.18
N LYS I 99 15.79 37.28 -48.42
CA LYS I 99 15.84 38.43 -49.31
C LYS I 99 14.96 39.57 -48.83
N GLU I 100 13.92 39.25 -48.06
CA GLU I 100 13.09 40.29 -47.47
C GLU I 100 13.84 41.06 -46.39
N VAL I 101 14.87 40.46 -45.79
CA VAL I 101 15.71 41.22 -44.88
C VAL I 101 17.10 41.46 -45.48
N GLN I 102 17.50 40.71 -46.51
CA GLN I 102 18.76 41.00 -47.17
C GLN I 102 18.70 42.30 -47.94
N LYS I 103 17.55 42.61 -48.54
CA LYS I 103 17.36 43.93 -49.12
C LYS I 103 17.10 44.98 -48.06
N ASN I 104 16.68 44.58 -46.85
CA ASN I 104 16.72 45.48 -45.72
C ASN I 104 18.13 45.59 -45.15
N ALA I 105 18.93 44.53 -45.32
CA ALA I 105 20.35 44.62 -45.01
C ALA I 105 21.08 45.44 -46.07
N LEU I 106 20.70 45.28 -47.33
CA LEU I 106 21.28 46.10 -48.40
C LEU I 106 20.76 47.53 -48.34
N ASP I 107 19.60 47.75 -47.73
CA ASP I 107 19.18 49.10 -47.40
C ASP I 107 20.11 49.71 -46.36
N GLU I 108 20.70 48.87 -45.51
CA GLU I 108 21.75 49.32 -44.61
C GLU I 108 23.13 49.20 -45.25
N LEU I 109 23.35 48.20 -46.11
CA LEU I 109 24.67 48.02 -46.71
C LEU I 109 24.93 49.05 -47.80
N ARG I 110 24.00 49.19 -48.74
CA ARG I 110 24.08 50.25 -49.74
C ARG I 110 23.33 51.49 -49.28
N TYR I 111 23.61 51.91 -48.04
CA TYR I 111 22.95 53.08 -47.46
C TYR I 111 23.67 54.35 -47.89
N SER I 112 23.08 55.48 -47.53
CA SER I 112 23.69 56.76 -47.86
C SER I 112 24.93 57.01 -47.02
N SER I 113 25.01 56.38 -45.85
CA SER I 113 26.15 56.59 -44.96
C SER I 113 27.29 55.64 -45.28
N ASP I 114 27.00 54.49 -45.89
CA ASP I 114 28.01 53.47 -46.09
C ASP I 114 28.45 53.32 -47.54
N TYR I 115 27.53 53.32 -48.50
CA TYR I 115 27.90 53.12 -49.89
C TYR I 115 28.61 54.35 -50.46
N THR I 116 28.28 55.52 -49.95
CA THR I 116 28.94 56.75 -50.39
C THR I 116 30.36 56.86 -49.85
N GLN I 117 30.63 56.36 -48.64
CA GLN I 117 31.95 56.45 -48.03
C GLN I 117 32.92 55.40 -48.55
N ALA I 118 32.43 54.22 -48.89
CA ALA I 118 33.26 53.21 -49.54
C ALA I 118 33.40 53.51 -51.03
N THR I 119 33.83 52.50 -51.79
CA THR I 119 33.86 52.59 -53.24
C THR I 119 32.45 52.75 -53.77
N PRO I 120 32.07 53.95 -54.21
CA PRO I 120 30.66 54.19 -54.58
C PRO I 120 30.40 53.93 -56.05
N ALA I 121 31.37 53.37 -56.76
CA ALA I 121 31.22 52.98 -58.15
C ALA I 121 31.31 51.47 -58.32
N GLN I 122 31.33 50.72 -57.22
CA GLN I 122 31.34 49.27 -57.29
C GLN I 122 29.96 48.72 -56.90
N GLN I 123 29.79 47.42 -57.11
CA GLN I 123 28.58 46.72 -56.70
C GLN I 123 28.96 45.37 -56.10
N LYS I 124 30.27 45.13 -55.95
CA LYS I 124 30.75 43.85 -55.45
C LYS I 124 30.42 43.67 -53.97
N THR I 125 30.48 44.75 -53.20
CA THR I 125 30.15 44.68 -51.78
C THR I 125 28.66 44.43 -51.56
N MET I 126 27.82 44.87 -52.49
CA MET I 126 26.42 44.49 -52.46
C MET I 126 26.22 43.08 -53.01
N GLU I 127 27.18 42.61 -53.81
CA GLU I 127 27.07 41.27 -54.37
C GLU I 127 27.65 40.21 -53.44
N GLN I 128 28.74 40.53 -52.73
CA GLN I 128 29.39 39.53 -51.87
C GLN I 128 28.60 39.31 -50.59
N GLN I 129 27.76 40.27 -50.22
CA GLN I 129 27.03 40.17 -48.95
C GLN I 129 25.89 39.18 -49.03
N LEU I 130 25.44 38.84 -50.24
CA LEU I 130 24.25 37.99 -50.35
C LEU I 130 24.57 36.53 -50.11
N ILE I 131 25.66 36.04 -50.69
CA ILE I 131 26.05 34.64 -50.56
C ILE I 131 26.64 34.41 -49.17
N SER I 132 27.34 35.42 -48.65
CA SER I 132 27.91 35.32 -47.32
C SER I 132 26.82 35.31 -46.26
N ASN I 133 25.71 36.01 -46.51
CA ASN I 133 24.57 35.96 -45.61
C ASN I 133 23.54 34.92 -46.04
N MET I 134 23.84 34.12 -47.06
CA MET I 134 22.88 33.09 -47.48
C MET I 134 22.79 31.99 -46.43
N ASN I 135 23.89 31.27 -46.20
CA ASN I 135 24.01 30.39 -45.06
C ASN I 135 25.01 31.03 -44.13
N SER I 136 25.30 30.32 -43.01
CA SER I 136 26.03 30.84 -41.87
C SER I 136 25.39 32.15 -41.42
N ILE I 137 24.14 32.09 -40.99
CA ILE I 137 23.41 33.29 -40.60
C ILE I 137 22.45 32.91 -39.49
N THR I 138 22.11 33.90 -38.67
CA THR I 138 21.26 33.68 -37.52
C THR I 138 20.12 34.68 -37.52
N SER I 139 19.39 34.75 -36.41
CA SER I 139 18.45 35.83 -36.21
C SER I 139 19.03 36.79 -35.18
N ILE I 140 20.16 36.40 -34.60
CA ILE I 140 20.85 37.22 -33.61
C ILE I 140 21.63 38.29 -34.35
N ASP I 141 21.54 39.53 -33.87
CA ASP I 141 22.27 40.64 -34.49
C ASP I 141 23.76 40.47 -34.28
N GLU I 142 24.53 41.20 -35.10
CA GLU I 142 25.98 41.19 -34.97
C GLU I 142 26.44 41.84 -33.67
N ASP I 143 25.62 42.69 -33.07
CA ASP I 143 25.86 43.24 -31.75
C ASP I 143 24.72 42.83 -30.84
N ALA I 144 24.98 41.83 -30.00
CA ALA I 144 23.98 41.31 -29.08
C ALA I 144 24.69 40.61 -27.93
N TYR I 145 24.24 40.87 -26.71
CA TYR I 145 24.93 40.40 -25.53
C TYR I 145 24.15 39.27 -24.89
N ILE I 146 24.87 38.27 -24.42
CA ILE I 146 24.30 37.14 -23.70
C ILE I 146 24.69 37.24 -22.24
N MET I 147 23.72 37.05 -21.36
CA MET I 147 24.00 37.14 -19.94
C MET I 147 23.21 36.08 -19.20
N VAL I 148 23.72 35.68 -18.05
CA VAL I 148 23.11 34.67 -17.21
C VAL I 148 22.07 35.37 -16.35
N ALA I 149 20.81 35.11 -16.61
CA ALA I 149 19.74 35.61 -15.77
C ALA I 149 19.56 34.69 -14.58
N THR I 150 18.58 34.99 -13.74
CA THR I 150 18.33 34.18 -12.56
C THR I 150 16.86 33.78 -12.44
N ASN I 151 16.53 32.60 -12.95
CA ASN I 151 15.16 32.11 -12.87
C ASN I 151 14.90 31.47 -11.51
N GLY I 152 13.66 31.08 -11.28
CA GLY I 152 13.29 30.48 -10.01
C GLY I 152 13.45 31.45 -8.87
N LEU I 153 14.06 32.60 -9.17
CA LEU I 153 14.29 33.64 -8.19
C LEU I 153 14.77 33.07 -6.85
N LEU I 154 15.68 32.10 -6.91
CA LEU I 154 16.20 31.48 -5.71
C LEU I 154 17.04 30.25 -6.03
N GLY I 155 17.01 29.83 -7.30
CA GLY I 155 17.77 28.67 -7.73
C GLY I 155 17.66 28.40 -9.21
N GLU I 156 18.61 28.91 -9.98
CA GLU I 156 18.63 28.72 -11.42
C GLU I 156 19.63 29.68 -12.07
N LYS I 157 19.60 29.77 -13.39
CA LYS I 157 20.50 30.65 -14.11
C LYS I 157 20.45 30.46 -15.62
N TYR I 158 19.25 30.23 -16.16
CA TYR I 158 19.10 30.04 -17.59
C TYR I 158 19.73 31.22 -18.33
N LEU I 159 20.14 30.97 -19.58
CA LEU I 159 20.85 31.97 -20.38
C LEU I 159 19.89 32.83 -21.18
N LYS I 160 20.21 34.12 -21.25
CA LYS I 160 19.36 35.11 -21.88
C LYS I 160 20.12 35.81 -22.99
N ILE I 161 19.58 35.75 -24.20
CA ILE I 161 20.21 36.34 -25.37
C ILE I 161 19.41 37.56 -25.78
N VAL I 162 19.99 38.74 -25.61
CA VAL I 162 19.27 40.00 -25.81
C VAL I 162 19.68 40.57 -27.17
N PRO I 163 18.78 40.66 -28.13
CA PRO I 163 19.13 41.22 -29.44
C PRO I 163 18.84 42.72 -29.50
N GLY I 164 19.28 43.33 -30.59
CA GLY I 164 18.96 44.71 -30.86
C GLY I 164 20.08 45.41 -31.62
N GLY I 165 19.67 46.39 -32.42
CA GLY I 165 20.64 47.23 -33.13
C GLY I 165 21.17 46.58 -34.38
N GLY I 166 22.31 47.09 -34.84
CA GLY I 166 23.10 46.46 -35.89
C GLY I 166 22.46 46.40 -37.28
N LEU I 167 23.20 45.85 -38.23
CA LEU I 167 22.69 45.67 -39.58
C LEU I 167 22.87 44.24 -40.06
N ASN I 168 24.02 43.64 -39.74
CA ASN I 168 24.33 42.28 -40.16
C ASN I 168 24.08 41.32 -38.99
N TYR I 169 24.31 40.04 -39.23
CA TYR I 169 24.03 39.03 -38.22
C TYR I 169 25.29 38.20 -38.00
N LEU I 170 25.15 37.15 -37.20
CA LEU I 170 26.25 36.27 -36.85
C LEU I 170 26.09 34.93 -37.54
N LYS I 171 27.21 34.22 -37.69
CA LYS I 171 27.22 33.00 -38.46
C LYS I 171 26.75 31.83 -37.63
N ARG I 172 26.67 30.67 -38.27
CA ARG I 172 26.02 29.50 -37.70
C ARG I 172 26.95 28.79 -36.71
N GLY I 173 28.19 29.23 -36.61
CA GLY I 173 29.11 28.57 -35.71
C GLY I 173 30.05 29.49 -34.97
N ASP I 174 29.77 30.80 -34.98
CA ASP I 174 30.74 31.76 -34.47
C ASP I 174 30.68 31.91 -32.96
N THR I 175 31.32 32.95 -32.45
CA THR I 175 31.43 33.21 -31.02
C THR I 175 30.88 34.58 -30.70
N ILE I 176 29.89 34.63 -29.81
CA ILE I 176 29.30 35.90 -29.39
C ILE I 176 30.30 36.59 -28.47
N SER I 177 30.69 37.81 -28.85
CA SER I 177 31.79 38.49 -28.18
C SER I 177 31.31 39.47 -27.12
N ASN I 178 30.18 40.14 -27.32
CA ASN I 178 29.58 40.99 -26.31
C ASN I 178 28.96 40.05 -25.29
N THR I 179 29.53 40.00 -24.10
CA THR I 179 29.13 39.02 -23.10
C THR I 179 29.05 39.68 -21.74
N GLN I 180 28.24 39.08 -20.85
CA GLN I 180 28.09 39.61 -19.51
C GLN I 180 27.89 38.47 -18.53
N GLY I 181 28.95 38.14 -17.80
CA GLY I 181 28.84 37.13 -16.77
C GLY I 181 27.95 37.57 -15.62
N THR I 182 27.44 36.59 -14.90
CA THR I 182 26.48 36.88 -13.85
C THR I 182 27.17 37.43 -12.60
N MET I 183 26.36 37.96 -11.72
CA MET I 183 26.78 38.39 -10.40
C MET I 183 26.07 37.54 -9.37
N ASP I 184 26.32 37.83 -8.11
CA ASP I 184 25.91 36.96 -7.01
C ASP I 184 25.18 37.78 -5.97
N LEU I 185 24.94 37.18 -4.80
CA LEU I 185 24.45 37.96 -3.68
C LEU I 185 25.55 38.87 -3.13
N GLU I 186 26.81 38.52 -3.41
CA GLU I 186 27.91 39.37 -2.95
C GLU I 186 28.03 40.63 -3.78
N ASP I 187 27.42 40.68 -4.95
CA ASP I 187 27.19 41.98 -5.58
C ASP I 187 26.01 42.68 -4.93
N LEU I 188 25.00 41.91 -4.52
CA LEU I 188 23.78 42.46 -3.95
C LEU I 188 24.06 43.07 -2.58
N ILE I 189 25.13 42.64 -1.91
CA ILE I 189 25.44 43.20 -0.60
C ILE I 189 26.47 44.32 -0.71
N SER I 190 27.49 44.13 -1.55
CA SER I 190 28.62 45.06 -1.64
C SER I 190 28.24 46.45 -2.13
N LYS I 191 27.40 46.52 -3.17
CA LYS I 191 26.87 47.81 -3.57
C LYS I 191 25.90 48.34 -2.52
N PHE I 192 25.21 47.45 -1.82
CA PHE I 192 24.25 47.85 -0.81
C PHE I 192 24.94 48.36 0.45
N ILE I 193 26.21 48.00 0.62
CA ILE I 193 26.98 48.41 1.77
C ILE I 193 27.99 49.48 1.40
N SER J 3 7.91 -24.77 -19.76
CA SER J 3 9.36 -24.78 -19.88
C SER J 3 9.87 -23.70 -20.82
N ARG J 4 9.35 -23.70 -22.05
CA ARG J 4 9.84 -22.77 -23.05
C ARG J 4 9.35 -21.36 -22.78
N THR J 5 8.13 -21.23 -22.26
CA THR J 5 7.64 -19.91 -21.85
C THR J 5 8.39 -19.41 -20.61
N SER J 6 8.78 -20.33 -19.72
CA SER J 6 9.47 -19.94 -18.50
C SER J 6 10.87 -19.45 -18.79
N GLU J 7 11.53 -20.01 -19.80
CA GLU J 7 12.84 -19.50 -20.21
C GLU J 7 12.71 -18.12 -20.85
N LEU J 8 11.51 -17.76 -21.28
CA LEU J 8 11.25 -16.44 -21.83
C LEU J 8 10.84 -15.45 -20.74
N ALA J 9 9.91 -15.85 -19.89
CA ALA J 9 9.18 -14.88 -19.09
C ALA J 9 9.91 -14.52 -17.81
N VAL J 10 11.07 -15.12 -17.56
CA VAL J 10 11.92 -14.62 -16.50
C VAL J 10 13.21 -14.05 -17.10
N GLY J 11 13.53 -14.45 -18.33
CA GLY J 11 14.62 -13.80 -19.02
C GLY J 11 14.24 -12.40 -19.44
N ILE J 12 12.96 -12.18 -19.71
CA ILE J 12 12.49 -10.83 -20.01
C ILE J 12 12.35 -10.03 -18.74
N PHE J 13 12.34 -10.68 -17.58
CA PHE J 13 12.25 -9.96 -16.32
C PHE J 13 13.60 -9.38 -15.93
N VAL J 14 14.68 -10.12 -16.19
CA VAL J 14 16.00 -9.61 -15.86
C VAL J 14 16.43 -8.56 -16.89
N ILE J 15 15.73 -8.51 -18.02
CA ILE J 15 15.90 -7.42 -18.97
C ILE J 15 15.44 -6.12 -18.35
N ILE J 16 14.24 -6.11 -17.78
CA ILE J 16 13.66 -4.86 -17.29
C ILE J 16 14.36 -4.38 -16.03
N PHE J 17 14.78 -5.31 -15.15
CA PHE J 17 15.43 -4.92 -13.91
C PHE J 17 16.79 -4.27 -14.18
N GLY J 18 17.48 -4.73 -15.21
CA GLY J 18 18.76 -4.12 -15.55
C GLY J 18 18.60 -2.71 -16.09
N ILE J 19 17.50 -2.47 -16.80
CA ILE J 19 17.25 -1.14 -17.33
C ILE J 19 16.90 -0.18 -16.20
N ALA J 20 16.09 -0.66 -15.25
CA ALA J 20 15.66 0.23 -14.18
C ALA J 20 16.75 0.44 -13.14
N LEU J 21 17.81 -0.36 -13.19
CA LEU J 21 18.98 -0.04 -12.37
C LEU J 21 19.88 0.94 -13.12
N PHE J 22 19.91 0.83 -14.44
CA PHE J 22 20.66 1.75 -15.28
C PHE J 22 20.08 3.16 -15.22
N PHE J 23 18.75 3.25 -15.07
CA PHE J 23 18.03 4.49 -14.89
C PHE J 23 18.47 5.20 -13.62
N LEU J 24 18.63 4.45 -12.53
CA LEU J 24 18.95 5.08 -11.26
C LEU J 24 20.41 5.46 -11.20
N ALA J 25 21.28 4.61 -11.73
CA ALA J 25 22.71 4.86 -11.67
C ALA J 25 23.12 5.99 -12.61
N MET J 26 22.75 5.88 -13.88
CA MET J 26 23.34 6.75 -14.90
C MET J 26 22.43 7.89 -15.33
N LYS J 27 21.31 8.12 -14.64
CA LYS J 27 20.49 9.28 -14.95
C LYS J 27 20.00 9.98 -13.70
N VAL J 28 20.30 9.44 -12.53
CA VAL J 28 19.83 10.07 -11.30
C VAL J 28 20.98 10.38 -10.36
N SER J 29 21.69 9.36 -9.89
CA SER J 29 22.59 9.60 -8.77
C SER J 29 23.91 10.18 -9.24
N GLY J 30 24.64 10.74 -8.28
CA GLY J 30 25.87 11.46 -8.53
C GLY J 30 26.99 10.64 -9.11
N LEU J 31 27.06 9.36 -8.75
CA LEU J 31 28.15 8.50 -9.20
C LEU J 31 27.90 7.98 -10.62
N VAL J 32 27.70 8.92 -11.54
CA VAL J 32 27.46 8.59 -12.94
C VAL J 32 28.72 8.83 -13.76
N GLY J 33 29.84 9.01 -13.07
CA GLY J 33 31.12 9.26 -13.71
C GLY J 33 31.82 10.46 -13.09
N THR J 34 31.13 11.13 -12.18
CA THR J 34 31.69 12.30 -11.51
C THR J 34 33.08 12.01 -10.95
N ASN J 35 34.09 12.26 -11.76
CA ASN J 35 35.47 12.02 -11.35
C ASN J 35 36.47 12.54 -12.36
N LEU J 36 37.42 13.36 -11.89
CA LEU J 36 38.44 13.93 -12.76
C LEU J 36 39.70 13.06 -12.79
N SER J 37 40.63 13.40 -13.67
CA SER J 37 41.87 12.66 -13.79
C SER J 37 42.70 12.73 -12.51
N ASP J 38 44.02 12.63 -12.67
CA ASP J 38 44.92 12.70 -11.52
C ASP J 38 44.55 13.83 -10.58
N GLY J 39 43.57 13.59 -9.72
CA GLY J 39 43.11 14.59 -8.77
C GLY J 39 43.90 14.56 -7.47
N TYR J 40 44.55 15.67 -7.16
CA TYR J 40 45.34 15.77 -5.94
C TYR J 40 44.50 16.45 -4.86
N THR J 41 44.99 16.43 -3.63
CA THR J 41 44.25 17.02 -2.51
C THR J 41 45.07 18.14 -1.93
N MET J 42 44.39 19.14 -1.39
CA MET J 42 44.99 20.20 -0.60
C MET J 42 44.21 20.31 0.70
N LYS J 43 44.45 21.39 1.44
CA LYS J 43 43.66 21.65 2.63
C LYS J 43 43.67 23.15 2.91
N ALA J 44 42.75 23.57 3.78
CA ALA J 44 42.65 24.97 4.20
C ALA J 44 41.98 25.03 5.57
N GLN J 45 42.12 26.16 6.24
CA GLN J 45 41.54 26.37 7.55
C GLN J 45 40.53 27.50 7.48
N PHE J 46 39.48 27.40 8.28
CA PHE J 46 38.37 28.35 8.23
C PHE J 46 37.99 28.80 9.63
N ASP J 47 37.00 29.68 9.69
CA ASP J 47 36.35 30.04 10.94
C ASP J 47 34.89 29.59 11.00
N ASN J 48 34.12 29.87 9.96
CA ASN J 48 32.73 29.44 9.90
C ASN J 48 32.56 28.43 8.78
N VAL J 49 32.27 27.20 9.16
CA VAL J 49 32.01 26.14 8.19
C VAL J 49 30.58 25.74 8.46
N ASN J 50 29.77 26.72 8.86
CA ASN J 50 28.40 26.47 9.31
C ASN J 50 27.54 25.90 8.21
N GLY J 51 27.03 24.70 8.45
CA GLY J 51 26.16 24.03 7.52
C GLY J 51 26.85 23.64 6.23
N LEU J 52 27.91 22.85 6.33
CA LEU J 52 28.64 22.45 5.13
C LEU J 52 28.84 20.95 5.17
N LYS J 53 28.08 20.24 4.35
CA LYS J 53 28.20 18.80 4.31
C LYS J 53 29.45 18.41 3.53
N PRO J 54 30.02 17.24 3.80
CA PRO J 54 31.03 16.68 2.91
C PRO J 54 30.44 16.29 1.57
N ARG J 55 31.32 16.10 0.59
CA ARG J 55 31.01 15.95 -0.83
C ARG J 55 30.22 17.13 -1.37
N ALA J 56 30.61 18.34 -1.02
CA ALA J 56 30.02 19.55 -1.58
C ALA J 56 30.65 19.82 -2.94
N LYS J 57 30.42 21.01 -3.50
CA LYS J 57 31.11 21.40 -4.73
C LYS J 57 32.26 22.33 -4.39
N VAL J 58 33.23 22.39 -5.30
CA VAL J 58 34.25 23.43 -5.30
C VAL J 58 34.21 24.07 -6.68
N THR J 59 34.34 25.39 -6.74
CA THR J 59 34.33 26.09 -8.02
C THR J 59 35.43 27.13 -8.05
N MET J 60 35.86 27.47 -9.27
CA MET J 60 36.74 28.59 -9.48
C MET J 60 36.09 29.73 -10.23
N SER J 61 35.47 29.42 -11.37
CA SER J 61 34.61 30.40 -12.03
C SER J 61 33.21 29.84 -12.20
N GLY J 62 32.73 29.05 -11.27
CA GLY J 62 31.44 28.42 -11.41
C GLY J 62 31.50 27.08 -12.10
N VAL J 63 32.69 26.52 -12.31
CA VAL J 63 32.85 25.22 -12.93
C VAL J 63 33.19 24.21 -11.84
N THR J 64 32.63 23.02 -11.94
CA THR J 64 32.73 22.06 -10.86
C THR J 64 34.08 21.37 -10.90
N ILE J 65 35.07 21.92 -10.19
CA ILE J 65 36.43 21.41 -10.27
C ILE J 65 36.76 20.43 -9.17
N GLY J 66 35.87 20.21 -8.21
CA GLY J 66 36.20 19.27 -7.16
C GLY J 66 35.21 19.32 -6.02
N ARG J 67 35.51 18.53 -5.00
CA ARG J 67 34.59 18.35 -3.88
C ARG J 67 35.33 18.57 -2.58
N VAL J 68 34.59 18.48 -1.50
CA VAL J 68 35.12 18.57 -0.15
C VAL J 68 35.09 17.19 0.48
N ASP J 69 36.23 16.72 0.98
CA ASP J 69 36.35 15.38 1.53
C ASP J 69 36.03 15.33 3.01
N SER J 70 36.80 16.00 3.86
CA SER J 70 36.58 15.85 5.29
C SER J 70 36.72 17.19 5.99
N ILE J 71 35.91 17.38 7.01
CA ILE J 71 35.83 18.62 7.76
C ILE J 71 36.17 18.28 9.19
N THR J 72 37.36 18.61 9.63
CA THR J 72 37.77 18.31 10.99
C THR J 72 37.99 19.60 11.76
N LEU J 73 37.89 19.47 13.07
CA LEU J 73 38.21 20.55 13.99
C LEU J 73 39.59 20.27 14.58
N ASP J 74 40.28 21.28 15.06
CA ASP J 74 41.49 20.99 15.81
C ASP J 74 41.49 21.78 17.11
N PRO J 75 41.42 21.10 18.26
CA PRO J 75 41.41 21.82 19.54
C PRO J 75 42.75 22.42 19.91
N VAL J 76 43.79 22.13 19.13
CA VAL J 76 45.10 22.71 19.34
C VAL J 76 45.06 24.22 19.12
N THR J 77 44.18 24.69 18.23
CA THR J 77 44.12 26.12 17.97
C THR J 77 42.72 26.67 17.75
N ARG J 78 41.71 25.91 18.11
CA ARG J 78 40.31 26.33 17.98
C ARG J 78 39.94 26.79 16.57
N LEU J 79 40.10 25.90 15.60
CA LEU J 79 39.75 26.24 14.23
C LEU J 79 39.10 25.04 13.58
N ALA J 80 38.78 25.18 12.31
CA ALA J 80 38.30 24.06 11.51
C ALA J 80 39.12 23.94 10.24
N THR J 81 39.61 22.73 9.96
CA THR J 81 40.50 22.53 8.83
C THR J 81 39.81 21.64 7.83
N VAL J 82 39.58 22.18 6.64
CA VAL J 82 38.84 21.51 5.58
C VAL J 82 39.83 20.75 4.72
N THR J 83 39.52 19.49 4.43
CA THR J 83 40.31 18.69 3.50
C THR J 83 39.51 18.44 2.25
N PHE J 84 40.08 18.77 1.10
CA PHE J 84 39.34 18.74 -0.15
C PHE J 84 40.28 18.39 -1.27
N ASP J 85 39.76 17.76 -2.31
CA ASP J 85 40.55 17.39 -3.47
C ASP J 85 40.08 18.16 -4.69
N LEU J 86 41.01 18.83 -5.35
CA LEU J 86 40.72 19.57 -6.56
C LEU J 86 40.89 18.66 -7.76
N ASP J 87 40.93 19.25 -8.95
CA ASP J 87 41.27 18.49 -10.14
C ASP J 87 42.74 18.67 -10.41
N GLY J 88 43.25 17.87 -11.33
CA GLY J 88 44.66 17.97 -11.67
C GLY J 88 44.85 18.54 -13.05
N LYS J 89 43.83 18.46 -13.90
CA LYS J 89 44.00 18.99 -15.25
C LYS J 89 43.55 20.45 -15.33
N LEU J 90 42.42 20.76 -14.74
CA LEU J 90 41.89 22.12 -14.81
C LEU J 90 42.56 23.08 -13.85
N THR J 91 43.46 22.57 -13.01
CA THR J 91 44.12 23.39 -12.02
C THR J 91 45.61 23.47 -12.26
N SER J 92 46.17 22.49 -12.96
CA SER J 92 47.57 22.52 -13.34
C SER J 92 47.69 22.87 -14.81
N PHE J 93 48.66 23.70 -15.14
CA PHE J 93 48.91 24.09 -16.53
C PHE J 93 49.49 22.90 -17.27
N ASN J 94 49.17 22.80 -18.55
CA ASN J 94 49.87 21.85 -19.41
C ASN J 94 51.26 22.41 -19.71
N ALA J 95 52.14 21.57 -20.25
CA ALA J 95 53.52 21.92 -20.58
C ALA J 95 53.63 23.14 -21.50
N GLU J 96 52.72 23.25 -22.47
CA GLU J 96 52.67 24.43 -23.32
C GLU J 96 52.27 25.65 -22.51
N GLN J 97 51.25 25.51 -21.68
CA GLN J 97 50.86 26.60 -20.80
C GLN J 97 51.90 26.82 -19.72
N LEU J 98 52.67 25.78 -19.39
CA LEU J 98 53.73 25.93 -18.41
C LEU J 98 54.83 26.83 -18.95
N LYS J 99 55.34 26.55 -20.15
CA LYS J 99 56.39 27.38 -20.72
C LYS J 99 55.88 28.76 -21.10
N GLU J 100 54.58 28.87 -21.37
CA GLU J 100 53.97 30.17 -21.63
C GLU J 100 54.09 31.11 -20.45
N VAL J 101 53.99 30.57 -19.23
CA VAL J 101 54.10 31.42 -18.06
C VAL J 101 55.47 31.33 -17.40
N GLN J 102 56.27 30.30 -17.70
CA GLN J 102 57.55 30.10 -17.03
C GLN J 102 58.56 31.17 -17.43
N LYS J 103 58.74 31.38 -18.74
CA LYS J 103 59.53 32.51 -19.19
C LYS J 103 58.79 33.82 -18.99
N ASN J 104 57.47 33.79 -18.89
CA ASN J 104 56.74 34.97 -18.47
C ASN J 104 56.96 35.20 -16.98
N ALA J 105 57.20 34.14 -16.21
CA ALA J 105 57.70 34.34 -14.85
C ALA J 105 59.16 34.79 -14.88
N LEU J 106 59.91 34.34 -15.89
CA LEU J 106 61.24 34.93 -16.09
C LEU J 106 61.12 36.35 -16.59
N ASP J 107 60.06 36.65 -17.35
CA ASP J 107 59.74 38.04 -17.62
C ASP J 107 59.29 38.76 -16.36
N GLU J 108 58.65 38.03 -15.44
CA GLU J 108 58.30 38.60 -14.15
C GLU J 108 59.51 38.71 -13.24
N LEU J 109 60.41 37.72 -13.31
CA LEU J 109 61.61 37.73 -12.48
C LEU J 109 62.53 38.88 -12.89
N ARG J 110 62.91 38.89 -14.16
CA ARG J 110 63.79 39.94 -14.69
C ARG J 110 63.01 41.23 -14.89
N TYR J 111 61.82 41.29 -14.30
CA TYR J 111 60.97 42.48 -14.42
C TYR J 111 61.76 43.74 -14.11
N SER J 112 62.44 44.27 -15.12
CA SER J 112 63.25 45.48 -14.97
C SER J 112 64.06 45.43 -13.67
N SER J 113 63.63 46.16 -12.66
CA SER J 113 64.32 46.20 -11.38
C SER J 113 64.33 44.80 -10.75
N ASP J 114 63.33 44.00 -11.11
CA ASP J 114 63.21 42.65 -10.59
C ASP J 114 64.38 41.81 -11.06
N TYR J 115 65.09 42.29 -12.07
CA TYR J 115 66.24 41.59 -12.62
C TYR J 115 67.50 41.88 -11.80
N THR J 116 67.83 43.16 -11.65
CA THR J 116 68.92 43.60 -10.78
C THR J 116 68.42 43.97 -9.40
N GLN J 117 67.67 43.07 -8.75
CA GLN J 117 67.27 43.26 -7.36
C GLN J 117 67.59 42.07 -6.46
N ALA J 118 67.40 40.84 -6.93
CA ALA J 118 67.85 39.67 -6.18
C ALA J 118 69.23 39.25 -6.69
N THR J 119 69.29 38.89 -7.98
CA THR J 119 70.55 38.52 -8.62
C THR J 119 70.47 38.75 -10.12
N PRO J 120 71.20 39.72 -10.66
CA PRO J 120 71.41 39.76 -12.11
C PRO J 120 72.74 39.12 -12.47
N ALA J 121 73.53 38.82 -11.43
CA ALA J 121 74.85 38.22 -11.58
C ALA J 121 74.86 36.77 -11.11
N GLN J 122 73.70 36.12 -11.04
CA GLN J 122 73.59 34.73 -10.65
C GLN J 122 72.30 34.13 -11.21
N GLN J 123 72.21 32.80 -11.22
CA GLN J 123 71.07 32.10 -11.80
C GLN J 123 70.10 31.57 -10.74
N LYS J 124 70.23 32.04 -9.49
CA LYS J 124 69.31 31.59 -8.45
C LYS J 124 67.93 32.25 -8.61
N THR J 125 67.92 33.54 -8.97
CA THR J 125 66.65 34.21 -9.22
C THR J 125 66.24 34.12 -10.69
N MET J 126 67.05 33.47 -11.51
CA MET J 126 66.78 33.36 -12.94
C MET J 126 66.47 31.92 -13.35
N GLU J 127 67.29 30.96 -12.92
CA GLU J 127 67.13 29.59 -13.41
C GLU J 127 66.31 28.72 -12.46
N GLN J 128 66.34 29.02 -11.16
CA GLN J 128 65.58 28.20 -10.21
C GLN J 128 64.09 28.42 -10.35
N GLN J 129 63.67 29.67 -10.62
CA GLN J 129 62.27 29.95 -10.87
C GLN J 129 61.75 29.29 -12.14
N LEU J 130 62.63 28.91 -13.06
CA LEU J 130 62.21 28.06 -14.17
C LEU J 130 61.82 26.67 -13.68
N ILE J 131 62.68 26.04 -12.87
CA ILE J 131 62.30 24.71 -12.38
C ILE J 131 61.28 24.83 -11.25
N SER J 132 61.22 25.98 -10.56
CA SER J 132 60.14 26.16 -9.59
C SER J 132 58.81 26.41 -10.27
N ASN J 133 58.84 26.77 -11.56
CA ASN J 133 57.59 26.89 -12.31
C ASN J 133 56.97 25.53 -12.56
N MET J 134 57.78 24.46 -12.59
CA MET J 134 57.25 23.18 -13.02
C MET J 134 56.80 22.29 -11.88
N ASN J 135 57.24 22.54 -10.65
CA ASN J 135 57.04 21.57 -9.57
C ASN J 135 55.59 21.49 -9.14
N SER J 136 54.85 20.57 -9.76
CA SER J 136 53.45 20.24 -9.46
C SER J 136 52.55 21.48 -9.43
N ILE J 137 52.63 22.29 -10.48
CA ILE J 137 52.17 23.68 -10.41
C ILE J 137 50.64 23.74 -10.39
N THR J 138 50.13 24.84 -9.84
CA THR J 138 48.71 25.09 -9.73
C THR J 138 48.36 26.37 -10.46
N SER J 139 47.10 26.46 -10.90
CA SER J 139 46.56 27.72 -11.40
C SER J 139 46.24 28.69 -10.26
N ILE J 140 46.18 28.18 -9.03
CA ILE J 140 45.95 29.01 -7.86
C ILE J 140 47.21 29.81 -7.64
N ASP J 141 47.08 31.14 -7.65
CA ASP J 141 48.24 32.00 -7.50
C ASP J 141 48.72 32.02 -6.06
N GLU J 142 49.77 32.78 -5.84
CA GLU J 142 50.43 32.84 -4.55
C GLU J 142 49.60 33.50 -3.47
N ASP J 143 48.64 34.38 -3.79
CA ASP J 143 47.94 35.09 -2.74
C ASP J 143 46.46 35.29 -3.03
N ALA J 144 45.84 34.33 -3.72
CA ALA J 144 44.40 34.34 -3.89
C ALA J 144 43.70 34.01 -2.57
N TYR J 145 42.38 34.19 -2.55
CA TYR J 145 41.63 34.01 -1.33
C TYR J 145 40.37 33.20 -1.59
N ILE J 146 40.06 32.31 -0.67
CA ILE J 146 38.96 31.37 -0.75
C ILE J 146 37.90 31.78 0.25
N MET J 147 36.63 31.59 -0.11
CA MET J 147 35.54 31.90 0.79
C MET J 147 34.34 31.03 0.44
N VAL J 148 33.49 30.82 1.42
CA VAL J 148 32.31 29.98 1.27
C VAL J 148 31.19 30.84 0.71
N ALA J 149 30.71 30.48 -0.47
CA ALA J 149 29.53 31.10 -1.05
C ALA J 149 28.34 30.19 -0.83
N THR J 150 27.18 30.67 -1.28
CA THR J 150 25.95 29.89 -1.21
C THR J 150 25.22 30.04 -2.54
N ASN J 151 24.73 28.92 -3.08
CA ASN J 151 24.22 28.93 -4.44
C ASN J 151 22.87 29.63 -4.51
N GLY J 152 22.92 30.95 -4.57
CA GLY J 152 21.74 31.74 -4.32
C GLY J 152 21.65 32.06 -2.84
N LEU J 153 20.69 32.90 -2.46
CA LEU J 153 20.58 33.39 -1.09
C LEU J 153 19.61 32.51 -0.30
N LEU J 154 19.24 31.40 -0.91
CA LEU J 154 18.52 30.34 -0.23
C LEU J 154 18.85 29.03 -0.91
N GLY J 155 19.80 28.29 -0.35
CA GLY J 155 20.24 27.07 -0.98
C GLY J 155 21.30 26.37 -0.18
N GLU J 156 22.27 25.77 -0.86
CA GLU J 156 23.30 24.98 -0.22
C GLU J 156 24.57 25.79 -0.06
N LYS J 157 25.59 25.15 0.47
CA LYS J 157 26.88 25.79 0.65
C LYS J 157 27.92 25.06 -0.17
N TYR J 158 28.86 25.84 -0.73
CA TYR J 158 29.84 25.30 -1.65
C TYR J 158 31.01 26.26 -1.68
N LEU J 159 32.14 25.76 -2.11
CA LEU J 159 33.37 26.54 -2.12
C LEU J 159 33.57 27.22 -3.46
N LYS J 160 33.78 28.52 -3.43
CA LYS J 160 34.27 29.24 -4.58
C LYS J 160 35.62 29.82 -4.21
N ILE J 161 36.47 30.03 -5.21
CA ILE J 161 37.80 30.56 -4.99
C ILE J 161 37.97 31.79 -5.85
N VAL J 162 38.26 32.92 -5.20
CA VAL J 162 38.44 34.19 -5.90
C VAL J 162 39.87 34.23 -6.42
N PRO J 163 40.09 34.32 -7.72
CA PRO J 163 41.44 34.37 -8.26
C PRO J 163 41.94 35.81 -8.33
N GLY J 164 43.15 35.96 -8.81
CA GLY J 164 43.73 37.26 -9.08
C GLY J 164 44.82 37.61 -8.10
N GLY J 165 45.67 38.55 -8.50
CA GLY J 165 46.75 39.01 -7.65
C GLY J 165 47.92 38.05 -7.62
N GLY J 166 49.11 38.64 -7.46
CA GLY J 166 50.32 37.84 -7.35
C GLY J 166 50.82 37.25 -8.65
N LEU J 167 52.11 36.92 -8.67
CA LEU J 167 52.73 36.37 -9.88
C LEU J 167 53.24 34.96 -9.70
N ASN J 168 53.50 34.50 -8.48
CA ASN J 168 53.89 33.13 -8.21
C ASN J 168 52.65 32.29 -7.91
N TYR J 169 52.87 31.02 -7.66
CA TYR J 169 51.78 30.05 -7.55
C TYR J 169 52.01 29.20 -6.31
N LEU J 170 51.24 28.11 -6.21
CA LEU J 170 51.41 27.19 -5.10
C LEU J 170 51.52 25.79 -5.65
N LYS J 171 51.84 24.86 -4.76
CA LYS J 171 52.10 23.48 -5.14
C LYS J 171 50.92 22.62 -4.73
N ARG J 172 50.94 21.37 -5.18
CA ARG J 172 49.93 20.42 -4.73
C ARG J 172 50.13 20.10 -3.25
N GLY J 173 49.03 20.00 -2.50
CA GLY J 173 49.11 19.68 -1.11
C GLY J 173 49.46 20.84 -0.21
N ASP J 174 49.47 22.06 -0.73
CA ASP J 174 49.74 23.22 0.10
C ASP J 174 48.50 23.61 0.89
N THR J 175 48.54 24.78 1.50
CA THR J 175 47.40 25.33 2.21
C THR J 175 47.13 26.73 1.71
N ILE J 176 45.91 26.95 1.22
CA ILE J 176 45.53 28.27 0.71
C ILE J 176 45.39 29.21 1.89
N SER J 177 46.01 30.38 1.80
CA SER J 177 45.84 31.37 2.83
C SER J 177 44.67 32.28 2.51
N ASN J 178 44.43 33.24 3.41
CA ASN J 178 43.42 34.29 3.30
C ASN J 178 42.02 33.72 3.15
N THR J 179 41.50 33.07 4.18
CA THR J 179 40.20 32.45 4.11
C THR J 179 39.20 33.26 4.91
N GLN J 180 37.93 33.20 4.50
CA GLN J 180 36.85 33.76 5.31
C GLN J 180 35.61 32.91 5.15
N GLY J 181 34.95 32.64 6.26
CA GLY J 181 33.88 31.68 6.32
C GLY J 181 32.54 32.26 5.93
N THR J 182 31.49 31.52 6.28
CA THR J 182 30.17 31.87 5.82
C THR J 182 29.59 33.01 6.65
N MET J 183 28.60 33.67 6.07
CA MET J 183 27.94 34.82 6.68
C MET J 183 26.45 34.59 6.63
N ASP J 184 25.77 34.83 7.75
CA ASP J 184 24.36 34.48 7.84
C ASP J 184 23.60 35.61 8.54
N LEU J 185 22.34 35.33 8.86
CA LEU J 185 21.40 36.29 9.40
C LEU J 185 21.85 36.83 10.74
N GLU J 186 22.59 36.00 11.49
CA GLU J 186 23.14 36.43 12.76
C GLU J 186 24.40 37.28 12.56
N ASP J 187 24.83 37.47 11.31
CA ASP J 187 26.01 38.27 11.02
C ASP J 187 25.72 39.52 10.19
N LEU J 188 24.62 39.51 9.45
CA LEU J 188 24.28 40.63 8.58
C LEU J 188 23.87 41.86 9.38
N ILE J 189 23.44 41.65 10.63
CA ILE J 189 23.28 42.76 11.57
C ILE J 189 24.63 43.42 11.83
N SER J 190 25.67 42.60 12.00
CA SER J 190 27.01 43.12 12.23
C SER J 190 27.60 43.69 10.94
N LYS J 191 27.02 43.32 9.79
CA LYS J 191 27.48 43.90 8.52
C LYS J 191 27.06 45.35 8.37
N PHE J 192 25.83 45.69 8.75
CA PHE J 192 25.34 47.05 8.60
C PHE J 192 25.79 47.95 9.73
N ILE J 193 25.42 47.64 10.97
CA ILE J 193 25.83 48.45 12.09
C ILE J 193 27.02 47.83 12.79
N SER K 3 10.47 -33.40 23.15
CA SER K 3 11.21 -32.20 22.78
C SER K 3 10.27 -31.10 22.30
N ARG K 4 9.09 -31.04 22.90
CA ARG K 4 8.08 -30.05 22.53
C ARG K 4 8.36 -28.66 23.08
N THR K 5 9.21 -28.57 24.11
CA THR K 5 9.53 -27.28 24.70
C THR K 5 10.66 -26.57 23.95
N SER K 6 11.33 -27.27 23.05
CA SER K 6 12.49 -26.68 22.38
C SER K 6 12.07 -25.61 21.39
N GLU K 7 11.04 -25.91 20.60
CA GLU K 7 10.50 -24.96 19.66
C GLU K 7 10.02 -23.78 20.49
N LEU K 8 9.36 -24.08 21.60
CA LEU K 8 8.88 -23.03 22.49
C LEU K 8 10.04 -22.18 22.99
N ALA K 9 11.18 -22.81 23.29
CA ALA K 9 12.31 -22.08 23.85
C ALA K 9 12.96 -21.19 22.79
N VAL K 10 13.07 -21.68 21.56
CA VAL K 10 13.59 -20.85 20.48
C VAL K 10 12.59 -19.76 20.14
N GLY K 11 11.30 -20.05 20.30
CA GLY K 11 10.28 -19.04 20.08
C GLY K 11 10.32 -17.92 21.11
N ILE K 12 10.95 -18.19 22.25
CA ILE K 12 11.25 -17.11 23.18
C ILE K 12 12.59 -16.49 22.83
N PHE K 13 13.55 -17.32 22.40
CA PHE K 13 14.92 -16.87 22.16
C PHE K 13 15.00 -15.90 20.98
N VAL K 14 14.08 -16.02 20.02
CA VAL K 14 14.05 -15.08 18.91
C VAL K 14 13.35 -13.80 19.32
N ILE K 15 12.24 -13.93 20.04
CA ILE K 15 11.37 -12.79 20.25
C ILE K 15 11.93 -11.86 21.34
N ILE K 16 12.85 -12.37 22.16
CA ILE K 16 13.55 -11.46 23.07
C ILE K 16 14.77 -10.88 22.39
N PHE K 17 15.25 -11.55 21.34
CA PHE K 17 16.38 -11.03 20.60
C PHE K 17 15.95 -9.95 19.63
N GLY K 18 14.75 -10.06 19.09
CA GLY K 18 14.29 -9.09 18.10
C GLY K 18 14.07 -7.72 18.71
N ILE K 19 13.61 -7.70 19.96
CA ILE K 19 13.42 -6.43 20.64
C ILE K 19 14.77 -5.86 21.07
N ALA K 20 15.74 -6.72 21.31
CA ALA K 20 17.05 -6.26 21.75
C ALA K 20 17.78 -5.53 20.64
N LEU K 21 17.66 -6.03 19.41
CA LEU K 21 18.21 -5.29 18.27
C LEU K 21 17.35 -4.08 17.96
N PHE K 22 16.06 -4.15 18.30
CA PHE K 22 15.17 -3.02 18.09
C PHE K 22 15.54 -1.87 19.01
N PHE K 23 16.05 -2.18 20.19
CA PHE K 23 16.57 -1.11 21.04
C PHE K 23 18.00 -0.75 20.65
N LEU K 24 18.68 -1.63 19.91
CA LEU K 24 20.01 -1.29 19.42
C LEU K 24 19.94 -0.24 18.33
N ALA K 25 18.84 -0.21 17.59
CA ALA K 25 18.63 0.87 16.63
C ALA K 25 18.21 2.15 17.35
N MET K 26 17.78 2.02 18.61
CA MET K 26 17.37 3.19 19.36
C MET K 26 18.56 3.93 19.96
N LYS K 27 19.76 3.40 19.78
CA LYS K 27 20.96 4.18 20.05
C LYS K 27 21.13 5.26 19.00
N VAL K 28 21.35 4.87 17.75
CA VAL K 28 21.89 5.79 16.74
C VAL K 28 20.76 6.61 16.12
N SER K 29 19.52 6.29 16.44
CA SER K 29 18.39 7.04 15.92
C SER K 29 18.36 8.43 16.54
N GLY K 30 18.75 8.52 17.81
CA GLY K 30 18.93 9.81 18.42
C GLY K 30 17.77 10.31 19.24
N LEU K 31 16.68 9.55 19.30
CA LEU K 31 15.57 10.00 20.13
C LEU K 31 15.91 9.70 21.59
N VAL K 32 16.05 8.42 21.91
CA VAL K 32 16.41 8.00 23.26
C VAL K 32 17.91 7.73 23.26
N GLY K 33 18.56 8.08 24.35
CA GLY K 33 20.00 7.92 24.48
C GLY K 33 20.75 9.01 23.75
N THR K 34 22.04 9.10 24.08
CA THR K 34 22.91 10.09 23.42
C THR K 34 24.05 9.36 22.73
N ASN K 35 24.42 9.83 21.54
CA ASN K 35 25.53 9.23 20.81
C ASN K 35 26.84 9.94 21.14
N LEU K 36 27.10 10.05 22.44
CA LEU K 36 28.19 10.85 22.94
C LEU K 36 29.13 10.00 23.79
N SER K 37 30.40 9.96 23.38
CA SER K 37 31.43 9.26 24.13
C SER K 37 31.93 10.18 25.24
N ASP K 38 31.70 9.76 26.49
CA ASP K 38 31.94 10.49 27.74
C ASP K 38 31.56 11.96 27.67
N GLY K 39 30.28 12.24 27.43
CA GLY K 39 29.81 13.60 27.44
C GLY K 39 29.81 14.20 28.83
N TYR K 40 29.70 15.51 28.92
CA TYR K 40 29.80 16.21 30.19
C TYR K 40 28.96 17.46 30.12
N THR K 41 28.33 17.85 31.22
CA THR K 41 27.32 18.90 31.19
C THR K 41 27.94 20.25 31.50
N MET K 42 27.43 21.28 30.87
CA MET K 42 27.74 22.67 31.15
C MET K 42 26.46 23.48 31.04
N LYS K 43 26.46 24.68 31.60
CA LYS K 43 25.26 25.50 31.57
C LYS K 43 25.62 26.92 31.17
N ALA K 44 24.60 27.68 30.81
CA ALA K 44 24.76 29.08 30.47
C ALA K 44 23.45 29.80 30.74
N GLN K 45 23.53 31.12 30.89
CA GLN K 45 22.37 31.92 31.26
C GLN K 45 22.19 33.04 30.26
N PHE K 46 21.02 33.11 29.66
CA PHE K 46 20.70 34.00 28.57
C PHE K 46 19.68 35.04 29.04
N ASP K 47 19.19 35.82 28.08
CA ASP K 47 18.04 36.68 28.31
C ASP K 47 17.01 36.54 27.19
N ASN K 48 17.33 35.79 26.14
CA ASN K 48 16.41 35.59 25.05
C ASN K 48 16.72 34.28 24.33
N VAL K 49 15.93 33.25 24.57
CA VAL K 49 16.15 31.94 23.98
C VAL K 49 15.04 31.59 22.98
N ASN K 50 14.50 32.60 22.29
CA ASN K 50 13.40 32.49 21.36
C ASN K 50 13.52 31.39 20.31
N GLY K 51 12.63 30.40 20.40
CA GLY K 51 12.59 29.35 19.39
C GLY K 51 13.72 28.34 19.47
N LEU K 52 14.24 28.10 20.66
CA LEU K 52 15.38 27.21 20.86
C LEU K 52 14.87 25.94 21.53
N LYS K 53 14.66 24.92 20.74
CA LYS K 53 14.05 23.68 21.20
C LYS K 53 15.05 22.85 22.00
N PRO K 54 14.60 21.81 22.70
CA PRO K 54 15.57 20.79 23.15
C PRO K 54 16.10 19.99 21.99
N ARG K 55 17.18 19.24 22.24
CA ARG K 55 17.92 18.48 21.24
C ARG K 55 18.40 19.39 20.10
N ALA K 56 18.91 20.57 20.46
CA ALA K 56 19.42 21.52 19.51
C ALA K 56 20.88 21.22 19.17
N LYS K 57 21.51 22.07 18.37
CA LYS K 57 22.87 21.84 17.92
C LYS K 57 23.79 22.81 18.63
N VAL K 58 25.00 22.34 18.94
CA VAL K 58 26.04 23.17 19.55
C VAL K 58 27.29 23.04 18.72
N THR K 59 27.77 24.15 18.18
CA THR K 59 28.88 24.12 17.25
C THR K 59 30.03 24.98 17.75
N MET K 60 31.23 24.68 17.25
CA MET K 60 32.42 25.45 17.55
C MET K 60 32.79 26.41 16.44
N SER K 61 32.87 25.94 15.19
CA SER K 61 32.97 26.83 14.06
C SER K 61 32.13 26.28 12.92
N GLY K 62 31.41 25.19 13.21
CA GLY K 62 30.68 24.48 12.19
C GLY K 62 30.68 22.99 12.43
N VAL K 63 31.43 22.56 13.44
CA VAL K 63 31.46 21.16 13.85
C VAL K 63 30.51 20.97 15.03
N THR K 64 29.50 20.11 14.83
CA THR K 64 28.48 19.92 15.83
C THR K 64 29.05 19.11 16.99
N ILE K 65 29.15 19.72 18.15
CA ILE K 65 29.80 19.08 19.29
C ILE K 65 28.90 18.97 20.50
N GLY K 66 27.58 19.00 20.34
CA GLY K 66 26.76 18.86 21.52
C GLY K 66 25.28 18.79 21.21
N ARG K 67 24.50 18.75 22.29
CA ARG K 67 23.05 18.79 22.22
C ARG K 67 22.56 19.82 23.23
N VAL K 68 21.25 19.88 23.38
CA VAL K 68 20.59 20.72 24.37
C VAL K 68 19.54 19.87 25.06
N ASP K 69 19.59 19.81 26.39
CA ASP K 69 18.74 18.89 27.14
C ASP K 69 17.52 19.57 27.72
N SER K 70 17.68 20.65 28.48
CA SER K 70 16.53 21.27 29.11
C SER K 70 16.72 22.77 29.16
N ILE K 71 15.62 23.50 29.09
CA ILE K 71 15.62 24.95 29.10
C ILE K 71 14.75 25.41 30.26
N THR K 72 15.37 26.07 31.24
CA THR K 72 14.69 26.43 32.48
C THR K 72 14.76 27.94 32.71
N LEU K 73 13.77 28.42 33.46
CA LEU K 73 13.60 29.80 33.85
C LEU K 73 13.79 29.88 35.38
N ASP K 74 13.88 31.09 35.92
CA ASP K 74 13.80 31.33 37.36
C ASP K 74 13.26 32.73 37.60
N PRO K 75 11.98 32.84 38.00
CA PRO K 75 11.27 34.12 37.89
C PRO K 75 11.74 35.18 38.87
N VAL K 76 12.53 34.77 39.85
CA VAL K 76 13.07 35.73 40.82
C VAL K 76 14.16 36.58 40.18
N THR K 77 14.73 36.13 39.06
CA THR K 77 15.65 36.96 38.31
C THR K 77 15.30 37.07 36.84
N ARG K 78 14.31 36.31 36.34
CA ARG K 78 13.72 36.44 35.01
C ARG K 78 14.75 36.24 33.89
N LEU K 79 15.62 35.25 34.08
CA LEU K 79 16.63 34.91 33.08
C LEU K 79 16.39 33.48 32.63
N ALA K 80 16.95 33.15 31.47
CA ALA K 80 16.89 31.77 31.01
C ALA K 80 18.12 31.02 31.47
N THR K 81 18.00 29.70 31.55
CA THR K 81 19.12 28.87 31.96
C THR K 81 19.07 27.59 31.16
N VAL K 82 20.12 27.36 30.36
CA VAL K 82 20.16 26.28 29.39
C VAL K 82 21.04 25.18 29.94
N THR K 83 20.57 23.94 29.86
CA THR K 83 21.31 22.78 30.29
C THR K 83 21.72 21.98 29.07
N PHE K 84 23.02 21.78 28.90
CA PHE K 84 23.51 21.14 27.69
C PHE K 84 24.74 20.31 28.00
N ASP K 85 24.91 19.22 27.26
CA ASP K 85 26.11 18.41 27.34
C ASP K 85 26.87 18.48 26.03
N LEU K 86 28.19 18.40 26.12
CA LEU K 86 29.06 18.44 24.98
C LEU K 86 29.73 17.09 24.76
N ASP K 87 29.83 16.69 23.49
CA ASP K 87 30.67 15.57 23.17
C ASP K 87 32.12 15.94 23.36
N GLY K 88 32.76 15.31 24.33
CA GLY K 88 34.17 15.59 24.44
C GLY K 88 35.07 14.39 24.33
N LYS K 89 35.68 14.25 23.16
CA LYS K 89 36.98 13.63 22.93
C LYS K 89 37.61 14.51 21.86
N LEU K 90 36.88 15.56 21.47
CA LEU K 90 37.31 16.48 20.43
C LEU K 90 36.98 17.91 20.84
N THR K 91 36.47 18.09 22.05
CA THR K 91 36.49 19.41 22.66
C THR K 91 37.30 19.31 23.92
N SER K 92 37.71 18.09 24.26
CA SER K 92 38.60 17.84 25.36
C SER K 92 39.98 17.54 24.80
N PHE K 93 41.01 17.98 25.52
CA PHE K 93 42.37 17.74 25.09
C PHE K 93 42.79 16.30 25.36
N ASN K 94 44.03 15.97 25.02
CA ASN K 94 44.61 14.72 25.44
C ASN K 94 46.10 14.93 25.64
N ALA K 95 46.87 13.83 25.65
CA ALA K 95 48.27 13.78 26.03
C ALA K 95 49.17 14.78 25.30
N GLU K 96 48.88 15.03 24.02
CA GLU K 96 49.65 16.05 23.32
C GLU K 96 49.26 17.45 23.78
N GLN K 97 47.96 17.77 23.75
CA GLN K 97 47.54 19.15 23.99
C GLN K 97 47.62 19.53 25.46
N LEU K 98 47.40 18.57 26.37
CA LEU K 98 47.55 18.86 27.79
C LEU K 98 48.98 19.21 28.13
N LYS K 99 49.93 18.53 27.49
CA LYS K 99 51.32 18.95 27.57
C LYS K 99 51.54 20.27 26.84
N GLU K 100 50.72 20.56 25.82
CA GLU K 100 50.90 21.79 25.07
C GLU K 100 50.35 23.00 25.82
N VAL K 101 49.15 22.87 26.39
CA VAL K 101 48.52 24.01 27.05
C VAL K 101 49.16 24.32 28.40
N GLN K 102 49.62 23.29 29.14
CA GLN K 102 50.24 23.51 30.44
C GLN K 102 51.53 24.32 30.31
N LYS K 103 52.31 24.04 29.27
CA LYS K 103 53.50 24.83 29.02
C LYS K 103 53.17 26.16 28.34
N ASN K 104 51.96 26.27 27.77
CA ASN K 104 51.58 27.51 27.12
C ASN K 104 51.26 28.61 28.13
N ALA K 105 50.32 28.35 29.04
CA ALA K 105 49.83 29.39 29.93
C ALA K 105 50.85 29.69 31.03
N LEU K 106 51.63 28.68 31.44
CA LEU K 106 52.65 28.92 32.45
C LEU K 106 53.79 29.77 31.91
N ASP K 107 53.97 29.78 30.59
CA ASP K 107 54.96 30.68 29.98
C ASP K 107 54.34 32.01 29.58
N GLU K 108 53.09 31.99 29.09
CA GLU K 108 52.47 33.21 28.58
C GLU K 108 51.72 33.97 29.67
N LEU K 109 50.74 33.34 30.31
CA LEU K 109 49.98 34.01 31.35
C LEU K 109 50.80 34.18 32.62
N ARG K 110 51.56 33.15 32.98
CA ARG K 110 52.48 33.23 34.11
C ARG K 110 53.88 33.63 33.65
N TYR K 111 53.95 34.72 32.89
CA TYR K 111 55.21 35.26 32.39
C TYR K 111 55.88 36.10 33.48
N SER K 112 56.88 36.89 33.06
CA SER K 112 57.65 37.71 34.00
C SER K 112 56.80 38.83 34.61
N SER K 113 55.66 39.14 34.00
CA SER K 113 54.67 39.98 34.65
C SER K 113 54.00 39.25 35.82
N ASP K 114 53.88 37.93 35.73
CA ASP K 114 53.15 37.18 36.74
C ASP K 114 54.04 36.22 37.54
N TYR K 115 55.03 35.59 36.92
CA TYR K 115 55.89 34.66 37.65
C TYR K 115 56.85 35.41 38.57
N THR K 116 57.39 36.53 38.10
CA THR K 116 58.18 37.41 38.96
C THR K 116 57.32 38.51 39.59
N GLN K 117 56.15 38.11 40.08
CA GLN K 117 55.40 38.82 41.10
C GLN K 117 54.55 37.78 41.82
N ALA K 118 55.09 37.19 42.89
CA ALA K 118 54.53 35.95 43.41
C ALA K 118 55.05 35.62 44.80
N THR K 119 54.79 34.39 45.24
CA THR K 119 55.23 33.84 46.52
C THR K 119 56.74 33.68 46.57
N PRO K 120 57.30 33.34 47.73
CA PRO K 120 58.77 33.24 47.85
C PRO K 120 59.38 32.07 47.11
N ALA K 121 58.78 30.89 47.24
CA ALA K 121 59.29 29.67 46.62
C ALA K 121 58.55 29.44 45.31
N GLN K 122 59.26 29.64 44.20
CA GLN K 122 58.69 29.39 42.87
C GLN K 122 58.96 27.97 42.41
N GLN K 123 58.61 27.00 43.25
CA GLN K 123 58.71 25.58 42.95
C GLN K 123 57.40 24.85 43.20
N LYS K 124 56.63 25.28 44.20
CA LYS K 124 55.35 24.66 44.49
C LYS K 124 54.24 25.22 43.60
N THR K 125 54.26 26.54 43.37
CA THR K 125 53.21 27.18 42.59
C THR K 125 53.35 26.88 41.10
N MET K 126 54.56 26.50 40.65
CA MET K 126 54.74 26.11 39.26
C MET K 126 54.05 24.78 38.98
N GLU K 127 53.98 23.90 39.98
CA GLU K 127 53.21 22.66 39.84
C GLU K 127 51.74 22.89 40.12
N GLN K 128 51.37 24.04 40.68
CA GLN K 128 49.97 24.33 40.96
C GLN K 128 49.22 24.71 39.70
N GLN K 129 49.87 25.45 38.80
CA GLN K 129 49.27 25.79 37.51
C GLN K 129 49.09 24.58 36.61
N LEU K 130 49.86 23.52 36.82
CA LEU K 130 49.74 22.34 35.98
C LEU K 130 48.80 21.31 36.59
N ILE K 131 48.69 21.28 37.93
CA ILE K 131 47.80 20.32 38.57
C ILE K 131 46.37 20.86 38.63
N SER K 132 46.20 22.16 38.37
CA SER K 132 44.87 22.72 38.32
C SER K 132 44.28 22.57 36.93
N ASN K 133 45.05 21.97 36.01
CA ASN K 133 44.64 21.82 34.62
C ASN K 133 44.40 20.37 34.20
N MET K 134 45.00 19.40 34.91
CA MET K 134 44.83 18.01 34.50
C MET K 134 43.43 17.50 34.82
N ASN K 135 42.81 18.06 35.85
CA ASN K 135 41.52 17.60 36.34
C ASN K 135 40.40 18.10 35.44
N SER K 136 40.34 17.52 34.24
CA SER K 136 39.25 17.66 33.28
C SER K 136 39.05 19.11 32.81
N ILE K 137 40.09 19.66 32.18
CA ILE K 137 39.97 20.94 31.48
C ILE K 137 39.38 20.70 30.10
N THR K 138 38.63 21.68 29.59
CA THR K 138 37.98 21.36 28.32
C THR K 138 38.63 21.92 27.06
N SER K 139 38.25 23.13 26.64
CA SER K 139 38.95 23.86 25.59
C SER K 139 38.68 25.36 25.61
N ILE K 140 37.84 25.83 26.51
CA ILE K 140 37.12 27.08 26.30
C ILE K 140 37.66 28.15 27.22
N ASP K 141 38.14 29.24 26.65
CA ASP K 141 38.91 30.21 27.40
C ASP K 141 38.00 31.10 28.24
N GLU K 142 38.63 32.05 28.95
CA GLU K 142 37.97 32.88 29.95
C GLU K 142 37.02 33.92 29.36
N ASP K 143 37.19 34.29 28.10
CA ASP K 143 36.33 35.33 27.53
C ASP K 143 35.79 34.87 26.19
N ALA K 144 35.74 33.56 25.99
CA ALA K 144 34.93 33.02 24.91
C ALA K 144 33.47 33.29 25.20
N TYR K 145 32.71 33.65 24.16
CA TYR K 145 31.32 33.96 24.35
C TYR K 145 30.47 32.92 23.63
N ILE K 146 29.29 32.72 24.11
CA ILE K 146 28.30 31.85 23.51
C ILE K 146 27.12 32.71 23.10
N MET K 147 26.57 32.43 21.92
CA MET K 147 25.47 33.22 21.41
C MET K 147 24.54 32.29 20.65
N VAL K 148 23.44 32.86 20.17
CA VAL K 148 22.42 32.12 19.46
C VAL K 148 22.43 32.55 18.01
N ALA K 149 22.68 31.62 17.10
CA ALA K 149 22.68 31.91 15.68
C ALA K 149 21.28 31.67 15.13
N THR K 150 21.16 31.65 13.80
CA THR K 150 19.85 31.48 13.17
C THR K 150 19.92 30.50 12.00
N ASN K 151 21.06 29.84 11.79
CA ASN K 151 21.27 28.81 10.78
C ASN K 151 20.98 29.29 9.36
N GLY K 152 21.76 30.25 8.87
CA GLY K 152 21.61 30.67 7.49
C GLY K 152 20.70 31.85 7.30
N LEU K 153 19.51 31.61 6.72
CA LEU K 153 18.60 32.71 6.45
C LEU K 153 17.21 32.40 7.00
N LEU K 154 16.80 31.15 6.91
CA LEU K 154 15.50 30.75 7.42
C LEU K 154 15.65 29.40 8.10
N GLY K 155 16.74 29.25 8.87
CA GLY K 155 16.96 27.99 9.53
C GLY K 155 16.25 27.90 10.86
N GLU K 156 16.90 27.24 11.80
CA GLU K 156 16.39 27.07 13.15
C GLU K 156 17.52 27.29 14.13
N LYS K 157 17.19 27.80 15.31
CA LYS K 157 18.19 28.39 16.20
C LYS K 157 19.10 27.34 16.81
N TYR K 158 20.36 27.69 17.05
CA TYR K 158 21.32 26.77 17.64
C TYR K 158 22.42 27.56 18.30
N LEU K 159 22.94 27.01 19.41
CA LEU K 159 23.97 27.63 20.21
C LEU K 159 25.29 27.61 19.47
N LYS K 160 25.89 28.79 19.31
CA LYS K 160 27.18 28.90 18.68
C LYS K 160 28.20 29.32 19.73
N ILE K 161 29.19 28.47 19.97
CA ILE K 161 30.27 28.75 20.88
C ILE K 161 31.40 29.37 20.06
N VAL K 162 31.82 30.57 20.43
CA VAL K 162 32.88 31.26 19.71
C VAL K 162 34.03 31.49 20.70
N PRO K 163 35.25 31.08 20.38
CA PRO K 163 36.37 31.37 21.27
C PRO K 163 36.78 32.82 21.18
N GLY K 164 37.34 33.32 22.27
CA GLY K 164 37.85 34.68 22.32
C GLY K 164 39.35 34.70 22.50
N GLY K 165 39.97 33.53 22.34
CA GLY K 165 41.39 33.38 22.52
C GLY K 165 41.74 33.10 23.96
N GLY K 166 41.71 34.13 24.79
CA GLY K 166 41.83 34.03 26.23
C GLY K 166 43.07 33.40 26.82
N LEU K 167 43.06 33.21 28.13
CA LEU K 167 44.23 32.68 28.82
C LEU K 167 43.91 31.59 29.84
N ASN K 168 42.68 31.50 30.35
CA ASN K 168 42.33 30.53 31.36
C ASN K 168 41.06 29.82 30.96
N TYR K 169 41.02 28.52 31.24
CA TYR K 169 39.91 27.69 30.81
C TYR K 169 39.02 27.30 31.98
N LEU K 170 38.06 26.44 31.70
CA LEU K 170 36.99 26.15 32.65
C LEU K 170 36.64 24.67 32.63
N LYS K 171 36.30 24.14 33.79
CA LYS K 171 36.13 22.71 33.96
C LYS K 171 34.74 22.26 33.52
N ARG K 172 34.48 20.99 33.76
CA ARG K 172 33.18 20.38 33.50
C ARG K 172 32.24 20.64 34.66
N GLY K 173 31.40 21.66 34.53
CA GLY K 173 30.47 22.01 35.57
C GLY K 173 30.24 23.50 35.67
N ASP K 174 31.02 24.26 34.92
CA ASP K 174 31.01 25.71 35.05
C ASP K 174 29.83 26.31 34.30
N THR K 175 29.88 27.63 34.16
CA THR K 175 28.86 28.40 33.48
C THR K 175 29.54 29.47 32.65
N ILE K 176 29.22 29.54 31.36
CA ILE K 176 29.82 30.54 30.50
C ILE K 176 29.26 31.91 30.86
N SER K 177 30.14 32.88 31.04
CA SER K 177 29.78 34.17 31.60
C SER K 177 29.67 35.27 30.56
N ASN K 178 29.67 34.93 29.28
CA ASN K 178 29.54 35.93 28.22
C ASN K 178 28.50 35.42 27.24
N THR K 179 27.25 35.70 27.50
CA THR K 179 26.17 35.22 26.68
C THR K 179 25.45 36.40 26.06
N GLN K 180 24.69 36.12 25.00
CA GLN K 180 23.77 37.11 24.47
C GLN K 180 22.60 36.39 23.84
N GLY K 181 21.47 37.06 23.76
CA GLY K 181 20.26 36.41 23.29
C GLY K 181 20.18 36.41 21.79
N THR K 182 19.02 35.98 21.29
CA THR K 182 18.82 35.92 19.85
C THR K 182 18.70 37.29 19.24
N MET K 183 18.62 37.34 17.92
CA MET K 183 18.33 38.58 17.23
C MET K 183 16.89 38.48 16.74
N ASP K 184 16.24 39.64 16.65
CA ASP K 184 14.80 39.69 16.40
C ASP K 184 14.51 40.82 15.42
N LEU K 185 13.60 40.56 14.48
CA LEU K 185 13.30 41.55 13.46
C LEU K 185 12.28 42.56 13.94
N GLU K 186 11.71 42.33 15.13
CA GLU K 186 10.69 43.23 15.67
C GLU K 186 11.25 44.60 15.99
N ASP K 187 12.27 44.65 16.85
CA ASP K 187 12.81 45.95 17.25
C ASP K 187 13.70 46.54 16.15
N LEU K 188 14.31 45.68 15.34
CA LEU K 188 15.34 46.13 14.40
C LEU K 188 14.77 46.95 13.25
N ILE K 189 13.63 46.53 12.71
CA ILE K 189 13.00 47.31 11.65
C ILE K 189 12.44 48.61 12.20
N SER K 190 12.01 48.60 13.47
CA SER K 190 11.56 49.82 14.12
C SER K 190 12.74 50.76 14.36
N LYS K 191 13.89 50.21 14.72
CA LYS K 191 15.09 50.99 14.96
C LYS K 191 15.89 51.25 13.70
N PHE K 192 15.43 50.75 12.55
CA PHE K 192 15.99 51.13 11.27
C PHE K 192 15.09 52.10 10.54
N ILE K 193 13.79 52.05 10.76
CA ILE K 193 12.86 52.92 10.06
C ILE K 193 12.16 53.85 11.03
N SER L 3 -3.51 -25.74 32.68
CA SER L 3 -2.33 -24.95 33.06
C SER L 3 -2.74 -23.62 33.66
N ARG L 4 -3.33 -23.68 34.86
CA ARG L 4 -3.77 -22.47 35.55
C ARG L 4 -2.68 -21.41 35.52
N THR L 5 -1.51 -21.74 36.07
CA THR L 5 -0.39 -20.82 36.09
C THR L 5 -0.21 -20.18 34.72
N SER L 6 0.04 -21.01 33.71
CA SER L 6 0.24 -20.52 32.36
C SER L 6 -0.81 -19.48 31.98
N GLU L 7 -2.08 -19.90 31.94
CA GLU L 7 -3.17 -19.00 31.58
C GLU L 7 -3.11 -17.67 32.33
N LEU L 8 -3.10 -17.74 33.65
CA LEU L 8 -3.06 -16.54 34.48
C LEU L 8 -1.92 -15.62 34.06
N ALA L 9 -0.71 -16.15 34.04
CA ALA L 9 0.46 -15.38 33.64
C ALA L 9 0.23 -14.68 32.30
N VAL L 10 -0.15 -15.46 31.31
CA VAL L 10 -0.42 -14.93 29.97
C VAL L 10 -1.35 -13.72 30.07
N GLY L 11 -2.52 -13.94 30.66
CA GLY L 11 -3.50 -12.88 30.82
C GLY L 11 -2.86 -11.63 31.40
N ILE L 12 -2.27 -11.78 32.59
CA ILE L 12 -1.61 -10.68 33.27
C ILE L 12 -0.88 -9.75 32.30
N PHE L 13 0.25 -10.21 31.78
CA PHE L 13 1.03 -9.40 30.85
C PHE L 13 0.15 -8.76 29.78
N VAL L 14 -0.55 -9.60 29.03
CA VAL L 14 -1.43 -9.11 27.97
C VAL L 14 -2.28 -7.94 28.43
N ILE L 15 -3.18 -8.19 29.37
CA ILE L 15 -4.06 -7.15 29.89
C ILE L 15 -3.30 -5.89 30.29
N ILE L 16 -2.28 -6.02 31.13
CA ILE L 16 -1.52 -4.83 31.52
C ILE L 16 -1.13 -3.98 30.30
N PHE L 17 -0.34 -4.60 29.43
CA PHE L 17 0.13 -3.94 28.21
C PHE L 17 -1.01 -3.21 27.50
N GLY L 18 -2.01 -3.96 27.06
CA GLY L 18 -3.15 -3.40 26.35
C GLY L 18 -3.65 -2.12 26.98
N ILE L 19 -4.11 -2.21 28.23
CA ILE L 19 -4.63 -1.05 28.94
C ILE L 19 -3.65 0.12 28.90
N ALA L 20 -2.44 -0.09 29.41
CA ALA L 20 -1.44 0.98 29.42
C ALA L 20 -1.36 1.68 28.06
N LEU L 21 -1.17 0.87 27.01
CA LEU L 21 -1.07 1.37 25.65
C LEU L 21 -2.25 2.24 25.26
N PHE L 22 -3.46 1.68 25.32
CA PHE L 22 -4.64 2.45 24.97
C PHE L 22 -4.64 3.77 25.71
N PHE L 23 -4.39 3.72 27.01
CA PHE L 23 -4.36 4.92 27.83
C PHE L 23 -3.44 5.97 27.23
N LEU L 24 -2.15 5.67 27.15
CA LEU L 24 -1.18 6.61 26.60
C LEU L 24 -1.62 7.16 25.24
N ALA L 25 -2.13 6.27 24.39
CA ALA L 25 -2.58 6.66 23.06
C ALA L 25 -3.68 7.71 23.09
N MET L 26 -4.76 7.41 23.80
CA MET L 26 -5.88 8.33 23.92
C MET L 26 -5.44 9.63 24.58
N LYS L 27 -4.41 9.55 25.40
CA LYS L 27 -3.88 10.72 26.09
C LYS L 27 -3.17 11.66 25.11
N VAL L 28 -2.31 11.10 24.26
CA VAL L 28 -1.58 11.89 23.29
C VAL L 28 -2.48 12.64 22.30
N SER L 29 -3.76 12.72 22.61
CA SER L 29 -4.73 13.40 21.76
C SER L 29 -5.85 14.02 22.57
N GLY L 30 -6.43 15.11 22.05
CA GLY L 30 -7.50 15.80 22.72
C GLY L 30 -7.24 15.96 24.20
N LEU L 31 -8.28 15.76 25.01
CA LEU L 31 -8.16 15.88 26.46
C LEU L 31 -7.23 14.80 27.00
N VAL L 32 -7.50 14.34 28.22
CA VAL L 32 -6.68 13.31 28.86
C VAL L 32 -5.27 13.82 29.11
N GLY L 33 -5.06 14.40 30.30
CA GLY L 33 -3.76 14.92 30.66
C GLY L 33 -3.67 16.43 30.51
N THR L 34 -4.04 16.92 29.33
CA THR L 34 -4.00 18.35 29.04
C THR L 34 -4.58 19.17 30.20
N ASN L 35 -3.72 19.48 31.16
CA ASN L 35 -4.14 20.26 32.33
C ASN L 35 -2.97 20.98 32.99
N LEU L 36 -3.00 22.30 32.92
CA LEU L 36 -1.96 23.14 33.50
C LEU L 36 -1.95 23.03 35.02
N SER L 37 -1.28 23.96 35.68
CA SER L 37 -1.35 24.07 37.13
C SER L 37 -1.29 25.55 37.48
N ASP L 38 -2.17 26.00 38.37
CA ASP L 38 -2.28 27.39 38.83
C ASP L 38 -2.49 28.31 37.64
N GLY L 39 -3.53 28.05 36.87
CA GLY L 39 -3.77 28.88 35.71
C GLY L 39 -4.69 30.02 36.04
N TYR L 40 -4.11 31.18 36.31
CA TYR L 40 -4.93 32.36 36.49
C TYR L 40 -5.17 33.02 35.15
N THR L 41 -5.57 34.28 35.15
CA THR L 41 -5.99 34.92 33.92
C THR L 41 -5.68 36.40 34.00
N MET L 42 -5.00 36.93 33.00
CA MET L 42 -4.82 38.36 32.90
C MET L 42 -5.52 38.88 31.66
N LYS L 43 -5.55 40.20 31.51
CA LYS L 43 -6.16 40.79 30.33
C LYS L 43 -5.24 41.85 29.79
N ALA L 44 -5.47 42.21 28.52
CA ALA L 44 -4.88 43.37 27.89
C ALA L 44 -5.80 43.80 26.76
N GLN L 45 -5.63 45.03 26.31
CA GLN L 45 -6.47 45.59 25.26
C GLN L 45 -5.60 46.23 24.21
N PHE L 46 -5.65 45.72 23.00
CA PHE L 46 -4.90 46.28 21.90
C PHE L 46 -5.86 46.93 20.92
N ASP L 47 -5.26 47.46 19.86
CA ASP L 47 -5.97 48.06 18.75
C ASP L 47 -6.01 47.17 17.53
N ASN L 48 -4.94 46.44 17.26
CA ASN L 48 -4.86 45.63 16.06
C ASN L 48 -4.17 44.33 16.48
N VAL L 49 -4.95 43.27 16.66
CA VAL L 49 -4.39 41.98 17.02
C VAL L 49 -3.68 41.48 15.76
N ASN L 50 -4.41 41.52 14.65
CA ASN L 50 -3.90 41.13 13.34
C ASN L 50 -3.57 39.66 13.19
N GLY L 51 -4.58 38.80 13.14
CA GLY L 51 -4.32 37.43 12.76
C GLY L 51 -3.80 36.60 13.90
N LEU L 52 -3.98 37.09 15.11
CA LEU L 52 -3.73 36.30 16.29
C LEU L 52 -4.84 35.26 16.40
N LYS L 53 -4.54 34.11 16.99
CA LYS L 53 -5.45 32.98 17.04
C LYS L 53 -5.76 32.65 18.47
N PRO L 54 -6.87 31.98 18.72
CA PRO L 54 -7.06 31.35 20.03
C PRO L 54 -6.06 30.23 20.27
N ARG L 55 -5.76 29.98 21.54
CA ARG L 55 -4.86 28.93 22.01
C ARG L 55 -3.46 29.05 21.41
N ALA L 56 -3.00 30.29 21.26
CA ALA L 56 -1.64 30.61 20.84
C ALA L 56 -0.70 30.53 22.03
N LYS L 57 0.50 31.05 21.88
CA LYS L 57 1.59 30.81 22.82
C LYS L 57 2.00 32.10 23.50
N VAL L 58 2.34 32.02 24.80
CA VAL L 58 2.72 33.16 25.60
C VAL L 58 4.11 32.94 26.16
N THR L 59 5.00 33.92 26.00
CA THR L 59 6.40 33.75 26.34
C THR L 59 6.89 34.84 27.29
N MET L 60 7.59 34.43 28.34
CA MET L 60 8.13 35.42 29.27
C MET L 60 9.45 36.00 28.80
N SER L 61 10.51 35.20 28.78
CA SER L 61 11.71 35.64 28.07
C SER L 61 11.73 35.03 26.69
N GLY L 62 11.87 33.71 26.62
CA GLY L 62 11.59 32.99 25.40
C GLY L 62 10.82 31.73 25.71
N VAL L 63 10.76 31.36 26.98
CA VAL L 63 10.18 30.08 27.32
C VAL L 63 8.67 30.22 27.39
N THR L 64 7.98 29.10 27.28
CA THR L 64 6.57 29.12 26.97
C THR L 64 5.76 28.90 28.22
N ILE L 65 4.90 29.85 28.57
CA ILE L 65 4.22 29.82 29.85
C ILE L 65 2.71 29.95 29.74
N GLY L 66 2.14 30.07 28.55
CA GLY L 66 0.72 30.32 28.55
C GLY L 66 0.02 29.99 27.26
N ARG L 67 -1.31 29.92 27.36
CA ARG L 67 -2.22 29.69 26.25
C ARG L 67 -3.21 30.85 26.21
N VAL L 68 -3.63 31.20 25.03
CA VAL L 68 -4.57 32.31 24.86
C VAL L 68 -5.98 31.76 24.85
N ASP L 69 -6.93 32.49 25.42
CA ASP L 69 -8.27 31.94 25.63
C ASP L 69 -9.28 32.39 24.58
N SER L 70 -9.53 33.68 24.48
CA SER L 70 -10.58 34.16 23.60
C SER L 70 -10.32 35.62 23.27
N ILE L 71 -10.63 35.98 22.05
CA ILE L 71 -10.37 37.34 21.58
C ILE L 71 -11.68 37.90 21.07
N THR L 72 -12.13 38.99 21.66
CA THR L 72 -13.36 39.63 21.24
C THR L 72 -13.14 41.11 20.98
N LEU L 73 -14.08 41.71 20.27
CA LEU L 73 -13.97 43.09 19.83
C LEU L 73 -14.97 43.95 20.59
N ASP L 74 -14.49 45.08 21.10
CA ASP L 74 -15.39 46.01 21.76
C ASP L 74 -15.95 47.03 20.78
N PRO L 75 -17.22 46.95 20.42
CA PRO L 75 -17.71 47.76 19.31
C PRO L 75 -18.17 49.16 19.68
N VAL L 76 -17.47 49.88 20.56
CA VAL L 76 -17.81 51.30 20.74
C VAL L 76 -16.56 52.15 20.68
N THR L 77 -15.40 51.54 20.87
CA THR L 77 -14.18 52.34 20.78
C THR L 77 -13.07 51.59 20.06
N ARG L 78 -13.47 50.62 19.23
CA ARG L 78 -12.62 49.90 18.28
C ARG L 78 -11.45 49.19 18.95
N LEU L 79 -11.71 48.40 19.98
CA LEU L 79 -10.63 47.77 20.72
C LEU L 79 -10.88 46.28 20.82
N ALA L 80 -9.84 45.49 20.58
CA ALA L 80 -9.91 44.08 20.87
C ALA L 80 -9.50 43.83 22.31
N THR L 81 -9.99 42.72 22.87
CA THR L 81 -9.68 42.40 24.25
C THR L 81 -9.26 40.95 24.32
N VAL L 82 -8.16 40.70 25.03
CA VAL L 82 -7.50 39.40 25.06
C VAL L 82 -7.60 38.85 26.47
N THR L 83 -7.89 37.57 26.59
CA THR L 83 -7.69 36.84 27.82
C THR L 83 -6.76 35.67 27.59
N PHE L 84 -5.90 35.38 28.55
CA PHE L 84 -4.90 34.34 28.41
C PHE L 84 -4.60 33.78 29.78
N ASP L 85 -4.10 32.56 29.80
CA ASP L 85 -3.88 31.86 31.06
C ASP L 85 -2.43 31.45 31.18
N LEU L 86 -1.76 31.98 32.19
CA LEU L 86 -0.36 31.70 32.40
C LEU L 86 -0.20 30.41 33.18
N ASP L 87 1.01 30.14 33.66
CA ASP L 87 1.29 28.94 34.43
C ASP L 87 1.98 29.32 35.73
N GLY L 88 1.50 28.76 36.83
CA GLY L 88 1.92 29.24 38.12
C GLY L 88 2.99 28.43 38.81
N LYS L 89 3.53 27.42 38.14
CA LYS L 89 4.76 26.80 38.59
C LYS L 89 5.95 27.43 37.87
N LEU L 90 5.71 27.98 36.68
CA LEU L 90 6.70 28.79 35.98
C LEU L 90 6.70 30.23 36.45
N THR L 91 5.64 30.67 37.10
CA THR L 91 5.54 32.03 37.59
C THR L 91 5.25 31.96 39.07
N SER L 92 4.86 33.10 39.64
CA SER L 92 4.37 33.21 41.02
C SER L 92 5.42 32.78 42.05
N PHE L 93 6.35 33.68 42.37
CA PHE L 93 7.45 33.50 43.33
C PHE L 93 7.09 32.65 44.55
N ASN L 94 7.99 31.75 44.92
CA ASN L 94 7.79 30.83 46.03
C ASN L 94 7.75 31.58 47.36
N ALA L 95 7.37 30.88 48.43
CA ALA L 95 7.27 31.42 49.77
C ALA L 95 8.60 31.97 50.26
N GLU L 96 9.70 31.30 49.91
CA GLU L 96 10.99 31.86 50.26
C GLU L 96 11.33 33.01 49.33
N GLN L 97 10.87 32.90 48.09
CA GLN L 97 11.06 33.97 47.12
C GLN L 97 10.19 35.14 47.60
N LEU L 98 9.05 34.84 48.23
CA LEU L 98 8.16 35.87 48.74
C LEU L 98 8.87 36.74 49.75
N LYS L 99 9.63 36.14 50.65
CA LYS L 99 10.52 36.92 51.50
C LYS L 99 11.66 37.50 50.68
N GLU L 100 12.06 36.80 49.61
CA GLU L 100 13.18 37.29 48.82
C GLU L 100 12.76 38.38 47.86
N VAL L 101 11.48 38.45 47.50
CA VAL L 101 11.06 39.64 46.77
C VAL L 101 10.75 40.76 47.75
N GLN L 102 10.32 40.45 48.96
CA GLN L 102 9.99 41.52 49.90
C GLN L 102 11.23 42.08 50.54
N LYS L 103 12.27 41.28 50.69
CA LYS L 103 13.54 41.83 51.16
C LYS L 103 14.22 42.65 50.08
N ASN L 104 13.88 42.38 48.82
CA ASN L 104 14.31 43.29 47.78
C ASN L 104 13.39 44.50 47.73
N ALA L 105 12.10 44.29 48.04
CA ALA L 105 11.18 45.41 48.13
C ALA L 105 11.41 46.22 49.38
N LEU L 106 12.01 45.62 50.40
CA LEU L 106 12.49 46.40 51.54
C LEU L 106 13.67 47.28 51.13
N ASP L 107 14.35 46.92 50.05
CA ASP L 107 15.31 47.82 49.41
C ASP L 107 14.69 48.55 48.24
N GLU L 108 13.50 48.14 47.79
CA GLU L 108 12.87 48.82 46.66
C GLU L 108 11.64 49.63 47.06
N LEU L 109 10.63 49.00 47.64
CA LEU L 109 9.37 49.71 47.90
C LEU L 109 9.44 50.50 49.19
N ARG L 110 9.94 49.88 50.25
CA ARG L 110 10.35 50.61 51.46
C ARG L 110 11.83 50.95 51.40
N TYR L 111 12.26 51.55 50.29
CA TYR L 111 13.64 51.96 50.13
C TYR L 111 13.92 53.21 50.95
N SER L 112 15.20 53.57 51.03
CA SER L 112 15.64 54.68 51.87
C SER L 112 15.08 56.01 51.37
N SER L 113 15.35 56.35 50.11
CA SER L 113 14.79 57.56 49.52
C SER L 113 13.29 57.42 49.27
N ASP L 114 12.81 56.18 49.12
CA ASP L 114 11.38 55.95 49.02
C ASP L 114 10.67 56.15 50.34
N TYR L 115 11.28 55.78 51.47
CA TYR L 115 10.72 56.18 52.76
C TYR L 115 10.87 57.68 52.95
N THR L 116 11.97 58.24 52.47
CA THR L 116 12.22 59.68 52.55
C THR L 116 11.62 60.41 51.35
N GLN L 117 10.34 60.16 51.09
CA GLN L 117 9.59 60.89 50.07
C GLN L 117 8.29 61.48 50.62
N ALA L 118 7.62 60.79 51.54
CA ALA L 118 6.45 61.35 52.20
C ALA L 118 6.66 61.45 53.71
N THR L 119 7.06 60.34 54.34
CA THR L 119 7.27 60.28 55.78
C THR L 119 8.28 59.20 56.10
N PRO L 120 9.33 59.51 56.86
CA PRO L 120 10.39 58.52 57.14
C PRO L 120 10.09 57.62 58.34
N ALA L 121 8.86 57.12 58.39
CA ALA L 121 8.44 56.17 59.41
C ALA L 121 7.79 54.96 58.77
N GLN L 122 7.20 55.18 57.59
CA GLN L 122 6.48 54.19 56.79
C GLN L 122 5.40 53.48 57.59
N GLN L 123 4.67 54.25 58.41
CA GLN L 123 3.60 53.66 59.21
C GLN L 123 2.43 53.23 58.33
N LYS L 124 2.22 53.93 57.22
CA LYS L 124 1.25 53.51 56.24
C LYS L 124 1.90 52.85 55.03
N THR L 125 3.20 53.02 54.85
CA THR L 125 3.88 52.47 53.68
C THR L 125 4.36 51.04 53.87
N MET L 126 4.86 50.68 55.06
CA MET L 126 5.37 49.33 55.28
C MET L 126 4.25 48.32 55.40
N GLU L 127 3.04 48.78 55.77
CA GLU L 127 1.91 47.86 55.86
C GLU L 127 1.19 47.72 54.53
N GLN L 128 1.12 48.80 53.74
CA GLN L 128 0.45 48.73 52.45
C GLN L 128 1.24 47.88 51.46
N GLN L 129 2.57 47.92 51.54
CA GLN L 129 3.38 47.04 50.71
C GLN L 129 3.26 45.58 51.14
N LEU L 130 2.79 45.33 52.37
CA LEU L 130 2.80 43.97 52.88
C LEU L 130 1.44 43.31 52.76
N ILE L 131 0.36 44.10 52.67
CA ILE L 131 -0.95 43.48 52.57
C ILE L 131 -1.17 42.89 51.18
N SER L 132 -0.76 43.57 50.11
CA SER L 132 -1.15 43.13 48.79
C SER L 132 -0.21 42.06 48.24
N ASN L 133 0.89 41.79 48.95
CA ASN L 133 1.90 40.89 48.40
C ASN L 133 1.72 39.47 48.90
N MET L 134 1.11 39.31 50.07
CA MET L 134 0.85 37.97 50.56
C MET L 134 -0.22 37.27 49.75
N ASN L 135 -1.10 38.02 49.11
CA ASN L 135 -2.07 37.45 48.19
C ASN L 135 -1.71 37.85 46.77
N SER L 136 -1.35 36.83 45.99
CA SER L 136 -1.36 36.87 44.54
C SER L 136 -0.40 37.91 43.99
N ILE L 137 0.85 37.83 44.40
CA ILE L 137 1.90 38.54 43.69
C ILE L 137 2.15 37.76 42.41
N THR L 138 2.61 38.44 41.38
CA THR L 138 2.87 37.77 40.12
C THR L 138 4.23 38.19 39.64
N SER L 139 4.81 37.40 38.76
CA SER L 139 6.17 37.63 38.31
C SER L 139 6.28 38.89 37.46
N ILE L 140 5.19 39.27 36.79
CA ILE L 140 5.25 40.37 35.84
C ILE L 140 5.33 41.68 36.62
N ASP L 141 6.05 42.64 36.04
CA ASP L 141 6.29 43.91 36.70
C ASP L 141 5.10 44.84 36.69
N GLU L 142 5.37 46.10 37.00
CA GLU L 142 4.39 47.15 36.87
C GLU L 142 4.72 47.95 35.62
N ASP L 143 6.00 47.96 35.26
CA ASP L 143 6.47 48.69 34.10
C ASP L 143 6.34 47.87 32.82
N ALA L 144 6.48 46.55 32.95
CA ALA L 144 6.52 45.58 31.86
C ALA L 144 5.31 45.65 30.94
N TYR L 145 5.54 45.90 29.65
CA TYR L 145 4.45 45.99 28.69
C TYR L 145 4.50 44.77 27.80
N ILE L 146 3.37 44.42 27.26
CA ILE L 146 3.24 43.25 26.40
C ILE L 146 3.10 43.73 24.97
N MET L 147 3.44 42.85 24.02
CA MET L 147 3.32 43.16 22.61
C MET L 147 3.28 41.85 21.84
N VAL L 148 2.88 41.94 20.58
CA VAL L 148 2.69 40.78 19.73
C VAL L 148 3.89 40.64 18.81
N ALA L 149 4.56 39.51 18.87
CA ALA L 149 5.62 39.21 17.94
C ALA L 149 5.06 38.34 16.82
N THR L 150 5.95 37.81 15.98
CA THR L 150 5.53 37.04 14.82
C THR L 150 6.42 35.88 14.45
N ASN L 151 7.44 35.57 15.25
CA ASN L 151 8.39 34.47 15.05
C ASN L 151 9.12 34.51 13.70
N GLY L 152 9.98 35.52 13.48
CA GLY L 152 10.91 35.53 12.35
C GLY L 152 10.36 36.05 11.04
N LEU L 153 10.08 35.14 10.10
CA LEU L 153 9.17 35.33 8.98
C LEU L 153 7.78 34.90 9.43
N LEU L 154 6.88 34.68 8.48
CA LEU L 154 5.62 33.99 8.73
C LEU L 154 5.86 32.76 9.59
N GLY L 155 5.40 32.87 10.83
CA GLY L 155 5.25 31.77 11.76
C GLY L 155 3.94 32.01 12.47
N GLU L 156 3.80 31.40 13.64
CA GLU L 156 2.63 31.62 14.47
C GLU L 156 2.83 32.95 15.19
N LYS L 157 1.74 33.66 15.46
CA LYS L 157 1.80 34.95 16.12
C LYS L 157 1.55 34.73 17.59
N TYR L 158 2.53 35.08 18.41
CA TYR L 158 2.54 34.69 19.81
C TYR L 158 2.85 35.91 20.63
N LEU L 159 2.40 35.91 21.88
CA LEU L 159 2.52 37.09 22.72
C LEU L 159 3.86 37.14 23.41
N LYS L 160 4.46 38.31 23.48
CA LYS L 160 5.77 38.49 24.07
C LYS L 160 5.70 39.45 25.23
N ILE L 161 6.22 39.05 26.39
CA ILE L 161 6.17 39.85 27.60
C ILE L 161 7.53 40.48 27.83
N VAL L 162 7.67 41.75 27.52
CA VAL L 162 8.91 42.49 27.73
C VAL L 162 8.92 42.95 29.19
N PRO L 163 9.89 42.54 30.00
CA PRO L 163 9.98 43.03 31.37
C PRO L 163 10.31 44.52 31.42
N GLY L 164 9.90 45.15 32.52
CA GLY L 164 10.03 46.59 32.61
C GLY L 164 10.94 47.14 33.69
N GLY L 165 11.48 46.29 34.55
CA GLY L 165 12.35 46.73 35.63
C GLY L 165 11.65 47.64 36.62
N GLY L 166 10.43 47.27 37.00
CA GLY L 166 9.53 48.14 37.72
C GLY L 166 9.67 48.23 39.23
N LEU L 167 8.56 48.47 39.90
CA LEU L 167 8.53 48.70 41.33
C LEU L 167 7.64 47.67 42.02
N ASN L 168 6.39 47.60 41.57
CA ASN L 168 5.44 46.66 42.16
C ASN L 168 5.08 45.62 41.12
N TYR L 169 4.12 44.75 41.45
CA TYR L 169 3.76 43.66 40.58
C TYR L 169 2.24 43.64 40.47
N LEU L 170 1.74 42.65 39.76
CA LEU L 170 0.32 42.57 39.47
C LEU L 170 -0.30 41.40 40.21
N LYS L 171 -1.62 41.29 40.14
CA LYS L 171 -2.35 40.29 40.87
C LYS L 171 -2.98 39.32 39.88
N ARG L 172 -3.32 38.13 40.37
CA ARG L 172 -3.87 37.12 39.47
C ARG L 172 -5.28 37.49 39.07
N GLY L 173 -5.42 38.26 37.99
CA GLY L 173 -6.73 38.74 37.60
C GLY L 173 -6.74 40.14 37.04
N ASP L 174 -5.57 40.75 36.91
CA ASP L 174 -5.52 42.14 36.51
C ASP L 174 -5.58 42.30 35.01
N THR L 175 -5.56 43.55 34.57
CA THR L 175 -5.51 43.91 33.17
C THR L 175 -4.25 44.73 32.97
N ILE L 176 -3.28 44.17 32.26
CA ILE L 176 -1.99 44.83 32.11
C ILE L 176 -2.16 46.04 31.21
N SER L 177 -1.97 47.21 31.78
CA SER L 177 -2.42 48.45 31.15
C SER L 177 -1.51 48.84 29.99
N ASN L 178 -0.23 49.09 30.30
CA ASN L 178 0.74 49.46 29.29
C ASN L 178 0.97 48.30 28.33
N THR L 179 0.53 48.44 27.09
CA THR L 179 0.86 47.48 26.04
C THR L 179 1.22 48.25 24.78
N GLN L 180 1.41 47.50 23.70
CA GLN L 180 1.43 48.08 22.38
C GLN L 180 1.00 47.03 21.38
N GLY L 181 0.25 47.44 20.37
CA GLY L 181 -0.19 46.53 19.35
C GLY L 181 0.92 46.21 18.39
N THR L 182 0.63 45.27 17.49
CA THR L 182 1.58 44.87 16.47
C THR L 182 1.43 45.71 15.23
N MET L 183 2.52 45.83 14.50
CA MET L 183 2.50 46.49 13.21
C MET L 183 2.34 45.45 12.12
N ASP L 184 1.39 45.65 11.23
CA ASP L 184 1.25 44.79 10.07
C ASP L 184 2.32 45.14 9.04
N LEU L 185 2.40 44.34 8.00
CA LEU L 185 3.39 44.63 6.96
C LEU L 185 2.98 45.82 6.11
N GLU L 186 1.72 46.24 6.18
CA GLU L 186 1.29 47.34 5.33
C GLU L 186 1.82 48.67 5.83
N ASP L 187 1.94 48.86 7.14
CA ASP L 187 2.55 50.09 7.62
C ASP L 187 4.04 50.07 7.36
N LEU L 188 4.63 48.87 7.32
CA LEU L 188 6.02 48.67 6.95
C LEU L 188 6.28 49.14 5.53
N ILE L 189 5.29 48.97 4.65
CA ILE L 189 5.39 49.40 3.27
C ILE L 189 5.39 50.93 3.21
N SER L 190 4.47 51.55 3.94
CA SER L 190 4.34 52.99 3.91
C SER L 190 5.51 53.68 4.60
N LYS L 191 6.02 53.05 5.65
CA LYS L 191 7.19 53.62 6.33
C LYS L 191 8.44 53.45 5.48
N PHE L 192 8.46 52.43 4.62
CA PHE L 192 9.59 52.16 3.73
C PHE L 192 9.77 53.30 2.73
N ILE L 193 8.65 53.90 2.32
CA ILE L 193 8.68 55.07 1.46
C ILE L 193 7.67 56.10 1.99
PB ADP M . -17.57 -44.03 -13.05
O1B ADP M . -18.60 -44.58 -13.96
O2B ADP M . -16.61 -45.04 -12.48
O3B ADP M . -18.23 -43.11 -12.08
PA ADP M . -17.25 -41.91 -14.86
O1A ADP M . -18.05 -42.49 -15.99
O2A ADP M . -17.83 -40.93 -13.90
O3A ADP M . -16.63 -43.12 -13.99
O5' ADP M . -16.01 -41.12 -15.51
C5' ADP M . -16.12 -39.71 -15.47
C4' ADP M . -16.52 -39.20 -16.83
O4' ADP M . -17.09 -37.90 -16.71
C3' ADP M . -15.31 -39.08 -17.72
O3' ADP M . -15.35 -40.12 -18.69
C2' ADP M . -15.42 -37.71 -18.38
O2' ADP M . -15.57 -37.82 -19.80
C1' ADP M . -16.68 -37.07 -17.79
N9 ADP M . -16.40 -35.68 -17.36
C8 ADP M . -15.22 -35.03 -17.44
N7 ADP M . -15.33 -33.77 -16.96
C5 ADP M . -16.59 -33.58 -16.56
C6 ADP M . -17.38 -32.49 -15.96
N6 ADP M . -16.82 -31.28 -15.68
N1 ADP M . -18.69 -32.70 -15.71
C2 ADP M . -19.26 -33.88 -15.98
N3 ADP M . -18.60 -34.92 -16.53
C4 ADP M . -17.29 -34.84 -16.84
V VO4 N . -18.51 -45.96 -10.55
O1 VO4 N . -19.12 -46.27 -11.27
O2 VO4 N . -19.11 -45.18 -10.39
O3 VO4 N . -17.93 -46.76 -10.69
O4 VO4 N . -17.89 -45.63 -9.84
PB ADP O . -13.05 -46.45 9.82
O1B ADP O . -12.59 -47.59 10.65
O2B ADP O . -14.41 -46.64 9.19
O3B ADP O . -11.94 -46.05 8.90
PA ADP O . -12.08 -44.72 11.79
O1A ADP O . -11.81 -45.74 12.86
O2A ADP O . -10.99 -44.21 10.91
O3A ADP O . -13.27 -45.23 10.86
O5' ADP O . -12.60 -43.40 12.53
C5' ADP O . -11.67 -42.34 12.60
C4' ADP O . -11.07 -42.28 13.99
O4' ADP O . -9.83 -41.58 13.95
C3' ADP O . -11.99 -41.52 14.92
O3' ADP O . -12.63 -42.45 15.80
C2' ADP O . -11.10 -40.55 15.67
O2' ADP O . -11.09 -40.83 17.08
C1' ADP O . -9.70 -40.76 15.12
N9 ADP O . -9.06 -39.45 14.79
C8 ADP O . -9.62 -38.24 14.96
N7 ADP O . -8.76 -37.25 14.57
C5 ADP O . -7.63 -37.84 14.16
C6 ADP O . -6.31 -37.40 13.63
N6 ADP O . -6.03 -36.08 13.46
N1 ADP O . -5.40 -38.34 13.33
C2 ADP O . -5.66 -39.64 13.49
N3 ADP O . -6.83 -40.12 13.96
C4 ADP O . -7.83 -39.28 14.31
V VO4 P . -13.40 -48.36 7.15
O1 VO4 P . -13.12 -49.04 7.83
O2 VO4 P . -12.45 -48.09 7.04
O3 VO4 P . -14.34 -48.66 7.23
O4 VO4 P . -13.67 -47.67 6.49
#